data_5VSJ
#
_entry.id   5VSJ
#
_cell.length_a   113.855
_cell.length_b   113.855
_cell.length_c   317.306
_cell.angle_alpha   90.00
_cell.angle_beta   90.00
_cell.angle_gamma   90.00
#
_symmetry.space_group_name_H-M   'P 41 21 2'
#
loop_
_entity.id
_entity.type
_entity.pdbx_description
1 polymer 'Alpha-1,4-glucan:maltose-1-phosphate maltosyltransferase 1'
2 non-polymer '{2-[(2R,3R,4R,5R)-3-(alpha-D-glucopyranosyloxy)-4-hydroxy-2,5-bis(hydroxymethyl)pyrrolidin-1-yl]ethyl}phosphonic acid'
3 non-polymer 2-AMINO-2-HYDROXYMETHYL-PROPANE-1,3-DIOL
4 water water
#
_entity_poly.entity_id   1
_entity_poly.type   'polypeptide(L)'
_entity_poly.pdbx_seq_one_letter_code
;MPATHHSSATSAERPTVVGRIPVLDVRPVVQRGRRPAKAVTGESFEVSATVFREGHDAVGANVVLRDPRGRPGPWTPMRE
LAPGTDRWGATVTAGETGTWSYTVEAWGDPVTTWRHHARIKIPAGLDTDLVLEEGARLYERAAADVPGREDRRELLAAVD
ALRDESRPAASRLAAALTPQVDAVLARHPLRDLVTSSDPLPLLVERERALYGAWYEFFPRSEGTPHTPHGTFRTAARRLP
AIAAMGFDVVYLPPIHPIGTTHRKGRNNTLSATGDDVGSPWAIGSPEGGHDSIHPALGTLDDFDHFVTEAGKLGLEIALD
FALQCSPDHPWVHKHPEWFHHRPDGTIAHAENPPKKYQDIYPIAFDADPDGLATETVRILRHWMDHGVRIFRVDNPHTKP
VAFWERVIADINGTDPDVIFLAEAFTRPAMMATLAQIGFQQSYTYFTWRNTKQELTEYLTELSGEAASYMRPNFFANTPD
ILHAYLQHGGRPAFEVRAVLAATLSPTWGIYSGYELCENTPLREGSEEYLDSEKYQLKPRDWTRAAREGTTIAPLVTRLN
TIRRENPALRQLRDLHFHPTDKEEVIAYSKRQGSNTVLVVVNLDPRHTQEATVSLDMPQLGLDWHESVPVRDELTGETYH
WGRANYVRLEPGRTPAHVCTVLR
;
_entity_poly.pdbx_strand_id   A,B
#
loop_
_chem_comp.id
_chem_comp.type
_chem_comp.name
_chem_comp.formula
9HV non-polymer '{2-[(2R,3R,4R,5R)-3-(alpha-D-glucopyranosyloxy)-4-hydroxy-2,5-bis(hydroxymethyl)pyrrolidin-1-yl]ethyl}phosphonic acid' 'C14 H28 N O12 P'
TRS non-polymer 2-AMINO-2-HYDROXYMETHYL-PROPANE-1,3-DIOL 'C4 H12 N O3 1'
#
# COMPACT_ATOMS: atom_id res chain seq x y z
N PRO A 15 -3.61 -22.13 -16.65
CA PRO A 15 -4.26 -20.99 -16.03
C PRO A 15 -3.31 -20.22 -15.11
N THR A 16 -2.31 -19.60 -15.73
CA THR A 16 -1.31 -18.81 -15.02
C THR A 16 -1.92 -17.46 -14.63
N VAL A 17 -1.57 -16.98 -13.44
CA VAL A 17 -2.06 -15.67 -13.00
C VAL A 17 -1.40 -14.55 -13.81
N VAL A 18 -0.12 -14.69 -14.12
CA VAL A 18 0.67 -13.63 -14.76
C VAL A 18 0.69 -13.86 -16.27
N GLY A 19 0.59 -12.79 -17.05
CA GLY A 19 0.54 -12.91 -18.49
C GLY A 19 1.89 -13.14 -19.11
N ARG A 20 1.90 -13.19 -20.45
CA ARG A 20 3.14 -13.30 -21.19
C ARG A 20 4.07 -12.12 -20.88
N ILE A 21 3.54 -10.90 -20.97
CA ILE A 21 4.24 -9.71 -20.53
C ILE A 21 3.61 -9.27 -19.21
N PRO A 22 4.30 -9.41 -18.08
CA PRO A 22 3.69 -9.09 -16.78
C PRO A 22 3.19 -7.66 -16.70
N VAL A 23 1.91 -7.51 -16.36
CA VAL A 23 1.29 -6.23 -16.08
C VAL A 23 0.56 -6.35 -14.74
N LEU A 24 1.02 -5.59 -13.74
CA LEU A 24 0.70 -5.89 -12.35
C LEU A 24 0.36 -4.64 -11.57
N ASP A 25 -0.49 -4.79 -10.57
N ASP A 25 -0.51 -4.80 -10.58
CA ASP A 25 -0.80 -3.74 -9.59
CA ASP A 25 -0.82 -3.76 -9.59
C ASP A 25 -1.31 -2.48 -10.29
C ASP A 25 -1.32 -2.47 -10.26
N VAL A 26 -2.42 -2.63 -11.02
CA VAL A 26 -3.01 -1.49 -11.71
C VAL A 26 -3.70 -0.58 -10.70
N ARG A 27 -3.43 0.71 -10.80
CA ARG A 27 -3.99 1.72 -9.91
C ARG A 27 -4.57 2.86 -10.73
N PRO A 28 -5.56 3.59 -10.19
CA PRO A 28 -6.15 3.47 -8.85
C PRO A 28 -6.99 2.22 -8.64
N VAL A 29 -7.06 1.78 -7.39
CA VAL A 29 -7.85 0.62 -7.00
C VAL A 29 -8.46 0.92 -5.62
N VAL A 30 -9.70 0.49 -5.44
CA VAL A 30 -10.45 0.77 -4.21
C VAL A 30 -10.92 -0.56 -3.64
N GLN A 31 -10.47 -0.90 -2.43
CA GLN A 31 -10.83 -2.13 -1.76
C GLN A 31 -10.64 -3.35 -2.67
N ARG A 32 -9.48 -3.39 -3.33
CA ARG A 32 -9.07 -4.50 -4.19
C ARG A 32 -10.03 -4.70 -5.36
N GLY A 33 -10.64 -3.62 -5.84
CA GLY A 33 -11.52 -3.68 -6.99
C GLY A 33 -12.98 -3.95 -6.68
N ARG A 34 -13.33 -4.12 -5.41
CA ARG A 34 -14.72 -4.40 -5.04
C ARG A 34 -15.58 -3.15 -4.99
N ARG A 35 -14.99 -1.97 -5.02
CA ARG A 35 -15.68 -0.69 -5.13
C ARG A 35 -15.02 0.12 -6.24
N PRO A 36 -15.78 0.99 -6.90
CA PRO A 36 -15.21 1.76 -8.02
C PRO A 36 -14.36 2.94 -7.56
N ALA A 37 -13.28 3.18 -8.29
CA ALA A 37 -12.62 4.47 -8.21
C ALA A 37 -13.50 5.53 -8.86
N LYS A 38 -13.22 6.79 -8.55
CA LYS A 38 -14.18 7.85 -8.87
C LYS A 38 -13.55 8.93 -9.73
N ALA A 39 -14.42 9.58 -10.50
CA ALA A 39 -14.07 10.79 -11.24
C ALA A 39 -15.37 11.52 -11.54
N VAL A 40 -15.22 12.75 -12.05
CA VAL A 40 -16.35 13.47 -12.60
C VAL A 40 -16.06 13.77 -14.06
N THR A 41 -17.11 14.10 -14.80
CA THR A 41 -16.98 14.46 -16.22
C THR A 41 -15.92 15.55 -16.39
N GLY A 42 -14.99 15.31 -17.32
CA GLY A 42 -13.95 16.27 -17.62
C GLY A 42 -12.74 16.21 -16.70
N GLU A 43 -12.78 15.41 -15.64
CA GLU A 43 -11.66 15.34 -14.71
C GLU A 43 -10.61 14.37 -15.22
N SER A 44 -9.35 14.74 -15.08
CA SER A 44 -8.22 13.93 -15.48
C SER A 44 -7.53 13.31 -14.27
N PHE A 45 -7.04 12.09 -14.45
CA PHE A 45 -6.26 11.41 -13.42
C PHE A 45 -5.33 10.41 -14.08
N GLU A 46 -4.40 9.87 -13.31
CA GLU A 46 -3.38 8.96 -13.82
C GLU A 46 -3.78 7.51 -13.55
N VAL A 47 -3.67 6.68 -14.57
CA VAL A 47 -3.74 5.23 -14.42
C VAL A 47 -2.32 4.70 -14.49
N SER A 48 -1.96 3.84 -13.55
CA SER A 48 -0.60 3.35 -13.44
C SER A 48 -0.58 1.84 -13.30
N ALA A 49 0.58 1.27 -13.58
CA ALA A 49 0.75 -0.18 -13.53
C ALA A 49 2.25 -0.50 -13.46
N THR A 50 2.55 -1.69 -12.95
CA THR A 50 3.91 -2.23 -12.97
C THR A 50 4.05 -3.12 -14.19
N VAL A 51 4.92 -2.73 -15.11
CA VAL A 51 5.06 -3.40 -16.40
C VAL A 51 6.55 -3.65 -16.65
N PHE A 52 6.89 -4.87 -17.02
CA PHE A 52 8.26 -5.28 -17.30
C PHE A 52 8.21 -6.62 -18.01
N ARG A 53 9.37 -7.09 -18.44
CA ARG A 53 9.46 -8.38 -19.14
C ARG A 53 10.79 -9.05 -18.80
N GLU A 54 10.86 -10.34 -19.13
CA GLU A 54 12.10 -11.08 -19.01
C GLU A 54 13.14 -10.56 -20.00
N GLY A 55 14.40 -10.80 -19.66
CA GLY A 55 15.46 -10.34 -20.53
C GLY A 55 15.60 -8.82 -20.52
N HIS A 56 16.23 -8.30 -21.56
CA HIS A 56 16.56 -6.90 -21.65
C HIS A 56 15.86 -6.16 -22.78
N ASP A 57 14.97 -6.84 -23.52
CA ASP A 57 14.25 -6.17 -24.60
C ASP A 57 13.24 -5.17 -24.04
N ALA A 58 12.91 -4.17 -24.85
CA ALA A 58 12.05 -3.09 -24.41
C ALA A 58 10.59 -3.54 -24.31
N VAL A 59 9.81 -2.78 -23.54
CA VAL A 59 8.37 -2.98 -23.42
C VAL A 59 7.66 -1.67 -23.68
N GLY A 60 6.39 -1.79 -24.07
CA GLY A 60 5.50 -0.66 -24.13
C GLY A 60 4.22 -0.98 -23.37
N ALA A 61 3.42 0.06 -23.15
CA ALA A 61 2.18 -0.10 -22.39
C ALA A 61 1.22 1.03 -22.77
N ASN A 62 -0.07 0.75 -22.57
CA ASN A 62 -1.10 1.72 -22.89
C ASN A 62 -2.35 1.42 -22.07
N VAL A 63 -3.19 2.44 -21.92
CA VAL A 63 -4.40 2.36 -21.09
C VAL A 63 -5.62 2.31 -22.00
N VAL A 64 -6.47 1.31 -21.80
CA VAL A 64 -7.70 1.17 -22.56
C VAL A 64 -8.87 1.52 -21.65
N LEU A 65 -9.47 2.68 -21.90
CA LEU A 65 -10.57 3.20 -21.11
C LEU A 65 -11.87 2.97 -21.88
N ARG A 66 -12.83 2.30 -21.25
CA ARG A 66 -14.09 1.94 -21.89
C ARG A 66 -15.26 2.63 -21.20
N ASP A 67 -16.21 3.14 -22.00
CA ASP A 67 -17.36 3.89 -21.50
C ASP A 67 -18.49 2.93 -21.13
N PRO A 68 -19.63 3.40 -20.63
CA PRO A 68 -20.70 2.46 -20.21
C PRO A 68 -21.19 1.54 -21.32
N ARG A 69 -21.02 1.91 -22.59
CA ARG A 69 -21.41 1.04 -23.68
C ARG A 69 -20.34 0.03 -24.06
N GLY A 70 -19.11 0.20 -23.57
CA GLY A 70 -18.00 -0.66 -23.94
C GLY A 70 -17.08 -0.08 -24.97
N ARG A 71 -17.37 1.11 -25.47
CA ARG A 71 -16.55 1.72 -26.53
C ARG A 71 -15.22 2.20 -25.96
N PRO A 72 -14.10 1.74 -26.49
CA PRO A 72 -12.80 2.18 -25.96
C PRO A 72 -12.46 3.60 -26.37
N GLY A 73 -11.65 4.25 -25.54
CA GLY A 73 -11.20 5.60 -25.81
C GLY A 73 -10.03 5.61 -26.76
N PRO A 74 -9.39 6.76 -26.90
CA PRO A 74 -8.30 6.89 -27.87
C PRO A 74 -7.04 6.16 -27.40
N TRP A 75 -6.14 5.94 -28.37
CA TRP A 75 -4.81 5.44 -28.08
C TRP A 75 -4.14 6.29 -27.01
N THR A 76 -3.77 5.65 -25.90
CA THR A 76 -3.25 6.34 -24.72
C THR A 76 -1.99 5.61 -24.26
N PRO A 77 -0.85 5.90 -24.87
CA PRO A 77 0.38 5.19 -24.51
C PRO A 77 0.94 5.66 -23.18
N MET A 78 1.58 4.72 -22.48
CA MET A 78 2.15 4.98 -21.17
C MET A 78 3.66 5.17 -21.28
N ARG A 79 4.24 5.68 -20.19
CA ARG A 79 5.67 5.95 -20.08
C ARG A 79 6.14 5.54 -18.70
N GLU A 80 7.41 5.18 -18.59
CA GLU A 80 7.98 4.86 -17.28
C GLU A 80 8.12 6.14 -16.46
N LEU A 81 7.55 6.13 -15.25
CA LEU A 81 7.47 7.36 -14.46
C LEU A 81 8.80 7.75 -13.85
N ALA A 82 9.65 6.78 -13.50
CA ALA A 82 10.98 7.06 -12.96
C ALA A 82 11.88 5.91 -13.34
N PRO A 83 13.13 6.19 -13.72
CA PRO A 83 14.00 5.12 -14.25
C PRO A 83 14.23 4.01 -13.24
N GLY A 84 14.28 2.78 -13.74
CA GLY A 84 14.57 1.62 -12.92
C GLY A 84 13.46 1.14 -12.02
N THR A 85 12.26 1.72 -12.12
CA THR A 85 11.17 1.36 -11.23
C THR A 85 10.15 0.42 -11.86
N ASP A 86 10.10 0.35 -13.19
CA ASP A 86 9.11 -0.46 -13.90
C ASP A 86 7.68 -0.07 -13.54
N ARG A 87 7.48 1.20 -13.17
CA ARG A 87 6.17 1.75 -12.89
C ARG A 87 5.80 2.69 -14.03
N TRP A 88 4.67 2.43 -14.68
CA TRP A 88 4.27 3.13 -15.88
C TRP A 88 2.94 3.84 -15.63
N GLY A 89 2.72 4.95 -16.33
CA GLY A 89 1.49 5.70 -16.16
C GLY A 89 1.13 6.52 -17.37
N ALA A 90 -0.14 6.95 -17.40
CA ALA A 90 -0.66 7.83 -18.44
C ALA A 90 -1.93 8.50 -17.92
N THR A 91 -2.14 9.73 -18.35
CA THR A 91 -3.32 10.48 -17.94
C THR A 91 -4.51 10.14 -18.82
N VAL A 92 -5.67 9.94 -18.19
CA VAL A 92 -6.92 9.74 -18.89
C VAL A 92 -7.89 10.84 -18.46
N THR A 93 -8.97 10.98 -19.21
CA THR A 93 -9.97 12.00 -18.94
C THR A 93 -11.36 11.39 -19.04
N ALA A 94 -12.14 11.49 -17.96
CA ALA A 94 -13.46 10.88 -17.92
C ALA A 94 -14.43 11.66 -18.79
N GLY A 95 -15.33 10.92 -19.45
CA GLY A 95 -16.34 11.55 -20.30
C GLY A 95 -17.69 11.66 -19.63
N GLU A 96 -18.73 11.18 -20.30
CA GLU A 96 -20.07 11.20 -19.75
C GLU A 96 -20.14 10.40 -18.46
N THR A 97 -21.16 10.69 -17.65
CA THR A 97 -21.37 9.97 -16.41
C THR A 97 -21.80 8.53 -16.68
N GLY A 98 -21.62 7.68 -15.69
CA GLY A 98 -21.94 6.27 -15.76
C GLY A 98 -20.83 5.43 -15.19
N THR A 99 -20.93 4.12 -15.41
CA THR A 99 -19.96 3.16 -14.91
C THR A 99 -19.00 2.77 -16.04
N TRP A 100 -17.73 3.17 -15.89
CA TRP A 100 -16.70 2.89 -16.88
C TRP A 100 -15.82 1.72 -16.41
N SER A 101 -14.78 1.43 -17.18
CA SER A 101 -13.80 0.42 -16.85
C SER A 101 -12.48 0.81 -17.50
N TYR A 102 -11.38 0.26 -16.98
CA TYR A 102 -10.09 0.51 -17.58
C TYR A 102 -9.16 -0.68 -17.37
N THR A 103 -8.35 -0.97 -18.39
CA THR A 103 -7.35 -2.01 -18.37
C THR A 103 -6.03 -1.42 -18.82
N VAL A 104 -4.94 -2.08 -18.45
CA VAL A 104 -3.61 -1.74 -18.95
C VAL A 104 -3.14 -2.86 -19.86
N GLU A 105 -2.64 -2.50 -21.04
CA GLU A 105 -2.08 -3.46 -21.99
C GLU A 105 -0.57 -3.31 -22.02
N ALA A 106 0.14 -4.43 -21.92
CA ALA A 106 1.59 -4.44 -21.99
C ALA A 106 2.01 -5.33 -23.15
N TRP A 107 3.18 -5.02 -23.71
CA TRP A 107 3.60 -5.74 -24.91
C TRP A 107 5.08 -5.48 -25.17
N GLY A 108 5.72 -6.45 -25.81
CA GLY A 108 7.07 -6.23 -26.28
C GLY A 108 7.11 -5.14 -27.34
N ASP A 109 8.14 -4.32 -27.30
CA ASP A 109 8.33 -3.24 -28.25
C ASP A 109 9.57 -3.53 -29.09
N PRO A 110 9.47 -4.40 -30.11
CA PRO A 110 10.68 -4.84 -30.81
C PRO A 110 11.37 -3.72 -31.58
N VAL A 111 10.62 -2.76 -32.12
CA VAL A 111 11.23 -1.71 -32.93
C VAL A 111 12.23 -0.92 -32.08
N THR A 112 11.81 -0.46 -30.91
CA THR A 112 12.73 0.20 -29.99
C THR A 112 13.93 -0.69 -29.69
N THR A 113 13.69 -1.98 -29.45
CA THR A 113 14.78 -2.90 -29.16
C THR A 113 15.76 -2.97 -30.32
N TRP A 114 15.25 -3.17 -31.54
CA TRP A 114 16.13 -3.28 -32.70
C TRP A 114 16.87 -1.97 -32.96
N ARG A 115 16.20 -0.84 -32.76
CA ARG A 115 16.84 0.45 -33.01
C ARG A 115 18.04 0.65 -32.10
N HIS A 116 17.85 0.47 -30.78
CA HIS A 116 18.95 0.67 -29.84
C HIS A 116 20.14 -0.23 -30.16
N HIS A 117 19.88 -1.44 -30.66
CA HIS A 117 20.96 -2.34 -31.02
C HIS A 117 21.64 -1.93 -32.32
N ALA A 118 20.85 -1.53 -33.32
CA ALA A 118 21.41 -1.22 -34.62
C ALA A 118 22.23 0.07 -34.59
N ARG A 119 21.87 1.03 -33.74
CA ARG A 119 22.64 2.26 -33.65
C ARG A 119 24.02 2.02 -33.03
N ILE A 120 24.21 0.90 -32.35
CA ILE A 120 25.53 0.54 -31.83
C ILE A 120 26.28 -0.36 -32.80
N LYS A 121 25.60 -1.33 -33.40
CA LYS A 121 26.27 -2.37 -34.16
C LYS A 121 26.68 -1.92 -35.57
N ILE A 122 25.95 -0.99 -36.17
CA ILE A 122 26.24 -0.56 -37.54
C ILE A 122 27.49 0.32 -37.57
N PRO A 123 27.65 1.31 -36.67
CA PRO A 123 28.93 2.04 -36.65
C PRO A 123 30.12 1.16 -36.29
N ALA A 124 29.91 0.04 -35.61
CA ALA A 124 30.98 -0.87 -35.24
C ALA A 124 31.27 -1.93 -36.29
N GLY A 125 30.54 -1.93 -37.40
CA GLY A 125 30.76 -2.93 -38.45
C GLY A 125 30.50 -4.36 -38.02
N LEU A 126 29.62 -4.56 -37.04
CA LEU A 126 29.38 -5.89 -36.45
C LEU A 126 28.08 -6.46 -37.04
N ASP A 127 28.22 -7.35 -38.02
CA ASP A 127 27.08 -8.07 -38.60
C ASP A 127 26.05 -7.13 -39.22
N THR A 128 26.52 -6.12 -39.95
CA THR A 128 25.61 -5.06 -40.39
C THR A 128 24.65 -5.57 -41.46
N ASP A 129 25.10 -6.47 -42.33
CA ASP A 129 24.19 -7.09 -43.30
C ASP A 129 23.09 -7.87 -42.60
N LEU A 130 23.45 -8.62 -41.55
CA LEU A 130 22.46 -9.38 -40.80
C LEU A 130 21.57 -8.47 -39.96
N VAL A 131 22.12 -7.34 -39.47
CA VAL A 131 21.34 -6.45 -38.63
C VAL A 131 20.29 -5.70 -39.45
N LEU A 132 20.68 -5.19 -40.61
CA LEU A 132 19.73 -4.45 -41.45
C LEU A 132 18.66 -5.36 -42.03
N GLU A 133 19.00 -6.63 -42.28
CA GLU A 133 18.00 -7.58 -42.75
C GLU A 133 17.03 -7.97 -41.63
N GLU A 134 17.51 -8.04 -40.39
CA GLU A 134 16.61 -8.22 -39.26
C GLU A 134 15.69 -7.03 -39.09
N GLY A 135 16.18 -5.82 -39.38
CA GLY A 135 15.34 -4.64 -39.30
C GLY A 135 14.35 -4.53 -40.44
N ALA A 136 14.70 -5.07 -41.61
CA ALA A 136 13.77 -5.07 -42.73
C ALA A 136 12.56 -5.96 -42.42
N ARG A 137 12.79 -7.18 -41.94
CA ARG A 137 11.70 -8.08 -41.63
C ARG A 137 10.82 -7.55 -40.51
N LEU A 138 11.40 -6.82 -39.56
CA LEU A 138 10.61 -6.18 -38.52
C LEU A 138 9.70 -5.12 -39.11
N TYR A 139 10.27 -4.22 -39.92
CA TYR A 139 9.46 -3.16 -40.52
C TYR A 139 8.41 -3.71 -41.48
N GLU A 140 8.69 -4.87 -42.11
CA GLU A 140 7.67 -5.53 -42.91
C GLU A 140 6.48 -5.94 -42.04
N ARG A 141 6.76 -6.48 -40.85
CA ARG A 141 5.69 -6.84 -39.92
C ARG A 141 4.90 -5.63 -39.48
N ALA A 142 5.58 -4.50 -39.28
CA ALA A 142 4.90 -3.28 -38.86
C ALA A 142 3.96 -2.77 -39.95
N ALA A 143 4.40 -2.84 -41.21
CA ALA A 143 3.62 -2.26 -42.30
C ALA A 143 2.34 -3.03 -42.56
N ALA A 144 2.30 -4.33 -42.25
CA ALA A 144 1.09 -5.11 -42.49
C ALA A 144 -0.06 -4.67 -41.58
N ASP A 145 0.25 -4.11 -40.41
CA ASP A 145 -0.78 -3.77 -39.44
C ASP A 145 -1.41 -2.41 -39.73
N VAL A 146 -0.61 -1.44 -40.14
CA VAL A 146 -1.09 -0.04 -40.21
C VAL A 146 -2.31 0.02 -41.13
N PRO A 147 -3.34 0.81 -40.79
CA PRO A 147 -4.55 0.83 -41.60
C PRO A 147 -4.40 1.58 -42.93
N GLY A 148 -3.82 2.77 -42.87
CA GLY A 148 -3.75 3.61 -44.05
C GLY A 148 -2.84 3.07 -45.13
N ARG A 149 -2.97 3.66 -46.31
CA ARG A 149 -2.06 3.37 -47.42
C ARG A 149 -0.86 4.30 -47.44
N GLU A 150 -1.04 5.54 -46.97
CA GLU A 150 0.08 6.47 -46.89
C GLU A 150 1.10 6.04 -45.84
N ASP A 151 0.65 5.30 -44.82
CA ASP A 151 1.58 4.78 -43.82
C ASP A 151 2.27 3.52 -44.30
N ARG A 152 1.56 2.66 -45.02
CA ARG A 152 2.15 1.40 -45.47
C ARG A 152 3.18 1.62 -46.57
N ARG A 153 2.93 2.59 -47.46
CA ARG A 153 3.94 2.96 -48.44
C ARG A 153 5.18 3.52 -47.76
N GLU A 154 4.98 4.25 -46.66
CA GLU A 154 6.10 4.84 -45.94
C GLU A 154 7.03 3.77 -45.38
N LEU A 155 6.46 2.80 -44.66
CA LEU A 155 7.29 1.77 -44.02
C LEU A 155 7.97 0.89 -45.05
N LEU A 156 7.24 0.47 -46.09
CA LEU A 156 7.84 -0.38 -47.12
C LEU A 156 8.94 0.34 -47.90
N ALA A 157 8.92 1.67 -47.95
CA ALA A 157 10.02 2.41 -48.54
C ALA A 157 11.28 2.29 -47.68
N ALA A 158 11.11 2.32 -46.35
CA ALA A 158 12.24 2.11 -45.47
C ALA A 158 12.72 0.67 -45.50
N VAL A 159 11.81 -0.28 -45.78
CA VAL A 159 12.21 -1.68 -45.88
C VAL A 159 13.16 -1.88 -47.05
N ASP A 160 12.80 -1.34 -48.22
CA ASP A 160 13.63 -1.48 -49.40
C ASP A 160 14.97 -0.77 -49.24
N ALA A 161 14.97 0.40 -48.60
CA ALA A 161 16.22 1.10 -48.35
C ALA A 161 17.12 0.31 -47.41
N LEU A 162 16.52 -0.47 -46.49
CA LEU A 162 17.31 -1.32 -45.60
C LEU A 162 17.96 -2.47 -46.35
N ARG A 163 17.31 -2.98 -47.40
CA ARG A 163 17.79 -4.14 -48.14
C ARG A 163 18.65 -3.78 -49.34
N ASP A 164 18.98 -2.49 -49.52
CA ASP A 164 19.74 -2.04 -50.69
C ASP A 164 21.23 -2.20 -50.39
N GLU A 165 21.77 -3.37 -50.74
CA GLU A 165 23.17 -3.67 -50.46
C GLU A 165 24.14 -2.82 -51.28
N SER A 166 23.66 -2.11 -52.29
CA SER A 166 24.53 -1.23 -53.08
C SER A 166 24.87 0.07 -52.37
N ARG A 167 24.20 0.38 -51.20
CA ARG A 167 24.33 1.59 -50.39
C ARG A 167 25.15 1.32 -49.14
N PRO A 168 25.80 2.35 -48.59
CA PRO A 168 26.56 2.19 -47.33
C PRO A 168 25.65 1.76 -46.19
N ALA A 169 26.28 1.12 -45.18
CA ALA A 169 25.54 0.57 -44.06
C ALA A 169 24.81 1.67 -43.27
N ALA A 170 25.52 2.76 -42.97
CA ALA A 170 24.91 3.86 -42.23
C ALA A 170 23.75 4.49 -43.00
N SER A 171 23.87 4.56 -44.33
CA SER A 171 22.80 5.13 -45.14
C SER A 171 21.58 4.23 -45.17
N ARG A 172 21.79 2.90 -45.26
CA ARG A 172 20.67 1.96 -45.21
C ARG A 172 19.92 2.07 -43.88
N LEU A 173 20.67 2.19 -42.77
CA LEU A 173 20.04 2.30 -41.46
C LEU A 173 19.34 3.64 -41.28
N ALA A 174 19.99 4.74 -41.69
CA ALA A 174 19.42 6.07 -41.48
C ALA A 174 18.06 6.20 -42.14
N ALA A 175 17.80 5.47 -43.22
CA ALA A 175 16.50 5.52 -43.88
C ALA A 175 15.39 4.91 -43.05
N ALA A 176 15.71 4.25 -41.94
CA ALA A 176 14.71 3.67 -41.05
C ALA A 176 14.53 4.47 -39.77
N LEU A 177 15.31 5.54 -39.56
CA LEU A 177 15.24 6.35 -38.34
C LEU A 177 14.78 7.77 -38.62
N THR A 178 14.20 8.03 -39.81
CA THR A 178 13.75 9.36 -40.15
C THR A 178 12.45 9.70 -39.43
N PRO A 179 12.25 10.97 -39.04
CA PRO A 179 11.05 11.34 -38.27
C PRO A 179 9.73 10.98 -38.94
N GLN A 180 9.70 10.77 -40.27
CA GLN A 180 8.49 10.25 -40.90
C GLN A 180 8.17 8.85 -40.38
N VAL A 181 9.18 7.97 -40.35
CA VAL A 181 8.99 6.64 -39.78
C VAL A 181 8.77 6.73 -38.28
N ASP A 182 9.29 7.76 -37.63
CA ASP A 182 9.01 7.97 -36.21
C ASP A 182 7.53 8.26 -35.98
N ALA A 183 6.92 9.03 -36.88
CA ALA A 183 5.53 9.43 -36.70
C ALA A 183 4.58 8.27 -36.98
N VAL A 184 4.90 7.43 -37.97
CA VAL A 184 4.02 6.33 -38.34
C VAL A 184 3.86 5.36 -37.17
N LEU A 185 4.97 5.02 -36.52
CA LEU A 185 4.94 4.03 -35.45
C LEU A 185 4.67 4.62 -34.07
N ALA A 186 4.82 5.93 -33.90
CA ALA A 186 4.30 6.57 -32.70
C ALA A 186 2.78 6.54 -32.68
N ARG A 187 2.16 6.43 -33.85
CA ARG A 187 0.71 6.34 -33.99
C ARG A 187 0.23 4.89 -34.06
N HIS A 188 0.98 4.02 -34.75
CA HIS A 188 0.61 2.62 -34.91
C HIS A 188 1.83 1.74 -34.60
N PRO A 189 2.19 1.61 -33.34
CA PRO A 189 3.39 0.84 -32.99
C PRO A 189 3.17 -0.65 -33.19
N LEU A 190 4.27 -1.35 -33.47
CA LEU A 190 4.23 -2.81 -33.56
C LEU A 190 4.32 -3.39 -32.15
N ARG A 191 3.30 -4.15 -31.76
CA ARG A 191 3.17 -4.64 -30.40
C ARG A 191 3.20 -6.16 -30.41
N ASP A 192 4.18 -6.73 -29.70
CA ASP A 192 4.32 -8.17 -29.59
C ASP A 192 3.78 -8.67 -28.26
N LEU A 193 3.09 -9.80 -28.30
CA LEU A 193 2.68 -10.53 -27.10
C LEU A 193 1.83 -9.65 -26.18
N VAL A 194 0.78 -9.06 -26.76
CA VAL A 194 -0.06 -8.12 -26.03
C VAL A 194 -0.69 -8.83 -24.84
N THR A 195 -0.45 -8.32 -23.65
CA THR A 195 -0.98 -8.86 -22.40
C THR A 195 -1.83 -7.81 -21.71
N SER A 196 -2.96 -8.22 -21.17
CA SER A 196 -3.93 -7.30 -20.60
C SER A 196 -4.20 -7.63 -19.13
N SER A 197 -4.38 -6.60 -18.33
CA SER A 197 -4.85 -6.75 -16.96
C SER A 197 -6.35 -7.01 -16.95
N ASP A 198 -6.86 -7.43 -15.79
CA ASP A 198 -8.30 -7.56 -15.61
C ASP A 198 -8.92 -6.18 -15.41
N PRO A 199 -10.11 -5.96 -15.96
CA PRO A 199 -10.72 -4.61 -15.89
C PRO A 199 -11.00 -4.18 -14.47
N LEU A 200 -10.84 -2.87 -14.22
CA LEU A 200 -11.16 -2.22 -12.97
C LEU A 200 -12.28 -1.20 -13.17
N PRO A 201 -13.19 -1.07 -12.21
CA PRO A 201 -14.34 -0.18 -12.39
C PRO A 201 -14.04 1.27 -12.04
N LEU A 202 -14.68 2.17 -12.80
CA LEU A 202 -14.55 3.61 -12.59
C LEU A 202 -15.94 4.24 -12.65
N LEU A 203 -16.33 4.92 -11.57
CA LEU A 203 -17.62 5.58 -11.49
C LEU A 203 -17.44 7.06 -11.81
N VAL A 204 -18.11 7.53 -12.86
CA VAL A 204 -18.06 8.92 -13.30
C VAL A 204 -19.39 9.58 -12.96
N GLU A 205 -19.31 10.75 -12.33
CA GLU A 205 -20.47 11.46 -11.82
C GLU A 205 -20.44 12.91 -12.28
N ARG A 206 -21.52 13.65 -12.00
CA ARG A 206 -21.63 14.98 -12.59
C ARG A 206 -20.66 15.96 -11.92
N GLU A 207 -20.46 17.09 -12.60
CA GLU A 207 -19.42 18.04 -12.18
C GLU A 207 -19.65 18.52 -10.75
N ARG A 208 -20.92 18.71 -10.35
CA ARG A 208 -21.21 19.25 -9.03
C ARG A 208 -20.65 18.38 -7.91
N ALA A 209 -20.47 17.08 -8.16
CA ALA A 209 -19.93 16.19 -7.13
C ALA A 209 -18.54 16.62 -6.71
N LEU A 210 -17.75 17.19 -7.62
CA LEU A 210 -16.40 17.62 -7.30
C LEU A 210 -16.25 19.13 -7.21
N TYR A 211 -16.99 19.90 -8.00
CA TYR A 211 -16.83 21.35 -8.07
C TYR A 211 -18.13 22.03 -7.66
N GLY A 212 -18.03 23.00 -6.76
CA GLY A 212 -19.20 23.74 -6.30
C GLY A 212 -18.95 24.58 -5.07
N ALA A 213 -19.62 25.73 -4.98
CA ALA A 213 -19.52 26.60 -3.82
C ALA A 213 -20.85 26.58 -3.08
N TRP A 214 -20.78 26.40 -1.75
CA TRP A 214 -21.94 26.11 -0.92
C TRP A 214 -22.20 27.23 0.07
N TYR A 215 -23.47 27.45 0.36
CA TYR A 215 -23.90 28.44 1.35
C TYR A 215 -25.00 27.83 2.20
N GLU A 216 -24.76 27.73 3.51
CA GLU A 216 -25.75 27.21 4.45
C GLU A 216 -26.39 28.36 5.22
N PHE A 217 -27.73 28.36 5.29
CA PHE A 217 -28.42 29.35 6.10
C PHE A 217 -29.77 28.78 6.54
N PHE A 218 -30.26 29.29 7.67
CA PHE A 218 -31.54 28.87 8.24
C PHE A 218 -32.66 29.72 7.64
N PRO A 219 -33.62 29.12 6.94
CA PRO A 219 -34.72 29.92 6.39
C PRO A 219 -35.53 30.68 7.45
N ARG A 220 -35.66 30.14 8.66
CA ARG A 220 -36.51 30.77 9.67
C ARG A 220 -35.94 32.12 10.12
N SER A 221 -34.63 32.31 10.06
CA SER A 221 -34.02 33.56 10.50
C SER A 221 -34.21 34.70 9.50
N GLU A 222 -34.72 34.41 8.30
CA GLU A 222 -34.98 35.44 7.30
C GLU A 222 -36.46 35.80 7.31
N GLY A 223 -36.88 36.42 8.41
CA GLY A 223 -38.26 36.77 8.65
C GLY A 223 -38.56 38.23 8.37
N THR A 224 -39.57 38.74 9.06
CA THR A 224 -40.04 40.11 8.93
C THR A 224 -40.24 40.70 10.32
N PRO A 225 -40.38 42.03 10.42
CA PRO A 225 -40.75 42.61 11.72
C PRO A 225 -42.08 42.12 12.25
N HIS A 226 -43.11 42.03 11.40
CA HIS A 226 -44.42 41.60 11.84
C HIS A 226 -44.52 40.09 12.00
N THR A 227 -43.67 39.33 11.31
CA THR A 227 -43.60 37.88 11.45
C THR A 227 -42.13 37.49 11.57
N PRO A 228 -41.62 37.34 12.79
CA PRO A 228 -40.16 37.10 12.94
C PRO A 228 -39.70 35.75 12.42
N HIS A 229 -40.51 34.70 12.59
CA HIS A 229 -40.16 33.39 12.04
C HIS A 229 -40.33 33.42 10.53
N GLY A 230 -39.23 33.28 9.80
CA GLY A 230 -39.28 33.37 8.36
C GLY A 230 -40.06 32.23 7.74
N THR A 231 -40.44 32.43 6.48
CA THR A 231 -41.11 31.42 5.68
C THR A 231 -40.28 31.13 4.44
N PHE A 232 -40.67 30.09 3.72
CA PHE A 232 -40.02 29.81 2.43
C PHE A 232 -40.16 31.00 1.48
N ARG A 233 -41.25 31.76 1.61
CA ARG A 233 -41.46 32.90 0.73
C ARG A 233 -40.56 34.08 1.10
N THR A 234 -40.40 34.36 2.39
CA THR A 234 -39.50 35.42 2.80
C THR A 234 -38.05 34.99 2.67
N ALA A 235 -37.76 33.71 2.96
CA ALA A 235 -36.39 33.21 2.82
C ALA A 235 -35.91 33.30 1.38
N ALA A 236 -36.81 33.13 0.42
CA ALA A 236 -36.43 33.20 -0.99
C ALA A 236 -35.76 34.53 -1.33
N ARG A 237 -36.18 35.62 -0.67
CA ARG A 237 -35.60 36.93 -0.93
C ARG A 237 -34.14 37.03 -0.49
N ARG A 238 -33.65 36.06 0.28
CA ARG A 238 -32.23 36.01 0.61
C ARG A 238 -31.40 35.37 -0.50
N LEU A 239 -32.03 34.57 -1.36
CA LEU A 239 -31.29 33.88 -2.42
C LEU A 239 -30.58 34.82 -3.40
N PRO A 240 -31.17 35.93 -3.87
CA PRO A 240 -30.42 36.80 -4.80
C PRO A 240 -29.05 37.20 -4.31
N ALA A 241 -28.94 37.65 -3.05
CA ALA A 241 -27.63 38.00 -2.51
C ALA A 241 -26.70 36.80 -2.46
N ILE A 242 -27.26 35.60 -2.25
CA ILE A 242 -26.45 34.39 -2.21
C ILE A 242 -25.84 34.10 -3.58
N ALA A 243 -26.68 34.07 -4.62
CA ALA A 243 -26.19 33.90 -5.98
C ALA A 243 -25.20 35.00 -6.35
N ALA A 244 -25.50 36.25 -5.96
CA ALA A 244 -24.61 37.36 -6.25
C ALA A 244 -23.22 37.13 -5.65
N MET A 245 -23.14 36.42 -4.52
CA MET A 245 -21.84 36.08 -3.96
C MET A 245 -21.13 34.99 -4.74
N GLY A 246 -21.80 34.37 -5.71
CA GLY A 246 -21.16 33.37 -6.54
C GLY A 246 -21.29 31.95 -6.07
N PHE A 247 -22.38 31.60 -5.40
CA PHE A 247 -22.56 30.25 -4.87
C PHE A 247 -23.44 29.43 -5.81
N ASP A 248 -23.31 28.11 -5.69
CA ASP A 248 -24.04 27.17 -6.53
C ASP A 248 -25.02 26.30 -5.77
N VAL A 249 -24.82 26.08 -4.47
CA VAL A 249 -25.66 25.20 -3.67
C VAL A 249 -26.01 25.89 -2.38
N VAL A 250 -27.28 25.83 -2.00
CA VAL A 250 -27.73 26.28 -0.68
C VAL A 250 -28.10 25.03 0.11
N TYR A 251 -27.48 24.88 1.28
CA TYR A 251 -27.74 23.76 2.18
C TYR A 251 -28.62 24.25 3.32
N LEU A 252 -29.78 23.65 3.45
CA LEU A 252 -30.74 24.03 4.47
C LEU A 252 -30.68 23.05 5.62
N PRO A 253 -30.66 23.54 6.86
CA PRO A 253 -30.90 22.67 8.02
C PRO A 253 -32.26 22.02 7.89
N PRO A 254 -32.55 20.99 8.70
CA PRO A 254 -33.82 20.26 8.56
C PRO A 254 -35.02 21.21 8.57
N ILE A 255 -35.93 20.98 7.62
CA ILE A 255 -37.07 21.86 7.38
C ILE A 255 -38.37 21.23 7.89
N HIS A 256 -38.29 20.22 8.73
CA HIS A 256 -39.46 19.47 9.17
C HIS A 256 -39.99 20.06 10.46
N PRO A 257 -41.14 19.57 10.95
CA PRO A 257 -41.61 19.99 12.28
C PRO A 257 -40.59 19.65 13.36
N ILE A 258 -40.55 20.48 14.39
CA ILE A 258 -39.60 20.36 15.49
C ILE A 258 -40.34 19.92 16.74
N GLY A 259 -39.74 19.00 17.50
CA GLY A 259 -40.38 18.47 18.69
C GLY A 259 -40.50 19.50 19.80
N THR A 260 -41.28 19.12 20.83
CA THR A 260 -41.44 19.92 22.04
C THR A 260 -40.88 19.24 23.28
N THR A 261 -40.99 17.92 23.38
CA THR A 261 -40.44 17.21 24.52
C THR A 261 -38.93 17.38 24.57
N HIS A 262 -38.44 18.01 25.65
CA HIS A 262 -37.03 18.28 25.88
C HIS A 262 -36.43 19.22 24.85
N ARG A 263 -37.27 20.04 24.21
CA ARG A 263 -36.77 21.06 23.29
C ARG A 263 -35.75 21.95 23.99
N LYS A 264 -34.58 22.09 23.37
CA LYS A 264 -33.54 22.92 23.95
C LYS A 264 -33.93 24.39 23.90
N GLY A 265 -33.42 25.16 24.86
CA GLY A 265 -33.59 26.59 24.89
C GLY A 265 -32.43 27.31 24.23
N ARG A 266 -32.44 28.63 24.35
CA ARG A 266 -31.38 29.44 23.76
C ARG A 266 -30.04 29.11 24.41
N ASN A 267 -28.98 29.17 23.60
CA ASN A 267 -27.62 28.83 24.02
C ASN A 267 -27.52 27.40 24.55
N ASN A 268 -28.33 26.50 23.98
CA ASN A 268 -28.28 25.07 24.27
C ASN A 268 -28.65 24.77 25.72
N THR A 269 -29.53 25.57 26.30
CA THR A 269 -30.06 25.28 27.63
C THR A 269 -31.08 24.16 27.54
N LEU A 270 -31.20 23.40 28.63
CA LEU A 270 -31.94 22.14 28.61
C LEU A 270 -33.45 22.32 28.70
N SER A 271 -33.96 23.54 28.85
CA SER A 271 -35.40 23.75 28.96
C SER A 271 -35.79 24.95 28.11
N ALA A 272 -36.56 24.71 27.05
CA ALA A 272 -37.09 25.78 26.23
C ALA A 272 -38.26 26.45 26.94
N THR A 273 -38.39 27.77 26.72
CA THR A 273 -39.41 28.56 27.40
C THR A 273 -40.22 29.34 26.38
N GLY A 274 -41.53 29.09 26.37
CA GLY A 274 -42.48 29.97 25.70
C GLY A 274 -42.44 29.98 24.19
N ASP A 275 -41.57 30.80 23.62
CA ASP A 275 -41.49 31.01 22.18
CA ASP A 275 -41.52 30.96 22.18
C ASP A 275 -40.22 30.43 21.57
N ASP A 276 -39.41 29.74 22.36
CA ASP A 276 -38.16 29.16 21.86
C ASP A 276 -38.44 28.21 20.70
N VAL A 277 -37.77 28.46 19.57
CA VAL A 277 -38.03 27.70 18.36
C VAL A 277 -37.43 26.30 18.39
N GLY A 278 -36.39 26.07 19.21
CA GLY A 278 -35.79 24.75 19.31
C GLY A 278 -34.81 24.45 18.20
N SER A 279 -34.21 23.25 18.29
CA SER A 279 -33.20 22.84 17.30
C SER A 279 -33.88 22.15 16.13
N PRO A 280 -33.60 22.58 14.89
CA PRO A 280 -34.21 21.94 13.72
C PRO A 280 -33.84 20.47 13.55
N TRP A 281 -32.74 20.01 14.15
CA TRP A 281 -32.36 18.62 14.04
C TRP A 281 -33.14 17.72 14.99
N ALA A 282 -34.05 18.28 15.79
CA ALA A 282 -34.95 17.49 16.63
C ALA A 282 -36.26 17.26 15.87
N ILE A 283 -36.17 16.38 14.88
CA ILE A 283 -37.20 16.25 13.86
C ILE A 283 -38.39 15.48 14.41
N GLY A 284 -39.59 16.00 14.17
CA GLY A 284 -40.76 15.17 14.49
C GLY A 284 -41.71 15.79 15.50
N SER A 285 -42.98 15.84 15.11
CA SER A 285 -44.06 16.25 15.98
C SER A 285 -45.32 15.55 15.48
N PRO A 286 -46.41 15.60 16.25
CA PRO A 286 -47.69 15.10 15.72
C PRO A 286 -48.10 15.75 14.41
N GLU A 287 -47.50 16.88 14.05
CA GLU A 287 -47.76 17.52 12.77
C GLU A 287 -46.99 16.89 11.60
N GLY A 288 -46.13 15.91 11.85
CA GLY A 288 -45.48 15.17 10.79
C GLY A 288 -43.99 14.99 11.02
N GLY A 289 -43.40 14.14 10.18
CA GLY A 289 -42.00 13.76 10.31
C GLY A 289 -41.11 14.22 9.18
N HIS A 290 -40.23 13.33 8.70
CA HIS A 290 -39.20 13.70 7.74
C HIS A 290 -39.73 14.04 6.36
N ASP A 291 -41.00 13.75 6.08
CA ASP A 291 -41.61 14.11 4.81
C ASP A 291 -42.51 15.33 4.90
N SER A 292 -42.58 15.96 6.07
CA SER A 292 -43.45 17.10 6.30
C SER A 292 -42.63 18.39 6.32
N ILE A 293 -43.34 19.51 6.45
CA ILE A 293 -42.71 20.83 6.48
C ILE A 293 -43.17 21.53 7.76
N HIS A 294 -42.22 22.15 8.45
CA HIS A 294 -42.52 22.96 9.62
C HIS A 294 -43.63 23.96 9.30
N PRO A 295 -44.75 23.92 10.02
CA PRO A 295 -45.88 24.81 9.69
C PRO A 295 -45.51 26.28 9.63
N ALA A 296 -44.57 26.73 10.47
CA ALA A 296 -44.13 28.12 10.42
C ALA A 296 -43.29 28.43 9.19
N LEU A 297 -42.86 27.42 8.44
CA LEU A 297 -42.14 27.65 7.19
C LEU A 297 -43.08 27.77 6.00
N GLY A 298 -44.23 27.11 6.05
CA GLY A 298 -45.20 27.18 4.99
C GLY A 298 -45.69 25.81 4.55
N THR A 299 -46.05 25.69 3.28
CA THR A 299 -46.55 24.44 2.72
C THR A 299 -45.56 23.88 1.71
N LEU A 300 -45.84 22.64 1.27
CA LEU A 300 -45.07 22.05 0.19
C LEU A 300 -45.06 22.93 -1.06
N ASP A 301 -46.16 23.66 -1.29
CA ASP A 301 -46.23 24.56 -2.43
C ASP A 301 -45.28 25.74 -2.25
N ASP A 302 -45.15 26.25 -1.03
CA ASP A 302 -44.19 27.33 -0.79
C ASP A 302 -42.77 26.84 -0.91
N PHE A 303 -42.52 25.57 -0.58
CA PHE A 303 -41.21 24.97 -0.83
C PHE A 303 -40.90 24.94 -2.32
N ASP A 304 -41.88 24.51 -3.13
CA ASP A 304 -41.69 24.45 -4.58
C ASP A 304 -41.37 25.83 -5.14
N HIS A 305 -42.06 26.86 -4.66
CA HIS A 305 -41.72 28.23 -5.06
C HIS A 305 -40.29 28.58 -4.66
N PHE A 306 -39.88 28.13 -3.48
CA PHE A 306 -38.51 28.39 -3.02
C PHE A 306 -37.51 27.68 -3.93
N VAL A 307 -37.82 26.44 -4.33
CA VAL A 307 -36.91 25.70 -5.22
C VAL A 307 -36.84 26.38 -6.58
N THR A 308 -37.99 26.82 -7.10
CA THR A 308 -38.02 27.46 -8.42
C THR A 308 -37.23 28.76 -8.43
N GLU A 309 -37.37 29.58 -7.39
CA GLU A 309 -36.57 30.80 -7.30
C GLU A 309 -35.09 30.47 -7.15
N ALA A 310 -34.77 29.37 -6.47
CA ALA A 310 -33.39 28.94 -6.39
C ALA A 310 -32.86 28.57 -7.78
N GLY A 311 -33.63 27.77 -8.53
CA GLY A 311 -33.20 27.38 -9.87
C GLY A 311 -33.02 28.56 -10.80
N LYS A 312 -33.91 29.56 -10.71
CA LYS A 312 -33.79 30.74 -11.55
C LYS A 312 -32.46 31.46 -11.33
N LEU A 313 -31.98 31.46 -10.09
CA LEU A 313 -30.72 32.11 -9.74
C LEU A 313 -29.52 31.19 -9.91
N GLY A 314 -29.72 30.00 -10.45
CA GLY A 314 -28.64 29.05 -10.61
C GLY A 314 -28.17 28.43 -9.31
N LEU A 315 -29.11 28.09 -8.42
CA LEU A 315 -28.80 27.52 -7.12
C LEU A 315 -29.51 26.20 -6.96
N GLU A 316 -28.77 25.15 -6.61
CA GLU A 316 -29.35 23.87 -6.26
C GLU A 316 -29.63 23.81 -4.76
N ILE A 317 -30.63 23.02 -4.40
CA ILE A 317 -31.06 22.86 -3.01
C ILE A 317 -30.42 21.59 -2.45
N ALA A 318 -29.80 21.71 -1.27
CA ALA A 318 -29.28 20.56 -0.54
C ALA A 318 -30.00 20.49 0.80
N LEU A 319 -30.81 19.45 0.97
CA LEU A 319 -31.54 19.26 2.21
C LEU A 319 -30.71 18.44 3.20
N ASP A 320 -30.75 18.85 4.47
CA ASP A 320 -30.19 18.04 5.54
C ASP A 320 -31.04 16.80 5.74
N PHE A 321 -30.39 15.64 5.82
CA PHE A 321 -31.06 14.40 6.18
C PHE A 321 -30.43 13.91 7.48
N ALA A 322 -31.22 13.91 8.54
CA ALA A 322 -30.78 13.49 9.87
C ALA A 322 -31.64 12.31 10.28
N LEU A 323 -31.07 11.10 10.25
CA LEU A 323 -31.82 9.90 10.62
C LEU A 323 -31.81 9.79 12.13
N GLN A 324 -32.79 10.44 12.74
CA GLN A 324 -32.97 10.54 14.18
C GLN A 324 -34.35 11.12 14.41
N CYS A 325 -34.80 11.12 15.66
CA CYS A 325 -36.16 11.55 15.98
C CYS A 325 -36.19 12.36 17.27
N SER A 326 -37.12 13.32 17.31
CA SER A 326 -37.54 13.91 18.56
C SER A 326 -38.49 12.95 19.26
N PRO A 327 -38.66 13.06 20.58
CA PRO A 327 -39.57 12.13 21.28
C PRO A 327 -41.01 12.24 20.83
N ASP A 328 -41.37 13.32 20.13
CA ASP A 328 -42.72 13.54 19.64
C ASP A 328 -42.88 13.13 18.18
N HIS A 329 -41.93 12.37 17.63
CA HIS A 329 -41.96 11.90 16.25
C HIS A 329 -42.86 10.68 16.12
N PRO A 330 -43.72 10.63 15.10
CA PRO A 330 -44.64 9.49 14.95
C PRO A 330 -43.99 8.13 14.97
N TRP A 331 -42.71 8.03 14.58
CA TRP A 331 -42.03 6.74 14.57
C TRP A 331 -41.89 6.16 15.97
N VAL A 332 -41.88 7.00 17.00
CA VAL A 332 -41.61 6.54 18.36
C VAL A 332 -42.63 5.49 18.78
N HIS A 333 -43.88 5.67 18.38
CA HIS A 333 -44.94 4.72 18.70
C HIS A 333 -45.38 3.88 17.52
N LYS A 334 -45.26 4.40 16.31
CA LYS A 334 -45.64 3.60 15.14
C LYS A 334 -44.60 2.52 14.84
N HIS A 335 -43.33 2.78 15.12
CA HIS A 335 -42.24 1.83 14.87
C HIS A 335 -41.34 1.77 16.10
N PRO A 336 -41.79 1.14 17.17
CA PRO A 336 -40.99 1.12 18.41
C PRO A 336 -39.68 0.38 18.27
N GLU A 337 -39.58 -0.59 17.36
CA GLU A 337 -38.36 -1.37 17.22
C GLU A 337 -37.28 -0.65 16.42
N TRP A 338 -37.51 0.60 16.05
CA TRP A 338 -36.48 1.42 15.43
C TRP A 338 -35.66 2.21 16.46
N PHE A 339 -35.83 1.90 17.74
CA PHE A 339 -35.11 2.57 18.82
C PHE A 339 -34.72 1.51 19.84
N HIS A 340 -33.57 1.71 20.48
CA HIS A 340 -33.16 0.81 21.55
C HIS A 340 -33.80 1.26 22.86
N HIS A 341 -34.60 0.39 23.46
CA HIS A 341 -35.25 0.68 24.72
C HIS A 341 -34.49 0.05 25.88
N ARG A 342 -34.54 0.72 27.02
CA ARG A 342 -33.95 0.24 28.26
C ARG A 342 -34.95 -0.66 28.99
N PRO A 343 -34.50 -1.40 30.00
CA PRO A 343 -35.44 -2.27 30.75
C PRO A 343 -36.73 -1.57 31.19
N ASP A 344 -36.68 -0.29 31.56
CA ASP A 344 -37.89 0.42 31.96
C ASP A 344 -38.71 0.88 30.77
N GLY A 345 -38.25 0.64 29.54
CA GLY A 345 -38.94 1.07 28.35
C GLY A 345 -38.55 2.44 27.84
N THR A 346 -37.70 3.18 28.56
CA THR A 346 -37.32 4.50 28.11
C THR A 346 -36.29 4.42 26.99
N ILE A 347 -36.21 5.48 26.19
CA ILE A 347 -35.27 5.58 25.10
C ILE A 347 -34.20 6.61 25.49
N ALA A 348 -32.95 6.14 25.64
CA ALA A 348 -31.85 7.03 25.97
C ALA A 348 -31.60 8.04 24.86
N HIS A 349 -31.30 9.27 25.25
CA HIS A 349 -31.07 10.32 24.28
C HIS A 349 -29.68 10.18 23.65
N ALA A 350 -29.54 10.71 22.44
CA ALA A 350 -28.31 10.58 21.68
C ALA A 350 -27.17 11.35 22.32
N GLU A 351 -25.96 10.80 22.20
CA GLU A 351 -24.75 11.43 22.69
C GLU A 351 -23.62 11.26 21.69
N ASN A 352 -22.83 12.32 21.50
CA ASN A 352 -21.56 12.26 20.78
C ASN A 352 -20.55 12.88 21.73
N PRO A 353 -20.06 12.10 22.70
CA PRO A 353 -19.57 12.70 23.94
C PRO A 353 -18.39 13.62 23.70
N PRO A 354 -18.20 14.63 24.58
CA PRO A 354 -19.06 14.89 25.74
C PRO A 354 -20.30 15.69 25.41
N LYS A 355 -20.67 15.73 24.13
CA LYS A 355 -21.86 16.43 23.70
C LYS A 355 -23.10 15.59 24.00
N LYS A 356 -24.12 16.22 24.55
CA LYS A 356 -25.41 15.59 24.82
C LYS A 356 -26.49 16.29 24.01
N TYR A 357 -27.40 15.51 23.44
CA TYR A 357 -28.59 16.03 22.76
C TYR A 357 -29.80 15.40 23.42
N GLN A 358 -30.18 15.94 24.58
CA GLN A 358 -31.33 15.43 25.33
C GLN A 358 -32.64 15.58 24.57
N ASP A 359 -32.65 16.27 23.43
CA ASP A 359 -33.86 16.52 22.67
C ASP A 359 -34.09 15.54 21.52
N ILE A 360 -33.21 14.55 21.33
CA ILE A 360 -33.40 13.56 20.27
C ILE A 360 -33.08 12.16 20.75
N TYR A 361 -33.63 11.19 20.03
CA TYR A 361 -33.43 9.76 20.16
C TYR A 361 -32.63 9.23 18.97
N PRO A 362 -31.67 8.35 19.20
CA PRO A 362 -30.98 7.70 18.08
C PRO A 362 -31.79 6.51 17.56
N ILE A 363 -31.53 6.18 16.30
CA ILE A 363 -32.22 5.08 15.64
C ILE A 363 -31.46 3.79 15.89
N ALA A 364 -32.21 2.72 16.19
CA ALA A 364 -31.65 1.38 16.23
C ALA A 364 -31.92 0.69 14.90
N PHE A 365 -30.92 -0.03 14.40
CA PHE A 365 -30.97 -0.56 13.04
C PHE A 365 -31.06 -2.07 12.96
N ASP A 366 -30.86 -2.79 14.07
CA ASP A 366 -30.72 -4.24 14.01
C ASP A 366 -32.04 -5.00 14.09
N ALA A 367 -33.13 -4.35 14.49
CA ALA A 367 -34.40 -5.05 14.62
C ALA A 367 -35.16 -5.14 13.29
N ASP A 368 -35.33 -4.01 12.61
CA ASP A 368 -36.05 -3.96 11.34
C ASP A 368 -35.23 -3.16 10.33
N PRO A 369 -34.09 -3.71 9.89
CA PRO A 369 -33.28 -2.97 8.90
C PRO A 369 -33.98 -2.77 7.58
N ASP A 370 -34.87 -3.68 7.18
CA ASP A 370 -35.53 -3.55 5.89
C ASP A 370 -36.53 -2.41 5.88
N GLY A 371 -37.35 -2.31 6.94
CA GLY A 371 -38.29 -1.21 7.02
C GLY A 371 -37.60 0.14 7.08
N LEU A 372 -36.47 0.21 7.79
CA LEU A 372 -35.72 1.45 7.85
C LEU A 372 -35.18 1.85 6.48
N ALA A 373 -34.61 0.88 5.75
CA ALA A 373 -34.10 1.18 4.42
C ALA A 373 -35.23 1.59 3.48
N THR A 374 -36.36 0.88 3.55
CA THR A 374 -37.49 1.21 2.69
C THR A 374 -38.00 2.61 2.97
N GLU A 375 -38.11 2.97 4.25
CA GLU A 375 -38.61 4.30 4.60
C GLU A 375 -37.62 5.39 4.25
N THR A 376 -36.32 5.11 4.43
CA THR A 376 -35.30 6.12 4.14
C THR A 376 -35.32 6.51 2.67
N VAL A 377 -35.39 5.52 1.76
CA VAL A 377 -35.37 5.86 0.34
C VAL A 377 -36.70 6.48 -0.08
N ARG A 378 -37.80 6.10 0.57
CA ARG A 378 -39.09 6.73 0.29
C ARG A 378 -39.04 8.22 0.59
N ILE A 379 -38.52 8.59 1.77
CA ILE A 379 -38.40 9.99 2.14
C ILE A 379 -37.49 10.74 1.18
N LEU A 380 -36.39 10.10 0.78
CA LEU A 380 -35.44 10.76 -0.12
C LEU A 380 -36.06 11.00 -1.49
N ARG A 381 -36.82 10.02 -2.00
CA ARG A 381 -37.43 10.19 -3.31
C ARG A 381 -38.54 11.24 -3.29
N HIS A 382 -39.19 11.44 -2.14
CA HIS A 382 -40.21 12.49 -2.05
C HIS A 382 -39.58 13.87 -2.26
N TRP A 383 -38.48 14.14 -1.56
CA TRP A 383 -37.80 15.41 -1.74
C TRP A 383 -37.10 15.48 -3.10
N MET A 384 -36.73 14.33 -3.66
CA MET A 384 -36.19 14.32 -5.02
C MET A 384 -37.26 14.72 -6.04
N ASP A 385 -38.50 14.30 -5.82
CA ASP A 385 -39.59 14.70 -6.69
C ASP A 385 -39.84 16.21 -6.66
N HIS A 386 -39.35 16.90 -5.64
CA HIS A 386 -39.52 18.34 -5.53
C HIS A 386 -38.21 19.08 -5.77
N GLY A 387 -37.31 18.47 -6.52
CA GLY A 387 -36.12 19.16 -7.00
C GLY A 387 -34.92 19.13 -6.08
N VAL A 388 -34.89 18.24 -5.09
CA VAL A 388 -33.73 18.10 -4.22
C VAL A 388 -32.87 16.98 -4.79
N ARG A 389 -31.70 17.33 -5.30
CA ARG A 389 -30.76 16.37 -5.87
C ARG A 389 -29.48 16.25 -5.04
N ILE A 390 -29.39 16.95 -3.91
CA ILE A 390 -28.24 16.91 -3.03
C ILE A 390 -28.72 16.74 -1.60
N PHE A 391 -28.07 15.85 -0.85
CA PHE A 391 -28.44 15.57 0.53
C PHE A 391 -27.20 15.65 1.41
N ARG A 392 -27.23 16.55 2.39
CA ARG A 392 -26.21 16.63 3.42
C ARG A 392 -26.63 15.68 4.55
N VAL A 393 -25.92 14.58 4.69
CA VAL A 393 -26.31 13.50 5.60
C VAL A 393 -25.70 13.76 6.98
N ASP A 394 -26.56 13.89 7.98
CA ASP A 394 -26.14 14.23 9.33
C ASP A 394 -25.48 13.03 10.01
N ASN A 395 -24.25 13.24 10.52
CA ASN A 395 -23.43 12.26 11.24
C ASN A 395 -23.61 10.84 10.76
N PRO A 396 -23.20 10.50 9.53
CA PRO A 396 -23.40 9.14 9.04
C PRO A 396 -22.69 8.09 9.88
N HIS A 397 -21.64 8.46 10.61
CA HIS A 397 -20.81 7.50 11.32
C HIS A 397 -21.41 6.98 12.62
N THR A 398 -22.57 7.49 13.04
CA THR A 398 -23.28 6.88 14.15
C THR A 398 -24.32 5.87 13.69
N LYS A 399 -24.58 5.80 12.38
CA LYS A 399 -25.39 4.76 11.77
C LYS A 399 -24.48 3.75 11.08
N PRO A 400 -24.95 2.52 10.86
CA PRO A 400 -24.06 1.48 10.30
C PRO A 400 -23.59 1.82 8.90
N VAL A 401 -22.34 1.46 8.61
CA VAL A 401 -21.75 1.73 7.30
C VAL A 401 -22.55 1.05 6.20
N ALA A 402 -22.94 -0.22 6.42
CA ALA A 402 -23.64 -0.98 5.39
C ALA A 402 -25.00 -0.37 5.07
N PHE A 403 -25.65 0.24 6.05
CA PHE A 403 -26.92 0.91 5.80
C PHE A 403 -26.75 2.01 4.76
N TRP A 404 -25.73 2.86 4.92
CA TRP A 404 -25.50 3.92 3.95
C TRP A 404 -25.12 3.35 2.58
N GLU A 405 -24.35 2.25 2.55
CA GLU A 405 -24.04 1.62 1.28
C GLU A 405 -25.31 1.16 0.57
N ARG A 406 -26.22 0.52 1.31
CA ARG A 406 -27.46 0.05 0.73
C ARG A 406 -28.33 1.21 0.25
N VAL A 407 -28.47 2.24 1.07
CA VAL A 407 -29.35 3.36 0.73
C VAL A 407 -28.81 4.11 -0.48
N ILE A 408 -27.50 4.40 -0.48
CA ILE A 408 -26.91 5.15 -1.58
C ILE A 408 -26.98 4.35 -2.88
N ALA A 409 -26.81 3.03 -2.81
CA ALA A 409 -26.92 2.21 -4.00
C ALA A 409 -28.34 2.20 -4.53
N ASP A 410 -29.34 2.15 -3.65
CA ASP A 410 -30.73 2.16 -4.08
C ASP A 410 -31.07 3.48 -4.77
N ILE A 411 -30.70 4.60 -4.17
CA ILE A 411 -31.04 5.90 -4.74
C ILE A 411 -30.27 6.13 -6.04
N ASN A 412 -28.95 5.98 -5.99
CA ASN A 412 -28.14 6.22 -7.19
C ASN A 412 -28.44 5.22 -8.29
N GLY A 413 -29.07 4.10 -7.97
CA GLY A 413 -29.47 3.15 -9.00
C GLY A 413 -30.50 3.72 -9.95
N THR A 414 -31.52 4.41 -9.41
CA THR A 414 -32.51 5.08 -10.25
C THR A 414 -32.10 6.50 -10.61
N ASP A 415 -31.28 7.15 -9.76
CA ASP A 415 -30.95 8.57 -9.94
C ASP A 415 -29.47 8.77 -9.67
N PRO A 416 -28.61 8.45 -10.65
CA PRO A 416 -27.17 8.62 -10.44
C PRO A 416 -26.73 10.08 -10.25
N ASP A 417 -27.59 11.04 -10.57
CA ASP A 417 -27.21 12.43 -10.40
C ASP A 417 -27.27 12.90 -8.95
N VAL A 418 -27.87 12.10 -8.06
CA VAL A 418 -28.03 12.51 -6.66
C VAL A 418 -26.69 12.45 -5.95
N ILE A 419 -26.34 13.56 -5.28
CA ILE A 419 -25.07 13.69 -4.56
C ILE A 419 -25.35 13.54 -3.07
N PHE A 420 -24.53 12.73 -2.40
CA PHE A 420 -24.59 12.56 -0.95
C PHE A 420 -23.32 13.13 -0.32
N LEU A 421 -23.49 13.91 0.73
CA LEU A 421 -22.38 14.53 1.45
C LEU A 421 -22.35 14.00 2.87
N ALA A 422 -21.23 13.40 3.26
CA ALA A 422 -21.08 12.79 4.57
C ALA A 422 -20.55 13.82 5.57
N GLU A 423 -21.33 14.09 6.61
CA GLU A 423 -20.89 14.96 7.70
C GLU A 423 -20.32 14.11 8.84
N ALA A 424 -19.12 13.59 8.59
CA ALA A 424 -18.48 12.63 9.48
C ALA A 424 -17.11 13.18 9.92
N PHE A 425 -17.11 13.94 11.01
CA PHE A 425 -15.88 14.41 11.65
C PHE A 425 -15.45 13.34 12.65
N THR A 426 -14.69 12.35 12.20
CA THR A 426 -14.37 11.22 13.05
C THR A 426 -12.98 10.72 12.71
N ARG A 427 -12.73 9.45 13.00
CA ARG A 427 -11.42 8.85 12.77
C ARG A 427 -11.20 8.59 11.28
N PRO A 428 -9.93 8.46 10.86
CA PRO A 428 -9.65 8.37 9.41
C PRO A 428 -10.25 7.16 8.72
N ALA A 429 -10.34 6.01 9.40
CA ALA A 429 -10.78 4.80 8.72
C ALA A 429 -12.26 4.86 8.36
N MET A 430 -13.09 5.39 9.26
CA MET A 430 -14.52 5.54 8.97
C MET A 430 -14.75 6.62 7.93
N MET A 431 -14.00 7.72 8.01
CA MET A 431 -14.14 8.79 7.02
C MET A 431 -13.82 8.28 5.63
N ALA A 432 -12.76 7.48 5.49
CA ALA A 432 -12.40 6.95 4.17
C ALA A 432 -13.38 5.89 3.71
N THR A 433 -13.85 5.04 4.62
CA THR A 433 -14.77 3.97 4.25
C THR A 433 -16.09 4.52 3.73
N LEU A 434 -16.61 5.55 4.40
CA LEU A 434 -17.89 6.14 3.99
C LEU A 434 -17.82 6.65 2.56
N ALA A 435 -16.72 7.30 2.19
CA ALA A 435 -16.55 7.73 0.81
C ALA A 435 -16.47 6.54 -0.14
N GLN A 436 -15.78 5.47 0.28
CA GLN A 436 -15.58 4.34 -0.60
C GLN A 436 -16.86 3.53 -0.83
N ILE A 437 -17.81 3.57 0.12
CA ILE A 437 -19.04 2.81 -0.06
C ILE A 437 -20.12 3.61 -0.79
N GLY A 438 -19.87 4.87 -1.13
CA GLY A 438 -20.80 5.58 -2.00
C GLY A 438 -20.93 7.09 -1.85
N PHE A 439 -20.45 7.66 -0.75
CA PHE A 439 -20.66 9.08 -0.50
C PHE A 439 -19.86 9.92 -1.50
N GLN A 440 -20.57 10.74 -2.29
CA GLN A 440 -19.91 11.54 -3.32
C GLN A 440 -19.00 12.60 -2.71
N GLN A 441 -19.36 13.14 -1.54
CA GLN A 441 -18.61 14.23 -0.94
C GLN A 441 -18.37 13.92 0.54
N SER A 442 -17.39 14.61 1.11
CA SER A 442 -16.97 14.37 2.49
C SER A 442 -16.60 15.69 3.14
N TYR A 443 -17.17 15.95 4.31
CA TYR A 443 -16.56 16.94 5.21
C TYR A 443 -15.17 16.44 5.62
N THR A 444 -14.31 17.38 6.01
CA THR A 444 -12.91 17.09 6.24
C THR A 444 -12.44 17.72 7.55
N TYR A 445 -11.15 17.54 7.84
CA TYR A 445 -10.50 18.17 8.99
C TYR A 445 -10.11 19.63 8.72
N PHE A 446 -10.65 20.26 7.68
CA PHE A 446 -10.14 21.55 7.21
C PHE A 446 -10.03 22.56 8.35
N THR A 447 -11.11 22.76 9.11
CA THR A 447 -11.13 23.80 10.15
C THR A 447 -10.04 23.62 11.19
N TRP A 448 -9.52 22.41 11.37
CA TRP A 448 -8.45 22.15 12.32
C TRP A 448 -7.09 22.05 11.66
N ARG A 449 -6.93 22.67 10.49
CA ARG A 449 -5.67 22.70 9.75
C ARG A 449 -5.38 24.16 9.42
N ASN A 450 -4.55 24.81 10.23
CA ASN A 450 -4.39 26.26 10.17
C ASN A 450 -2.94 26.74 10.03
N THR A 451 -1.94 25.95 10.41
CA THR A 451 -0.56 26.32 10.15
C THR A 451 -0.14 25.86 8.76
N LYS A 452 1.01 26.36 8.30
CA LYS A 452 1.52 25.95 7.00
C LYS A 452 1.80 24.46 6.97
N GLN A 453 2.36 23.93 8.06
CA GLN A 453 2.64 22.50 8.15
C GLN A 453 1.35 21.68 8.11
N GLU A 454 0.36 22.08 8.91
CA GLU A 454 -0.93 21.37 8.92
C GLU A 454 -1.59 21.41 7.55
N LEU A 455 -1.57 22.58 6.90
CA LEU A 455 -2.24 22.71 5.61
C LEU A 455 -1.48 21.95 4.53
N THR A 456 -0.16 22.04 4.52
CA THR A 456 0.63 21.33 3.51
C THR A 456 0.44 19.83 3.65
N GLU A 457 0.56 19.30 4.87
CA GLU A 457 0.47 17.86 5.08
C GLU A 457 -0.92 17.33 4.74
N TYR A 458 -1.97 18.08 5.10
CA TYR A 458 -3.32 17.54 4.96
C TYR A 458 -3.78 17.54 3.50
N LEU A 459 -3.45 18.58 2.75
CA LEU A 459 -3.88 18.65 1.37
C LEU A 459 -3.00 17.83 0.44
N THR A 460 -1.76 17.52 0.84
CA THR A 460 -1.02 16.47 0.16
C THR A 460 -1.76 15.14 0.25
N GLU A 461 -2.36 14.86 1.41
CA GLU A 461 -3.14 13.63 1.57
C GLU A 461 -4.39 13.65 0.69
N LEU A 462 -5.14 14.76 0.72
CA LEU A 462 -6.42 14.81 0.02
C LEU A 462 -6.23 14.80 -1.50
N SER A 463 -5.19 15.47 -2.00
CA SER A 463 -4.95 15.48 -3.44
C SER A 463 -4.20 14.23 -3.93
N GLY A 464 -3.67 13.43 -3.02
CA GLY A 464 -2.98 12.21 -3.40
C GLY A 464 -3.91 11.04 -3.69
N GLU A 465 -3.70 9.92 -2.99
CA GLU A 465 -4.41 8.71 -3.31
C GLU A 465 -5.88 8.77 -2.90
N ALA A 466 -6.22 9.52 -1.85
CA ALA A 466 -7.61 9.58 -1.40
C ALA A 466 -8.50 10.17 -2.48
N ALA A 467 -7.94 10.96 -3.39
CA ALA A 467 -8.75 11.58 -4.44
C ALA A 467 -9.40 10.55 -5.34
N SER A 468 -8.91 9.30 -5.28
CA SER A 468 -9.51 8.23 -6.06
C SER A 468 -10.88 7.86 -5.52
N TYR A 469 -11.21 8.24 -4.28
CA TYR A 469 -12.51 7.88 -3.72
C TYR A 469 -13.18 8.96 -2.88
N MET A 470 -12.50 10.07 -2.58
CA MET A 470 -13.05 11.07 -1.68
C MET A 470 -12.95 12.45 -2.31
N ARG A 471 -14.09 13.15 -2.38
CA ARG A 471 -14.14 14.53 -2.82
C ARG A 471 -14.42 15.44 -1.63
N PRO A 472 -13.51 16.36 -1.28
CA PRO A 472 -13.66 17.14 -0.06
C PRO A 472 -14.50 18.40 -0.22
N ASN A 473 -15.33 18.66 0.78
CA ASN A 473 -16.12 19.90 0.88
C ASN A 473 -15.53 20.74 2.01
N PHE A 474 -14.86 21.83 1.65
CA PHE A 474 -14.11 22.67 2.60
C PHE A 474 -15.02 23.75 3.16
N PHE A 475 -15.80 23.39 4.18
CA PHE A 475 -16.57 24.39 4.92
C PHE A 475 -15.63 25.11 5.88
N ALA A 476 -15.44 26.42 5.66
CA ALA A 476 -14.57 27.20 6.54
C ALA A 476 -15.18 27.38 7.92
N ASN A 477 -16.50 27.24 8.05
CA ASN A 477 -17.16 27.26 9.34
C ASN A 477 -18.46 26.49 9.20
N THR A 478 -18.98 26.04 10.34
CA THR A 478 -20.29 25.40 10.41
C THR A 478 -21.01 25.95 11.64
N PRO A 479 -22.32 25.70 11.79
CA PRO A 479 -22.99 26.11 13.03
C PRO A 479 -22.40 25.48 14.28
N ASP A 480 -21.57 24.45 14.15
CA ASP A 480 -20.95 23.79 15.30
C ASP A 480 -19.46 24.06 15.40
N ILE A 481 -18.85 24.78 14.46
CA ILE A 481 -17.40 24.92 14.39
C ILE A 481 -17.07 26.39 14.14
N LEU A 482 -16.71 27.11 15.20
CA LEU A 482 -16.09 28.44 15.12
C LEU A 482 -14.71 28.26 15.74
N HIS A 483 -13.72 28.01 14.90
CA HIS A 483 -12.39 27.68 15.40
C HIS A 483 -11.74 28.88 16.07
N ALA A 484 -10.81 28.60 16.98
CA ALA A 484 -10.12 29.66 17.72
C ALA A 484 -9.34 30.59 16.79
N TYR A 485 -8.94 30.11 15.61
CA TYR A 485 -8.21 30.97 14.67
C TYR A 485 -9.06 32.15 14.24
N LEU A 486 -10.36 31.91 13.98
CA LEU A 486 -11.26 33.01 13.66
C LEU A 486 -11.62 33.81 14.91
N GLN A 487 -11.78 33.12 16.04
CA GLN A 487 -12.08 33.81 17.30
C GLN A 487 -11.01 34.84 17.64
N HIS A 488 -9.75 34.49 17.44
CA HIS A 488 -8.63 35.34 17.84
C HIS A 488 -8.15 36.26 16.73
N GLY A 489 -8.44 35.95 15.47
CA GLY A 489 -7.87 36.67 14.36
C GLY A 489 -8.74 37.75 13.74
N GLY A 490 -10.04 37.74 14.04
CA GLY A 490 -10.92 38.77 13.52
C GLY A 490 -11.11 38.69 12.02
N ARG A 491 -11.54 39.81 11.44
CA ARG A 491 -11.80 39.87 10.01
C ARG A 491 -10.63 39.43 9.14
N PRO A 492 -9.37 39.79 9.41
CA PRO A 492 -8.28 39.25 8.58
C PRO A 492 -8.21 37.73 8.58
N ALA A 493 -8.51 37.10 9.71
CA ALA A 493 -8.51 35.64 9.75
C ALA A 493 -9.63 35.07 8.89
N PHE A 494 -10.78 35.74 8.85
CA PHE A 494 -11.87 35.30 7.97
C PHE A 494 -11.47 35.42 6.51
N GLU A 495 -10.67 36.43 6.17
CA GLU A 495 -10.23 36.60 4.79
C GLU A 495 -9.21 35.53 4.42
N VAL A 496 -8.33 35.16 5.36
CA VAL A 496 -7.35 34.12 5.10
C VAL A 496 -8.05 32.78 4.82
N ARG A 497 -8.96 32.38 5.72
CA ARG A 497 -9.59 31.07 5.60
C ARG A 497 -10.46 30.97 4.35
N ALA A 498 -11.09 32.07 3.94
CA ALA A 498 -11.87 32.05 2.70
C ALA A 498 -10.98 31.91 1.47
N VAL A 499 -9.78 32.51 1.50
CA VAL A 499 -8.86 32.34 0.38
C VAL A 499 -8.36 30.91 0.32
N LEU A 500 -7.95 30.36 1.46
CA LEU A 500 -7.49 28.98 1.52
C LEU A 500 -8.57 28.01 1.05
N ALA A 501 -9.77 28.09 1.64
CA ALA A 501 -10.82 27.12 1.32
C ALA A 501 -11.22 27.17 -0.15
N ALA A 502 -11.22 28.37 -0.74
CA ALA A 502 -11.67 28.51 -2.12
C ALA A 502 -10.61 28.10 -3.13
N THR A 503 -9.33 28.31 -2.81
CA THR A 503 -8.26 27.97 -3.74
C THR A 503 -7.72 26.56 -3.54
N LEU A 504 -7.86 25.98 -2.35
CA LEU A 504 -7.28 24.67 -2.08
C LEU A 504 -8.21 23.52 -2.43
N SER A 505 -9.51 23.73 -2.46
CA SER A 505 -10.42 22.65 -2.84
C SER A 505 -11.41 23.12 -3.89
N PRO A 506 -11.73 22.26 -4.86
CA PRO A 506 -12.75 22.62 -5.86
C PRO A 506 -14.14 22.79 -5.27
N THR A 507 -14.40 22.26 -4.08
CA THR A 507 -15.65 22.49 -3.37
C THR A 507 -15.37 23.13 -2.02
N TRP A 508 -16.14 24.15 -1.67
CA TRP A 508 -15.96 24.85 -0.40
C TRP A 508 -17.27 25.53 -0.05
N GLY A 509 -17.40 25.91 1.21
CA GLY A 509 -18.65 26.48 1.69
C GLY A 509 -18.49 27.31 2.94
N ILE A 510 -19.51 28.13 3.21
CA ILE A 510 -19.59 28.94 4.42
C ILE A 510 -21.00 28.85 4.98
N TYR A 511 -21.10 29.04 6.29
CA TYR A 511 -22.38 29.14 6.97
C TYR A 511 -22.64 30.60 7.31
N SER A 512 -23.84 31.08 6.98
CA SER A 512 -24.19 32.50 7.08
C SER A 512 -23.73 33.12 8.39
N GLY A 513 -23.32 34.38 8.30
CA GLY A 513 -22.63 35.05 9.37
C GLY A 513 -21.12 35.04 9.20
N TYR A 514 -20.59 34.10 8.43
CA TYR A 514 -19.15 34.06 8.17
C TYR A 514 -18.70 35.37 7.52
N GLU A 515 -19.47 35.87 6.56
CA GLU A 515 -19.08 37.10 5.86
C GLU A 515 -19.21 38.33 6.74
N LEU A 516 -19.98 38.25 7.84
CA LEU A 516 -20.02 39.31 8.83
C LEU A 516 -18.97 39.14 9.91
N CYS A 517 -18.13 38.12 9.80
CA CYS A 517 -17.04 37.85 10.76
C CYS A 517 -17.59 37.66 12.18
N GLU A 518 -18.74 36.99 12.29
CA GLU A 518 -19.23 36.56 13.59
C GLU A 518 -18.24 35.58 14.21
N ASN A 519 -17.70 35.93 15.38
CA ASN A 519 -16.67 35.11 15.99
C ASN A 519 -16.71 35.16 17.51
N THR A 520 -17.89 35.34 18.09
CA THR A 520 -18.02 35.37 19.54
C THR A 520 -18.30 33.96 20.04
N PRO A 521 -17.37 33.31 20.74
CA PRO A 521 -17.61 31.95 21.20
C PRO A 521 -18.60 31.90 22.35
N LEU A 522 -19.16 30.70 22.57
CA LEU A 522 -19.97 30.47 23.76
C LEU A 522 -19.16 30.73 25.03
N ARG A 523 -17.87 30.37 25.00
CA ARG A 523 -16.95 30.59 26.10
C ARG A 523 -15.55 30.32 25.56
N GLU A 524 -14.54 30.72 26.32
CA GLU A 524 -13.17 30.52 25.89
C GLU A 524 -12.84 29.03 25.84
N GLY A 525 -12.21 28.59 24.75
CA GLY A 525 -11.93 27.20 24.53
C GLY A 525 -13.05 26.41 23.89
N SER A 526 -14.19 27.03 23.64
CA SER A 526 -15.29 26.39 22.95
C SER A 526 -15.23 26.70 21.45
N GLU A 527 -15.83 25.81 20.66
CA GLU A 527 -15.99 26.05 19.22
C GLU A 527 -17.45 26.29 18.87
N GLU A 528 -18.32 26.39 19.86
CA GLU A 528 -19.71 26.78 19.65
C GLU A 528 -19.82 28.30 19.55
N TYR A 529 -20.82 28.75 18.80
CA TYR A 529 -21.16 30.17 18.76
C TYR A 529 -21.93 30.56 20.00
N LEU A 530 -21.75 31.82 20.42
CA LEU A 530 -22.61 32.39 21.44
C LEU A 530 -23.96 32.74 20.82
N ASP A 531 -25.04 32.42 21.54
CA ASP A 531 -26.40 32.60 21.06
C ASP A 531 -26.58 31.93 19.70
N SER A 532 -26.27 30.63 19.65
CA SER A 532 -26.20 29.92 18.38
C SER A 532 -27.54 29.92 17.67
N GLU A 533 -27.49 30.05 16.34
CA GLU A 533 -28.68 30.03 15.49
C GLU A 533 -29.41 28.69 15.51
N LYS A 534 -28.79 27.65 16.06
CA LYS A 534 -29.47 26.35 16.15
C LYS A 534 -30.66 26.41 17.09
N TYR A 535 -30.65 27.32 18.07
CA TYR A 535 -31.70 27.36 19.10
C TYR A 535 -32.41 28.71 19.19
N GLN A 536 -32.22 29.59 18.21
CA GLN A 536 -32.92 30.87 18.25
C GLN A 536 -32.95 31.46 16.85
N LEU A 537 -33.98 32.25 16.60
CA LEU A 537 -33.99 33.09 15.40
C LEU A 537 -32.83 34.07 15.47
N LYS A 538 -32.12 34.21 14.35
CA LYS A 538 -30.94 35.06 14.28
C LYS A 538 -31.07 36.01 13.09
N PRO A 539 -31.97 37.00 13.19
CA PRO A 539 -32.13 37.93 12.07
C PRO A 539 -30.90 38.80 11.89
N ARG A 540 -30.52 39.02 10.64
CA ARG A 540 -29.30 39.76 10.31
C ARG A 540 -29.65 40.90 9.39
N ASP A 541 -29.10 42.09 9.67
CA ASP A 541 -29.36 43.28 8.87
C ASP A 541 -28.37 43.31 7.70
N TRP A 542 -28.70 42.56 6.65
CA TRP A 542 -27.81 42.44 5.49
C TRP A 542 -27.65 43.78 4.78
N THR A 543 -28.73 44.55 4.65
CA THR A 543 -28.66 45.84 3.97
C THR A 543 -27.71 46.79 4.68
N ARG A 544 -27.75 46.80 6.01
CA ARG A 544 -26.85 47.66 6.77
C ARG A 544 -25.41 47.16 6.70
N ALA A 545 -25.22 45.83 6.67
CA ALA A 545 -23.87 45.27 6.57
C ALA A 545 -23.20 45.68 5.26
N ALA A 546 -23.93 45.60 4.15
CA ALA A 546 -23.36 46.01 2.88
C ALA A 546 -23.10 47.52 2.86
N ARG A 547 -24.07 48.31 3.34
CA ARG A 547 -23.93 49.76 3.35
C ARG A 547 -22.67 50.20 4.09
N GLU A 548 -22.36 49.53 5.20
CA GLU A 548 -21.27 49.94 6.07
C GLU A 548 -19.96 49.20 5.79
N GLY A 549 -19.92 48.35 4.77
CA GLY A 549 -18.69 47.62 4.45
C GLY A 549 -18.18 46.69 5.53
N THR A 550 -18.99 46.40 6.55
CA THR A 550 -18.62 45.47 7.62
C THR A 550 -18.79 44.01 7.21
N THR A 551 -18.64 43.71 5.92
CA THR A 551 -18.80 42.36 5.40
C THR A 551 -17.67 42.06 4.43
N ILE A 552 -17.37 40.77 4.27
CA ILE A 552 -16.41 40.32 3.28
C ILE A 552 -17.10 39.60 2.12
N ALA A 553 -18.40 39.81 1.97
CA ALA A 553 -19.11 39.32 0.79
C ALA A 553 -18.43 39.68 -0.54
N PRO A 554 -17.86 40.88 -0.74
CA PRO A 554 -17.15 41.13 -2.00
C PRO A 554 -15.94 40.23 -2.21
N LEU A 555 -15.13 40.02 -1.17
CA LEU A 555 -14.01 39.09 -1.28
C LEU A 555 -14.50 37.68 -1.58
N VAL A 556 -15.62 37.27 -0.96
CA VAL A 556 -16.22 35.99 -1.29
C VAL A 556 -16.66 35.97 -2.74
N THR A 557 -17.30 37.06 -3.18
CA THR A 557 -17.75 37.14 -4.57
C THR A 557 -16.59 37.11 -5.55
N ARG A 558 -15.49 37.79 -5.21
CA ARG A 558 -14.34 37.82 -6.11
C ARG A 558 -13.61 36.49 -6.11
N LEU A 559 -13.57 35.78 -4.98
CA LEU A 559 -12.98 34.45 -4.95
C LEU A 559 -13.78 33.47 -5.78
N ASN A 560 -15.12 33.56 -5.74
CA ASN A 560 -15.95 32.64 -6.49
C ASN A 560 -15.85 32.90 -7.99
N THR A 561 -15.74 34.17 -8.38
CA THR A 561 -15.60 34.49 -9.80
C THR A 561 -14.25 34.02 -10.33
N ILE A 562 -13.18 34.21 -9.54
CA ILE A 562 -11.87 33.68 -9.91
C ILE A 562 -11.96 32.18 -10.18
N ARG A 563 -12.70 31.46 -9.35
CA ARG A 563 -12.86 30.02 -9.55
C ARG A 563 -13.64 29.71 -10.82
N ARG A 564 -14.64 30.54 -11.14
CA ARG A 564 -15.42 30.30 -12.35
C ARG A 564 -14.64 30.64 -13.61
N GLU A 565 -13.56 31.41 -13.49
CA GLU A 565 -12.77 31.84 -14.64
C GLU A 565 -11.41 31.15 -14.71
N ASN A 566 -11.26 30.00 -14.06
CA ASN A 566 -9.96 29.33 -13.98
C ASN A 566 -10.20 27.83 -13.76
N PRO A 567 -10.07 27.02 -14.81
CA PRO A 567 -10.32 25.57 -14.65
C PRO A 567 -9.37 24.88 -13.69
N ALA A 568 -8.24 25.50 -13.34
CA ALA A 568 -7.32 24.90 -12.37
C ALA A 568 -7.97 24.81 -10.99
N LEU A 569 -8.74 25.82 -10.60
CA LEU A 569 -9.38 25.84 -9.30
C LEU A 569 -10.62 24.97 -9.24
N ARG A 570 -10.98 24.29 -10.33
CA ARG A 570 -12.13 23.41 -10.37
C ARG A 570 -11.73 21.93 -10.36
N GLN A 571 -10.51 21.62 -9.94
CA GLN A 571 -10.05 20.25 -9.80
C GLN A 571 -9.23 20.13 -8.53
N LEU A 572 -8.93 18.89 -8.15
CA LEU A 572 -8.31 18.61 -6.87
C LEU A 572 -6.92 18.00 -6.97
N ARG A 573 -6.70 17.06 -7.89
CA ARG A 573 -5.51 16.23 -7.83
C ARG A 573 -4.24 17.01 -8.14
N ASP A 574 -4.31 18.04 -8.98
CA ASP A 574 -3.12 18.80 -9.38
C ASP A 574 -2.88 19.94 -8.40
N LEU A 575 -1.88 19.77 -7.54
CA LEU A 575 -1.59 20.75 -6.50
C LEU A 575 -0.15 20.56 -6.06
N HIS A 576 0.63 21.65 -6.09
CA HIS A 576 2.02 21.62 -5.66
C HIS A 576 2.30 22.79 -4.73
N PHE A 577 3.11 22.55 -3.71
CA PHE A 577 3.50 23.57 -2.75
C PHE A 577 4.91 24.07 -3.04
N HIS A 578 5.10 25.39 -2.93
CA HIS A 578 6.38 26.04 -3.19
C HIS A 578 6.94 26.65 -1.90
N PRO A 579 8.23 26.46 -1.62
CA PRO A 579 8.77 26.89 -0.32
C PRO A 579 8.92 28.40 -0.22
N THR A 580 8.89 28.90 1.03
CA THR A 580 9.11 30.30 1.37
C THR A 580 10.08 30.39 2.55
N ASP A 581 10.33 31.62 3.01
CA ASP A 581 11.30 31.86 4.08
C ASP A 581 10.68 31.97 5.46
N LYS A 582 9.37 32.15 5.56
CA LYS A 582 8.72 32.40 6.85
C LYS A 582 7.62 31.38 7.07
N GLU A 583 7.50 30.93 8.32
CA GLU A 583 6.50 29.93 8.67
C GLU A 583 5.09 30.40 8.32
N GLU A 584 4.84 31.70 8.39
CA GLU A 584 3.48 32.24 8.26
C GLU A 584 3.06 32.47 6.81
N VAL A 585 3.94 32.23 5.84
CA VAL A 585 3.65 32.51 4.44
C VAL A 585 3.73 31.20 3.66
N ILE A 586 2.60 30.79 3.08
CA ILE A 586 2.50 29.55 2.33
C ILE A 586 2.28 29.88 0.86
N ALA A 587 2.80 29.02 -0.01
CA ALA A 587 2.71 29.21 -1.44
C ALA A 587 2.39 27.87 -2.12
N TYR A 588 1.47 27.90 -3.08
CA TYR A 588 1.10 26.70 -3.81
C TYR A 588 0.58 27.10 -5.18
N SER A 589 0.52 26.11 -6.09
CA SER A 589 0.05 26.31 -7.44
C SER A 589 -0.83 25.15 -7.86
N LYS A 590 -1.74 25.42 -8.80
CA LYS A 590 -2.68 24.44 -9.32
C LYS A 590 -2.82 24.63 -10.82
N ARG A 591 -2.90 23.53 -11.56
CA ARG A 591 -2.83 23.60 -13.01
C ARG A 591 -3.90 22.74 -13.65
N GLN A 592 -4.36 23.17 -14.82
CA GLN A 592 -5.33 22.43 -15.61
C GLN A 592 -5.24 22.93 -17.04
N GLY A 593 -4.71 22.11 -17.93
CA GLY A 593 -4.49 22.55 -19.30
C GLY A 593 -3.53 23.72 -19.33
N SER A 594 -3.92 24.78 -20.03
CA SER A 594 -3.08 25.97 -20.12
C SER A 594 -3.21 26.89 -18.90
N ASN A 595 -4.20 26.66 -18.04
CA ASN A 595 -4.45 27.55 -16.91
C ASN A 595 -3.60 27.13 -15.72
N THR A 596 -2.85 28.09 -15.17
CA THR A 596 -2.02 27.87 -13.99
C THR A 596 -2.29 29.00 -13.00
N VAL A 597 -2.70 28.65 -11.79
CA VAL A 597 -3.00 29.61 -10.75
C VAL A 597 -1.95 29.51 -9.65
N LEU A 598 -1.43 30.65 -9.22
CA LEU A 598 -0.45 30.73 -8.14
C LEU A 598 -1.05 31.49 -6.97
N VAL A 599 -0.87 30.97 -5.76
CA VAL A 599 -1.47 31.53 -4.57
C VAL A 599 -0.40 31.66 -3.49
N VAL A 600 -0.32 32.84 -2.87
CA VAL A 600 0.57 33.12 -1.75
C VAL A 600 -0.29 33.69 -0.63
N VAL A 601 -0.26 33.05 0.54
CA VAL A 601 -1.16 33.41 1.63
C VAL A 601 -0.33 33.75 2.86
N ASN A 602 -0.68 34.87 3.51
CA ASN A 602 -0.18 35.21 4.83
C ASN A 602 -1.09 34.56 5.86
N LEU A 603 -0.59 33.56 6.56
CA LEU A 603 -1.38 32.92 7.61
C LEU A 603 -1.41 33.73 8.89
N ASP A 604 -0.65 34.82 8.99
CA ASP A 604 -0.64 35.67 10.16
C ASP A 604 -1.69 36.75 10.02
N PRO A 605 -2.79 36.70 10.78
CA PRO A 605 -3.83 37.73 10.67
C PRO A 605 -3.56 38.98 11.49
N ARG A 606 -2.39 39.09 12.11
CA ARG A 606 -2.08 40.20 13.02
C ARG A 606 -0.84 40.98 12.63
N HIS A 607 0.17 40.36 12.04
CA HIS A 607 1.42 41.03 11.72
C HIS A 607 1.71 40.91 10.24
N THR A 608 2.12 42.02 9.63
CA THR A 608 2.52 42.02 8.23
C THR A 608 3.74 41.11 8.04
N GLN A 609 3.78 40.41 6.91
CA GLN A 609 4.83 39.44 6.65
C GLN A 609 5.47 39.70 5.29
N GLU A 610 6.80 39.62 5.24
CA GLU A 610 7.58 39.72 4.02
C GLU A 610 8.38 38.44 3.84
N ALA A 611 8.42 37.92 2.61
CA ALA A 611 9.14 36.68 2.36
C ALA A 611 9.48 36.59 0.87
N THR A 612 10.24 35.56 0.52
CA THR A 612 10.59 35.27 -0.86
C THR A 612 10.03 33.91 -1.25
N VAL A 613 9.25 33.87 -2.32
CA VAL A 613 8.60 32.65 -2.77
C VAL A 613 9.50 32.03 -3.84
N SER A 614 10.13 30.90 -3.49
CA SER A 614 11.08 30.22 -4.38
C SER A 614 10.33 29.13 -5.14
N LEU A 615 9.78 29.50 -6.29
CA LEU A 615 8.98 28.58 -7.09
C LEU A 615 9.82 27.43 -7.63
N ASP A 616 9.19 26.27 -7.73
CA ASP A 616 9.76 25.14 -8.47
C ASP A 616 9.33 25.33 -9.92
N MET A 617 10.13 26.10 -10.65
CA MET A 617 9.79 26.45 -12.04
C MET A 617 9.54 25.23 -12.93
N PRO A 618 10.29 24.13 -12.84
CA PRO A 618 9.91 22.95 -13.66
C PRO A 618 8.50 22.48 -13.41
N GLN A 619 8.05 22.48 -12.15
CA GLN A 619 6.69 22.09 -11.81
C GLN A 619 5.65 23.02 -12.42
N LEU A 620 6.08 24.14 -13.01
CA LEU A 620 5.18 25.07 -13.66
C LEU A 620 5.22 24.99 -15.19
N GLY A 621 6.10 24.16 -15.74
CA GLY A 621 6.27 24.11 -17.18
C GLY A 621 7.22 25.15 -17.72
N LEU A 622 8.05 25.74 -16.87
CA LEU A 622 9.00 26.77 -17.26
C LEU A 622 10.39 26.37 -16.76
N ASP A 623 11.41 26.94 -17.39
CA ASP A 623 12.77 26.61 -17.00
C ASP A 623 13.22 27.52 -15.85
N TRP A 624 14.30 27.11 -15.18
CA TRP A 624 14.72 27.73 -13.94
C TRP A 624 15.08 29.21 -14.13
N HIS A 625 15.64 29.56 -15.28
CA HIS A 625 16.09 30.92 -15.54
C HIS A 625 15.11 31.59 -16.50
N GLU A 626 13.94 31.98 -15.96
CA GLU A 626 12.89 32.55 -16.77
C GLU A 626 11.98 33.40 -15.91
N SER A 627 11.41 34.44 -16.51
CA SER A 627 10.46 35.33 -15.86
C SER A 627 9.16 35.34 -16.66
N VAL A 628 8.03 35.28 -15.95
CA VAL A 628 6.73 35.07 -16.58
C VAL A 628 5.70 36.00 -15.94
N PRO A 629 4.74 36.53 -16.70
CA PRO A 629 3.80 37.51 -16.15
C PRO A 629 2.70 36.88 -15.30
N VAL A 630 2.40 37.55 -14.18
CA VAL A 630 1.33 37.14 -13.27
C VAL A 630 0.43 38.36 -13.04
N ARG A 631 -0.81 38.07 -12.62
CA ARG A 631 -1.74 39.13 -12.23
C ARG A 631 -2.52 38.68 -11.01
N ASP A 632 -2.34 39.38 -9.89
CA ASP A 632 -3.13 39.16 -8.68
C ASP A 632 -4.59 39.47 -8.95
N GLU A 633 -5.43 38.44 -9.01
CA GLU A 633 -6.83 38.62 -9.34
C GLU A 633 -7.66 39.20 -8.19
N LEU A 634 -7.03 39.48 -7.05
CA LEU A 634 -7.71 40.20 -5.97
C LEU A 634 -7.60 41.71 -6.13
N THR A 635 -6.53 42.19 -6.77
CA THR A 635 -6.30 43.61 -6.97
C THR A 635 -6.33 44.03 -8.43
N GLY A 636 -5.92 43.18 -9.35
CA GLY A 636 -5.69 43.55 -10.73
C GLY A 636 -4.26 43.95 -11.03
N GLU A 637 -3.48 44.27 -10.00
CA GLU A 637 -2.05 44.51 -10.16
C GLU A 637 -1.40 43.32 -10.87
N THR A 638 -0.38 43.60 -11.67
CA THR A 638 0.35 42.56 -12.38
C THR A 638 1.82 42.59 -11.97
N TYR A 639 2.47 41.44 -12.09
CA TYR A 639 3.89 41.30 -11.78
C TYR A 639 4.56 40.46 -12.85
N HIS A 640 5.88 40.29 -12.69
CA HIS A 640 6.66 39.33 -13.44
C HIS A 640 7.44 38.50 -12.43
N TRP A 641 7.16 37.20 -12.38
CA TRP A 641 7.67 36.33 -11.34
C TRP A 641 8.57 35.25 -11.91
N GLY A 642 9.58 34.88 -11.13
CA GLY A 642 10.54 33.86 -11.53
C GLY A 642 10.92 32.92 -10.40
N ARG A 643 12.17 32.49 -10.38
CA ARG A 643 12.59 31.48 -9.40
C ARG A 643 12.54 32.00 -7.97
N ALA A 644 12.71 33.31 -7.78
CA ALA A 644 12.61 33.92 -6.46
C ALA A 644 11.81 35.21 -6.58
N ASN A 645 10.92 35.45 -5.61
CA ASN A 645 10.02 36.59 -5.67
C ASN A 645 9.74 37.08 -4.26
N TYR A 646 10.08 38.32 -3.96
CA TYR A 646 9.76 38.89 -2.66
C TYR A 646 8.27 39.23 -2.60
N VAL A 647 7.61 38.81 -1.52
CA VAL A 647 6.21 39.15 -1.28
C VAL A 647 6.14 40.02 -0.03
N ARG A 648 5.09 40.82 0.04
CA ARG A 648 4.78 41.57 1.26
C ARG A 648 3.28 41.58 1.45
N LEU A 649 2.80 40.94 2.51
CA LEU A 649 1.37 40.75 2.75
C LEU A 649 1.00 41.42 4.07
N GLU A 650 -0.07 42.22 4.03
CA GLU A 650 -0.46 43.09 5.12
C GLU A 650 -1.87 42.74 5.57
N PRO A 651 -2.06 42.30 6.82
CA PRO A 651 -3.40 41.89 7.27
C PRO A 651 -4.39 43.04 7.21
N GLY A 652 -5.54 42.77 6.56
CA GLY A 652 -6.59 43.73 6.42
C GLY A 652 -6.65 44.39 5.06
N ARG A 653 -5.52 44.53 4.38
CA ARG A 653 -5.47 45.08 3.03
C ARG A 653 -5.11 44.04 1.98
N THR A 654 -4.16 43.16 2.27
CA THR A 654 -3.77 42.09 1.35
C THR A 654 -3.59 40.80 2.14
N PRO A 655 -4.66 40.02 2.30
CA PRO A 655 -4.50 38.71 2.94
C PRO A 655 -3.61 37.77 2.15
N ALA A 656 -3.63 37.87 0.81
CA ALA A 656 -2.98 36.89 -0.04
C ALA A 656 -2.94 37.42 -1.47
N HIS A 657 -2.01 36.87 -2.25
CA HIS A 657 -1.98 37.03 -3.70
C HIS A 657 -2.65 35.83 -4.35
N VAL A 658 -3.63 36.08 -5.21
CA VAL A 658 -4.28 35.04 -6.01
C VAL A 658 -4.01 35.38 -7.48
N CYS A 659 -3.02 34.73 -8.07
CA CYS A 659 -2.49 35.12 -9.37
C CYS A 659 -2.80 34.06 -10.42
N THR A 660 -3.18 34.52 -11.61
CA THR A 660 -3.18 33.72 -12.82
C THR A 660 -1.95 34.06 -13.64
N VAL A 661 -1.52 33.12 -14.48
CA VAL A 661 -0.34 33.29 -15.33
C VAL A 661 -0.80 33.78 -16.69
N LEU A 662 -0.20 34.85 -17.17
CA LEU A 662 -0.64 35.54 -18.38
C LEU A 662 0.28 35.21 -19.56
N ARG A 663 -0.21 35.52 -20.76
CA ARG A 663 0.50 35.23 -22.00
C ARG A 663 1.11 36.48 -22.62
N PRO B 15 -26.53 -6.76 -1.79
CA PRO B 15 -25.21 -7.30 -1.42
C PRO B 15 -24.18 -6.19 -1.19
N THR B 16 -23.82 -5.97 0.08
CA THR B 16 -22.90 -4.90 0.45
C THR B 16 -21.47 -5.43 0.49
N VAL B 17 -20.52 -4.61 0.03
CA VAL B 17 -19.11 -4.95 0.20
C VAL B 17 -18.79 -5.05 1.67
N VAL B 18 -19.41 -4.21 2.50
CA VAL B 18 -19.08 -4.10 3.91
C VAL B 18 -20.11 -4.87 4.72
N GLY B 19 -19.64 -5.53 5.78
CA GLY B 19 -20.51 -6.25 6.67
C GLY B 19 -21.06 -5.36 7.77
N ARG B 20 -21.81 -5.99 8.68
CA ARG B 20 -22.40 -5.24 9.79
C ARG B 20 -21.32 -4.53 10.60
N ILE B 21 -20.28 -5.25 10.97
CA ILE B 21 -19.12 -4.70 11.66
C ILE B 21 -17.94 -4.72 10.68
N PRO B 22 -17.50 -3.56 10.19
CA PRO B 22 -16.50 -3.54 9.11
C PRO B 22 -15.20 -4.28 9.45
N VAL B 23 -14.80 -5.18 8.55
CA VAL B 23 -13.50 -5.83 8.53
C VAL B 23 -12.88 -5.56 7.17
N LEU B 24 -11.77 -4.82 7.15
CA LEU B 24 -11.21 -4.35 5.88
C LEU B 24 -9.71 -4.58 5.82
N ASP B 25 -9.21 -4.74 4.59
CA ASP B 25 -7.78 -4.75 4.28
C ASP B 25 -7.02 -5.74 5.15
N VAL B 26 -7.49 -6.99 5.14
CA VAL B 26 -6.79 -8.05 5.86
C VAL B 26 -5.41 -8.26 5.25
N ARG B 27 -4.40 -8.36 6.10
CA ARG B 27 -3.03 -8.59 5.68
C ARG B 27 -2.44 -9.71 6.53
N PRO B 28 -1.43 -10.42 6.01
CA PRO B 28 -0.78 -10.24 4.71
C PRO B 28 -1.68 -10.59 3.52
N VAL B 29 -1.41 -9.96 2.38
CA VAL B 29 -2.12 -10.25 1.14
C VAL B 29 -1.12 -10.13 -0.01
N VAL B 30 -1.17 -11.09 -0.93
CA VAL B 30 -0.26 -11.13 -2.08
C VAL B 30 -1.11 -11.05 -3.33
N GLN B 31 -0.87 -10.00 -4.14
CA GLN B 31 -1.57 -9.80 -5.41
C GLN B 31 -3.08 -9.76 -5.23
N ARG B 32 -3.53 -9.07 -4.17
CA ARG B 32 -4.95 -8.88 -3.91
C ARG B 32 -5.68 -10.20 -3.71
N GLY B 33 -4.97 -11.23 -3.23
CA GLY B 33 -5.58 -12.50 -2.92
C GLY B 33 -5.43 -13.59 -3.97
N ARG B 34 -4.82 -13.28 -5.11
CA ARG B 34 -4.73 -14.25 -6.20
C ARG B 34 -3.49 -15.14 -6.11
N ARG B 35 -2.53 -14.80 -5.25
CA ARG B 35 -1.41 -15.67 -4.94
C ARG B 35 -1.34 -15.83 -3.43
N PRO B 36 -0.82 -16.96 -2.94
CA PRO B 36 -0.81 -17.20 -1.49
C PRO B 36 0.27 -16.43 -0.77
N ALA B 37 -0.04 -16.04 0.46
CA ALA B 37 0.99 -15.68 1.41
C ALA B 37 1.71 -16.95 1.87
N LYS B 38 2.93 -16.78 2.37
CA LYS B 38 3.80 -17.91 2.64
C LYS B 38 4.20 -18.00 4.10
N ALA B 39 4.43 -19.23 4.55
CA ALA B 39 4.98 -19.52 5.86
C ALA B 39 5.62 -20.90 5.79
N VAL B 40 6.29 -21.28 6.88
CA VAL B 40 6.79 -22.63 7.03
C VAL B 40 6.30 -23.18 8.35
N THR B 41 6.35 -24.51 8.47
CA THR B 41 5.96 -25.20 9.69
C THR B 41 6.61 -24.58 10.91
N GLY B 42 5.79 -24.19 11.88
CA GLY B 42 6.29 -23.61 13.11
C GLY B 42 6.65 -22.14 13.05
N GLU B 43 6.35 -21.46 11.96
CA GLU B 43 6.68 -20.05 11.82
C GLU B 43 5.52 -19.17 12.27
N SER B 44 5.86 -18.10 12.98
CA SER B 44 4.86 -17.15 13.48
C SER B 44 4.86 -15.90 12.62
N PHE B 45 3.66 -15.35 12.40
CA PHE B 45 3.53 -14.08 11.70
C PHE B 45 2.21 -13.44 12.12
N GLU B 46 2.11 -12.15 11.84
CA GLU B 46 0.96 -11.36 12.27
C GLU B 46 -0.09 -11.28 11.17
N VAL B 47 -1.33 -11.56 11.53
CA VAL B 47 -2.50 -11.28 10.70
C VAL B 47 -3.15 -10.00 11.23
N SER B 48 -3.39 -9.05 10.34
CA SER B 48 -3.93 -7.75 10.74
C SER B 48 -5.15 -7.41 9.91
N ALA B 49 -5.87 -6.38 10.35
CA ALA B 49 -7.06 -5.90 9.68
C ALA B 49 -7.44 -4.55 10.26
N THR B 50 -8.23 -3.80 9.49
CA THR B 50 -8.82 -2.55 9.95
C THR B 50 -10.23 -2.85 10.43
N VAL B 51 -10.48 -2.64 11.72
CA VAL B 51 -11.72 -3.03 12.36
C VAL B 51 -12.26 -1.86 13.17
N PHE B 52 -13.55 -1.57 13.00
CA PHE B 52 -14.22 -0.50 13.74
C PHE B 52 -15.72 -0.68 13.54
N ARG B 53 -16.50 0.15 14.24
CA ARG B 53 -17.95 0.11 14.13
C ARG B 53 -18.50 1.53 14.25
N GLU B 54 -19.79 1.67 13.99
CA GLU B 54 -20.46 2.95 14.18
C GLU B 54 -20.73 3.18 15.66
N GLY B 55 -20.80 4.45 16.05
CA GLY B 55 -20.98 4.76 17.45
C GLY B 55 -19.68 4.61 18.22
N HIS B 56 -19.81 4.67 19.55
CA HIS B 56 -18.64 4.67 20.43
C HIS B 56 -18.48 3.38 21.22
N ASP B 57 -19.37 2.40 21.04
CA ASP B 57 -19.23 1.14 21.75
C ASP B 57 -18.01 0.37 21.26
N ALA B 58 -17.55 -0.57 22.07
CA ALA B 58 -16.31 -1.29 21.79
C ALA B 58 -16.52 -2.36 20.73
N VAL B 59 -15.41 -2.74 20.08
CA VAL B 59 -15.39 -3.85 19.14
C VAL B 59 -14.34 -4.84 19.60
N GLY B 60 -14.46 -6.07 19.09
CA GLY B 60 -13.43 -7.07 19.25
C GLY B 60 -13.20 -7.80 17.95
N ALA B 61 -12.11 -8.56 17.90
CA ALA B 61 -11.74 -9.25 16.67
C ALA B 61 -10.86 -10.45 17.00
N ASN B 62 -10.90 -11.44 16.10
CA ASN B 62 -10.14 -12.68 16.27
C ASN B 62 -9.82 -13.25 14.90
N VAL B 63 -8.77 -14.08 14.86
CA VAL B 63 -8.27 -14.68 13.63
C VAL B 63 -8.60 -16.16 13.62
N VAL B 64 -9.21 -16.62 12.54
CA VAL B 64 -9.55 -18.03 12.36
C VAL B 64 -8.66 -18.58 11.24
N LEU B 65 -7.67 -19.38 11.62
CA LEU B 65 -6.76 -20.00 10.66
C LEU B 65 -7.18 -21.45 10.46
N ARG B 66 -7.43 -21.83 9.21
CA ARG B 66 -7.96 -23.15 8.88
C ARG B 66 -6.90 -24.00 8.18
N ASP B 67 -6.78 -25.25 8.60
CA ASP B 67 -5.80 -26.16 8.05
C ASP B 67 -6.29 -26.71 6.71
N PRO B 68 -5.46 -27.48 5.99
CA PRO B 68 -5.86 -27.92 4.63
C PRO B 68 -7.19 -28.67 4.57
N ARG B 69 -7.68 -29.22 5.68
CA ARG B 69 -8.96 -29.91 5.67
C ARG B 69 -10.10 -29.04 6.20
N GLY B 70 -9.82 -27.79 6.56
CA GLY B 70 -10.83 -26.87 7.03
C GLY B 70 -10.94 -26.74 8.54
N ARG B 71 -10.09 -27.43 9.29
CA ARG B 71 -10.20 -27.46 10.74
C ARG B 71 -9.60 -26.20 11.37
N PRO B 72 -10.42 -25.38 12.02
CA PRO B 72 -9.93 -24.11 12.56
C PRO B 72 -8.94 -24.33 13.70
N GLY B 73 -8.09 -23.32 13.89
CA GLY B 73 -7.09 -23.36 14.94
C GLY B 73 -7.66 -22.86 16.26
N PRO B 74 -6.78 -22.52 17.19
CA PRO B 74 -7.24 -22.08 18.51
C PRO B 74 -7.80 -20.67 18.47
N TRP B 75 -8.62 -20.37 19.47
CA TRP B 75 -9.14 -19.02 19.66
C TRP B 75 -7.99 -18.02 19.76
N THR B 76 -8.00 -17.03 18.86
CA THR B 76 -6.87 -16.12 18.67
C THR B 76 -7.37 -14.69 18.63
N PRO B 77 -7.56 -14.06 19.80
CA PRO B 77 -8.11 -12.71 19.82
C PRO B 77 -7.09 -11.67 19.35
N MET B 78 -7.60 -10.60 18.78
CA MET B 78 -6.78 -9.51 18.28
C MET B 78 -6.83 -8.32 19.23
N ARG B 79 -5.85 -7.42 19.06
CA ARG B 79 -5.76 -6.20 19.86
C ARG B 79 -5.47 -5.03 18.94
N GLU B 80 -6.01 -3.85 19.27
CA GLU B 80 -5.68 -2.66 18.52
C GLU B 80 -4.18 -2.38 18.65
N LEU B 81 -3.49 -2.32 17.51
CA LEU B 81 -2.04 -2.26 17.51
C LEU B 81 -1.49 -0.89 17.88
N ALA B 82 -2.27 0.19 17.70
CA ALA B 82 -1.85 1.52 18.09
C ALA B 82 -3.08 2.36 18.36
N PRO B 83 -3.04 3.26 19.34
CA PRO B 83 -4.26 4.00 19.72
C PRO B 83 -4.82 4.83 18.57
N GLY B 84 -6.14 4.78 18.42
CA GLY B 84 -6.83 5.60 17.43
C GLY B 84 -6.58 5.24 15.99
N THR B 85 -6.02 4.07 15.69
CA THR B 85 -5.75 3.68 14.32
C THR B 85 -6.77 2.70 13.75
N ASP B 86 -7.54 2.02 14.60
CA ASP B 86 -8.45 0.95 14.21
C ASP B 86 -7.76 -0.17 13.44
N ARG B 87 -6.44 -0.31 13.60
CA ARG B 87 -5.69 -1.43 13.03
C ARG B 87 -5.48 -2.48 14.11
N TRP B 88 -5.98 -3.69 13.87
CA TRP B 88 -5.94 -4.77 14.83
C TRP B 88 -5.06 -5.90 14.31
N GLY B 89 -4.52 -6.70 15.22
CA GLY B 89 -3.62 -7.76 14.83
C GLY B 89 -3.54 -8.85 15.88
N ALA B 90 -3.05 -10.01 15.43
CA ALA B 90 -2.81 -11.16 16.31
C ALA B 90 -1.88 -12.12 15.61
N THR B 91 -1.04 -12.78 16.41
CA THR B 91 -0.05 -13.70 15.90
C THR B 91 -0.63 -15.10 15.74
N VAL B 92 -0.32 -15.73 14.60
CA VAL B 92 -0.69 -17.11 14.34
C VAL B 92 0.59 -17.88 14.05
N THR B 93 0.50 -19.21 14.17
CA THR B 93 1.63 -20.08 13.91
C THR B 93 1.19 -21.17 12.94
N ALA B 94 1.97 -21.33 11.87
CA ALA B 94 1.65 -22.31 10.84
C ALA B 94 2.00 -23.72 11.30
N GLY B 95 1.14 -24.67 10.97
CA GLY B 95 1.36 -26.07 11.34
C GLY B 95 1.91 -26.91 10.21
N GLU B 96 1.21 -27.99 9.87
CA GLU B 96 1.67 -28.90 8.84
C GLU B 96 1.64 -28.22 7.46
N THR B 97 2.38 -28.82 6.53
CA THR B 97 2.50 -28.25 5.19
C THR B 97 1.19 -28.42 4.41
N GLY B 98 0.94 -27.48 3.51
CA GLY B 98 -0.22 -27.51 2.65
C GLY B 98 -0.77 -26.11 2.46
N THR B 99 -1.96 -26.04 1.88
CA THR B 99 -2.63 -24.78 1.62
C THR B 99 -3.64 -24.50 2.73
N TRP B 100 -3.42 -23.43 3.48
CA TRP B 100 -4.30 -23.03 4.55
C TRP B 100 -5.15 -21.84 4.10
N SER B 101 -6.03 -21.40 4.99
CA SER B 101 -6.80 -20.17 4.78
C SER B 101 -6.93 -19.47 6.12
N TYR B 102 -7.11 -18.15 6.07
CA TYR B 102 -7.39 -17.41 7.29
C TYR B 102 -8.41 -16.32 7.04
N THR B 103 -9.32 -16.16 7.99
CA THR B 103 -10.32 -15.10 8.01
C THR B 103 -10.14 -14.28 9.27
N VAL B 104 -10.65 -13.06 9.25
CA VAL B 104 -10.74 -12.21 10.43
C VAL B 104 -12.21 -12.03 10.76
N GLU B 105 -12.56 -12.25 12.02
CA GLU B 105 -13.92 -12.05 12.50
C GLU B 105 -13.93 -10.85 13.44
N ALA B 106 -14.87 -9.93 13.21
CA ALA B 106 -15.05 -8.79 14.10
C ALA B 106 -16.48 -8.79 14.63
N TRP B 107 -16.66 -8.14 15.77
CA TRP B 107 -17.91 -8.24 16.50
C TRP B 107 -18.02 -7.09 17.50
N GLY B 108 -19.26 -6.69 17.75
CA GLY B 108 -19.51 -5.78 18.86
C GLY B 108 -19.10 -6.43 20.17
N ASP B 109 -18.55 -5.62 21.06
CA ASP B 109 -18.12 -6.11 22.37
C ASP B 109 -19.00 -5.48 23.45
N PRO B 110 -20.22 -5.97 23.64
CA PRO B 110 -21.15 -5.30 24.58
C PRO B 110 -20.68 -5.31 26.03
N VAL B 111 -19.95 -6.36 26.44
CA VAL B 111 -19.55 -6.47 27.84
C VAL B 111 -18.54 -5.40 28.21
N THR B 112 -17.50 -5.23 27.38
CA THR B 112 -16.53 -4.16 27.62
C THR B 112 -17.22 -2.80 27.66
N THR B 113 -18.16 -2.56 26.75
CA THR B 113 -18.89 -1.30 26.75
C THR B 113 -19.67 -1.11 28.05
N TRP B 114 -20.37 -2.15 28.50
CA TRP B 114 -21.16 -2.03 29.73
C TRP B 114 -20.27 -1.92 30.96
N ARG B 115 -19.16 -2.67 31.00
CA ARG B 115 -18.23 -2.56 32.11
C ARG B 115 -17.70 -1.13 32.22
N HIS B 116 -17.15 -0.59 31.14
CA HIS B 116 -16.52 0.72 31.17
C HIS B 116 -17.50 1.79 31.67
N HIS B 117 -18.77 1.67 31.30
CA HIS B 117 -19.76 2.65 31.71
C HIS B 117 -20.39 2.33 33.07
N ALA B 118 -20.42 1.06 33.47
CA ALA B 118 -20.91 0.73 34.80
C ALA B 118 -19.90 1.12 35.87
N ARG B 119 -18.61 1.17 35.52
CA ARG B 119 -17.59 1.59 36.46
C ARG B 119 -17.62 3.10 36.71
N ILE B 120 -18.38 3.85 35.92
CA ILE B 120 -18.60 5.28 36.15
C ILE B 120 -19.91 5.53 36.88
N LYS B 121 -20.99 4.91 36.40
CA LYS B 121 -22.34 5.28 36.83
C LYS B 121 -22.69 4.74 38.22
N ILE B 122 -22.18 3.58 38.59
CA ILE B 122 -22.47 3.00 39.91
C ILE B 122 -21.76 3.79 41.01
N PRO B 123 -20.46 4.09 40.91
CA PRO B 123 -19.81 4.86 41.99
C PRO B 123 -20.36 6.26 42.16
N ALA B 124 -21.08 6.80 41.18
CA ALA B 124 -21.65 8.12 41.32
C ALA B 124 -23.17 8.09 41.39
N GLY B 125 -23.76 6.92 41.59
CA GLY B 125 -25.17 6.81 41.95
C GLY B 125 -26.14 7.05 40.82
N LEU B 126 -25.69 6.99 39.56
CA LEU B 126 -26.58 7.24 38.42
C LEU B 126 -27.17 5.93 37.94
N ASP B 127 -28.51 5.87 37.92
CA ASP B 127 -29.25 4.83 37.20
C ASP B 127 -28.86 3.42 37.63
N THR B 128 -28.42 3.25 38.88
CA THR B 128 -27.73 2.03 39.26
C THR B 128 -28.60 0.79 39.08
N ASP B 129 -29.87 0.86 39.51
CA ASP B 129 -30.74 -0.30 39.37
C ASP B 129 -30.97 -0.66 37.90
N LEU B 130 -31.16 0.35 37.05
CA LEU B 130 -31.32 0.10 35.62
C LEU B 130 -30.01 -0.37 34.98
N VAL B 131 -28.86 0.12 35.48
CA VAL B 131 -27.59 -0.26 34.90
C VAL B 131 -27.23 -1.69 35.28
N LEU B 132 -27.41 -2.05 36.55
CA LEU B 132 -27.06 -3.40 36.99
C LEU B 132 -27.95 -4.46 36.36
N GLU B 133 -29.22 -4.13 36.11
CA GLU B 133 -30.11 -5.07 35.44
C GLU B 133 -29.73 -5.25 33.97
N GLU B 134 -29.22 -4.19 33.33
CA GLU B 134 -28.72 -4.30 31.96
C GLU B 134 -27.50 -5.22 31.89
N GLY B 135 -26.65 -5.20 32.92
CA GLY B 135 -25.53 -6.13 32.96
C GLY B 135 -25.95 -7.57 33.19
N ALA B 136 -27.01 -7.76 33.98
CA ALA B 136 -27.53 -9.11 34.19
C ALA B 136 -28.05 -9.70 32.89
N ARG B 137 -28.68 -8.86 32.05
CA ARG B 137 -29.22 -9.36 30.78
C ARG B 137 -28.11 -9.70 29.80
N LEU B 138 -26.97 -8.98 29.87
CA LEU B 138 -25.83 -9.30 29.02
C LEU B 138 -25.20 -10.63 29.42
N TYR B 139 -24.85 -10.76 30.71
CA TYR B 139 -24.22 -11.99 31.18
C TYR B 139 -25.11 -13.20 30.96
N GLU B 140 -26.44 -13.00 30.96
CA GLU B 140 -27.36 -14.08 30.64
C GLU B 140 -27.21 -14.53 29.19
N ARG B 141 -27.16 -13.57 28.26
CA ARG B 141 -26.88 -13.90 26.87
C ARG B 141 -25.48 -14.49 26.71
N ALA B 142 -24.56 -14.13 27.61
CA ALA B 142 -23.21 -14.66 27.55
C ALA B 142 -23.18 -16.15 27.93
N ALA B 143 -23.96 -16.53 28.94
CA ALA B 143 -23.98 -17.92 29.38
C ALA B 143 -24.67 -18.85 28.39
N ALA B 144 -25.57 -18.31 27.55
CA ALA B 144 -26.27 -19.15 26.59
C ALA B 144 -25.33 -19.70 25.52
N ASP B 145 -24.25 -18.98 25.22
CA ASP B 145 -23.27 -19.39 24.24
C ASP B 145 -21.98 -19.92 24.87
N VAL B 146 -22.06 -20.38 26.12
CA VAL B 146 -20.92 -20.96 26.82
C VAL B 146 -21.13 -22.48 26.87
N PRO B 147 -20.19 -23.28 26.39
CA PRO B 147 -20.44 -24.72 26.23
C PRO B 147 -20.36 -25.53 27.52
N GLY B 148 -19.37 -25.24 28.36
CA GLY B 148 -19.17 -26.01 29.58
C GLY B 148 -20.04 -25.52 30.73
N ARG B 149 -20.57 -26.47 31.50
CA ARG B 149 -21.56 -26.14 32.52
C ARG B 149 -20.95 -25.47 33.74
N GLU B 150 -19.73 -25.87 34.13
CA GLU B 150 -19.05 -25.17 35.21
C GLU B 150 -18.87 -23.69 34.86
N ASP B 151 -18.51 -23.41 33.61
CA ASP B 151 -18.45 -22.04 33.13
C ASP B 151 -19.85 -21.41 33.09
N ARG B 152 -20.87 -22.20 32.78
CA ARG B 152 -22.21 -21.66 32.60
C ARG B 152 -22.82 -21.20 33.92
N ARG B 153 -22.40 -21.79 35.04
CA ARG B 153 -22.90 -21.39 36.35
C ARG B 153 -22.11 -20.25 36.95
N GLU B 154 -20.82 -20.16 36.63
CA GLU B 154 -20.03 -19.01 37.05
C GLU B 154 -20.66 -17.72 36.54
N LEU B 155 -21.24 -17.75 35.33
CA LEU B 155 -21.88 -16.58 34.74
C LEU B 155 -23.26 -16.33 35.34
N LEU B 156 -24.01 -17.40 35.61
CA LEU B 156 -25.33 -17.25 36.22
C LEU B 156 -25.23 -16.82 37.68
N ALA B 157 -24.11 -17.12 38.35
CA ALA B 157 -23.90 -16.61 39.70
C ALA B 157 -23.74 -15.10 39.70
N ALA B 158 -23.00 -14.57 38.72
CA ALA B 158 -22.87 -13.12 38.61
C ALA B 158 -24.19 -12.47 38.21
N VAL B 159 -24.99 -13.16 37.39
CA VAL B 159 -26.30 -12.64 37.01
C VAL B 159 -27.18 -12.47 38.25
N ASP B 160 -27.24 -13.51 39.10
CA ASP B 160 -28.08 -13.45 40.28
C ASP B 160 -27.58 -12.41 41.27
N ALA B 161 -26.27 -12.30 41.44
CA ALA B 161 -25.71 -11.26 42.32
C ALA B 161 -25.94 -9.87 41.75
N LEU B 162 -26.00 -9.74 40.42
CA LEU B 162 -26.32 -8.44 39.83
C LEU B 162 -27.76 -8.04 40.11
N ARG B 163 -28.67 -9.01 40.16
CA ARG B 163 -30.09 -8.75 40.37
C ARG B 163 -30.48 -8.70 41.85
N ASP B 164 -29.53 -8.87 42.76
CA ASP B 164 -29.81 -8.95 44.20
C ASP B 164 -29.96 -7.54 44.76
N GLU B 165 -31.18 -7.03 44.75
CA GLU B 165 -31.45 -5.67 45.20
C GLU B 165 -31.20 -5.46 46.69
N SER B 166 -30.96 -6.53 47.46
CA SER B 166 -30.75 -6.42 48.89
C SER B 166 -29.31 -6.14 49.27
N ARG B 167 -28.41 -6.00 48.31
CA ARG B 167 -27.00 -5.75 48.55
C ARG B 167 -26.58 -4.41 47.94
N PRO B 168 -25.48 -3.81 48.42
CA PRO B 168 -25.05 -2.54 47.85
C PRO B 168 -24.80 -2.63 46.35
N ALA B 169 -25.05 -1.53 45.65
CA ALA B 169 -24.84 -1.49 44.21
C ALA B 169 -23.38 -1.78 43.86
N ALA B 170 -22.44 -1.31 44.69
CA ALA B 170 -21.05 -1.63 44.47
C ALA B 170 -20.75 -3.10 44.73
N SER B 171 -21.53 -3.74 45.61
CA SER B 171 -21.39 -5.17 45.82
C SER B 171 -21.94 -5.96 44.64
N ARG B 172 -23.08 -5.53 44.10
CA ARG B 172 -23.68 -6.23 42.96
C ARG B 172 -22.80 -6.11 41.72
N LEU B 173 -22.26 -4.92 41.47
CA LEU B 173 -21.43 -4.71 40.29
C LEU B 173 -20.14 -5.54 40.36
N ALA B 174 -19.44 -5.46 41.49
CA ALA B 174 -18.15 -6.15 41.63
C ALA B 174 -18.27 -7.66 41.51
N ALA B 175 -19.47 -8.21 41.68
CA ALA B 175 -19.67 -9.65 41.52
C ALA B 175 -19.61 -10.09 40.06
N ALA B 176 -19.70 -9.14 39.13
CA ALA B 176 -19.60 -9.43 37.71
C ALA B 176 -18.26 -9.01 37.11
N LEU B 177 -17.31 -8.58 37.95
CA LEU B 177 -16.01 -8.09 37.50
C LEU B 177 -14.86 -8.84 38.16
N THR B 178 -15.05 -10.11 38.48
CA THR B 178 -14.04 -10.88 39.17
C THR B 178 -13.18 -11.66 38.18
N PRO B 179 -11.94 -12.00 38.57
CA PRO B 179 -11.08 -12.78 37.65
C PRO B 179 -11.67 -14.10 37.20
N GLN B 180 -12.56 -14.71 38.00
CA GLN B 180 -13.19 -15.96 37.60
C GLN B 180 -14.29 -15.76 36.58
N VAL B 181 -14.85 -14.55 36.49
CA VAL B 181 -15.73 -14.21 35.38
C VAL B 181 -14.91 -13.67 34.21
N ASP B 182 -13.75 -13.05 34.48
CA ASP B 182 -12.82 -12.69 33.42
C ASP B 182 -12.43 -13.90 32.59
N ALA B 183 -12.22 -15.05 33.24
CA ALA B 183 -11.70 -16.23 32.54
C ALA B 183 -12.70 -16.78 31.53
N VAL B 184 -13.96 -16.97 31.96
CA VAL B 184 -14.98 -17.50 31.05
C VAL B 184 -15.18 -16.56 29.86
N LEU B 185 -15.20 -15.24 30.13
CA LEU B 185 -15.44 -14.27 29.07
C LEU B 185 -14.23 -14.07 28.18
N ALA B 186 -13.01 -14.16 28.72
CA ALA B 186 -11.82 -14.10 27.88
C ALA B 186 -11.64 -15.36 27.04
N ARG B 187 -12.50 -16.35 27.19
CA ARG B 187 -12.51 -17.55 26.35
C ARG B 187 -13.75 -17.65 25.48
N HIS B 188 -14.93 -17.39 26.03
CA HIS B 188 -16.18 -17.37 25.28
C HIS B 188 -16.89 -16.04 25.48
N PRO B 189 -16.36 -14.97 24.89
CA PRO B 189 -16.97 -13.65 25.08
C PRO B 189 -18.28 -13.52 24.32
N LEU B 190 -19.12 -12.61 24.78
CA LEU B 190 -20.35 -12.29 24.07
C LEU B 190 -20.00 -11.43 22.86
N ARG B 191 -20.23 -11.97 21.67
CA ARG B 191 -19.88 -11.30 20.43
C ARG B 191 -21.17 -10.92 19.70
N ASP B 192 -21.34 -9.63 19.45
CA ASP B 192 -22.51 -9.12 18.74
C ASP B 192 -22.18 -8.92 17.27
N LEU B 193 -23.15 -9.23 16.41
CA LEU B 193 -23.10 -8.89 14.99
C LEU B 193 -21.80 -9.37 14.34
N VAL B 194 -21.46 -10.65 14.60
CA VAL B 194 -20.19 -11.19 14.14
C VAL B 194 -20.11 -11.07 12.63
N THR B 195 -19.07 -10.41 12.14
CA THR B 195 -18.85 -10.17 10.72
C THR B 195 -17.51 -10.78 10.33
N SER B 196 -17.48 -11.43 9.17
CA SER B 196 -16.31 -12.16 8.73
C SER B 196 -15.77 -11.58 7.42
N SER B 197 -14.46 -11.66 7.26
CA SER B 197 -13.82 -11.32 5.99
C SER B 197 -13.83 -12.53 5.06
N ASP B 198 -13.52 -12.28 3.79
CA ASP B 198 -13.38 -13.39 2.87
C ASP B 198 -12.04 -14.09 3.11
N PRO B 199 -12.00 -15.42 2.98
CA PRO B 199 -10.76 -16.16 3.28
C PRO B 199 -9.62 -15.74 2.37
N LEU B 200 -8.41 -15.70 2.95
CA LEU B 200 -7.18 -15.45 2.22
C LEU B 200 -6.29 -16.69 2.27
N PRO B 201 -5.68 -17.07 1.15
CA PRO B 201 -4.90 -18.31 1.13
C PRO B 201 -3.54 -18.17 1.77
N LEU B 202 -3.08 -19.27 2.36
CA LEU B 202 -1.74 -19.35 2.94
C LEU B 202 -1.10 -20.66 2.53
N LEU B 203 0.10 -20.58 1.96
CA LEU B 203 0.86 -21.77 1.56
C LEU B 203 1.92 -22.03 2.63
N VAL B 204 1.78 -23.16 3.32
CA VAL B 204 2.72 -23.58 4.35
C VAL B 204 3.63 -24.65 3.78
N GLU B 205 4.94 -24.42 3.84
CA GLU B 205 5.94 -25.31 3.26
C GLU B 205 6.90 -25.78 4.36
N ARG B 206 7.84 -26.63 3.98
CA ARG B 206 8.67 -27.29 4.99
C ARG B 206 9.72 -26.34 5.55
N GLU B 207 10.29 -26.75 6.69
CA GLU B 207 11.22 -25.90 7.43
C GLU B 207 12.38 -25.43 6.55
N ARG B 208 12.94 -26.32 5.73
CA ARG B 208 14.13 -25.99 4.96
C ARG B 208 13.89 -24.86 3.98
N ALA B 209 12.64 -24.61 3.58
CA ALA B 209 12.36 -23.49 2.69
C ALA B 209 12.77 -22.15 3.30
N LEU B 210 12.63 -22.01 4.62
CA LEU B 210 13.00 -20.78 5.32
C LEU B 210 14.36 -20.85 5.99
N TYR B 211 14.71 -21.99 6.59
CA TYR B 211 15.89 -22.09 7.45
C TYR B 211 16.85 -23.14 6.92
N GLY B 212 18.13 -22.78 6.83
CA GLY B 212 19.15 -23.69 6.37
C GLY B 212 20.46 -23.02 6.06
N ALA B 213 21.57 -23.74 6.22
CA ALA B 213 22.89 -23.24 5.87
C ALA B 213 23.39 -23.96 4.62
N TRP B 214 23.89 -23.20 3.66
CA TRP B 214 24.17 -23.67 2.30
C TRP B 214 25.66 -23.61 2.01
N TYR B 215 26.16 -24.61 1.29
CA TYR B 215 27.57 -24.67 0.92
C TYR B 215 27.70 -25.10 -0.53
N GLU B 216 28.43 -24.32 -1.33
CA GLU B 216 28.61 -24.58 -2.75
C GLU B 216 30.07 -24.95 -3.03
N PHE B 217 30.28 -26.07 -3.73
CA PHE B 217 31.62 -26.42 -4.19
C PHE B 217 31.55 -27.20 -5.50
N PHE B 218 32.68 -27.18 -6.23
CA PHE B 218 32.81 -27.83 -7.53
C PHE B 218 33.36 -29.24 -7.33
N PRO B 219 32.57 -30.30 -7.55
CA PRO B 219 33.13 -31.66 -7.43
C PRO B 219 34.40 -31.89 -8.23
N ARG B 220 34.49 -31.34 -9.45
CA ARG B 220 35.65 -31.60 -10.30
C ARG B 220 36.95 -31.07 -9.71
N SER B 221 36.87 -30.14 -8.75
CA SER B 221 38.09 -29.57 -8.17
C SER B 221 38.75 -30.52 -7.16
N GLU B 222 38.01 -31.49 -6.62
CA GLU B 222 38.53 -32.38 -5.60
C GLU B 222 39.02 -33.69 -6.22
N GLY B 223 40.14 -33.59 -6.92
CA GLY B 223 40.72 -34.71 -7.64
C GLY B 223 41.82 -35.41 -6.87
N THR B 224 42.74 -36.03 -7.61
CA THR B 224 43.87 -36.75 -7.08
C THR B 224 45.10 -36.36 -7.90
N PRO B 225 46.31 -36.64 -7.42
CA PRO B 225 47.50 -36.36 -8.24
C PRO B 225 47.48 -37.04 -9.59
N HIS B 226 47.02 -38.29 -9.65
CA HIS B 226 47.00 -39.02 -10.91
C HIS B 226 45.81 -38.63 -11.78
N THR B 227 44.66 -38.33 -11.17
CA THR B 227 43.45 -37.94 -11.89
C THR B 227 42.98 -36.58 -11.36
N PRO B 228 43.51 -35.48 -11.89
CA PRO B 228 43.18 -34.17 -11.33
C PRO B 228 41.70 -33.82 -11.40
N HIS B 229 40.98 -34.24 -12.45
CA HIS B 229 39.56 -33.98 -12.53
C HIS B 229 38.83 -34.89 -11.54
N GLY B 230 38.23 -34.29 -10.53
CA GLY B 230 37.54 -35.08 -9.52
C GLY B 230 36.31 -35.76 -10.06
N THR B 231 35.88 -36.78 -9.33
CA THR B 231 34.68 -37.54 -9.61
C THR B 231 33.71 -37.39 -8.44
N PHE B 232 32.49 -37.89 -8.62
CA PHE B 232 31.57 -37.94 -7.50
C PHE B 232 32.13 -38.77 -6.35
N ARG B 233 32.99 -39.74 -6.66
CA ARG B 233 33.50 -40.62 -5.61
C ARG B 233 34.67 -39.99 -4.86
N THR B 234 35.51 -39.20 -5.53
CA THR B 234 36.52 -38.45 -4.79
C THR B 234 35.90 -37.25 -4.09
N ALA B 235 35.04 -36.50 -4.78
CA ALA B 235 34.43 -35.30 -4.19
C ALA B 235 33.57 -35.62 -2.96
N ALA B 236 33.14 -36.88 -2.80
CA ALA B 236 32.39 -37.24 -1.61
C ALA B 236 33.23 -37.14 -0.35
N ARG B 237 34.56 -37.11 -0.48
CA ARG B 237 35.43 -36.97 0.68
C ARG B 237 35.30 -35.62 1.36
N ARG B 238 34.81 -34.60 0.64
CA ARG B 238 34.60 -33.28 1.22
C ARG B 238 33.35 -33.22 2.08
N LEU B 239 32.42 -34.15 1.88
CA LEU B 239 31.14 -34.09 2.61
C LEU B 239 31.30 -34.10 4.12
N PRO B 240 32.17 -34.92 4.73
CA PRO B 240 32.30 -34.86 6.19
C PRO B 240 32.75 -33.49 6.70
N ALA B 241 33.70 -32.85 6.02
CA ALA B 241 34.12 -31.52 6.44
C ALA B 241 32.97 -30.52 6.33
N ILE B 242 32.17 -30.63 5.27
CA ILE B 242 31.05 -29.72 5.06
C ILE B 242 30.01 -29.92 6.16
N ALA B 243 29.68 -31.18 6.47
CA ALA B 243 28.74 -31.43 7.56
C ALA B 243 29.32 -30.98 8.90
N ALA B 244 30.62 -31.17 9.09
CA ALA B 244 31.26 -30.76 10.34
C ALA B 244 31.24 -29.25 10.53
N MET B 245 31.15 -28.48 9.45
CA MET B 245 30.98 -27.04 9.55
C MET B 245 29.54 -26.63 9.85
N GLY B 246 28.62 -27.58 9.98
CA GLY B 246 27.25 -27.27 10.32
C GLY B 246 26.35 -26.90 9.16
N PHE B 247 26.67 -27.29 7.94
CA PHE B 247 25.83 -26.99 6.79
C PHE B 247 24.78 -28.07 6.60
N ASP B 248 23.66 -27.69 5.98
CA ASP B 248 22.56 -28.61 5.72
C ASP B 248 22.35 -28.90 4.25
N VAL B 249 22.81 -28.02 3.36
CA VAL B 249 22.54 -28.12 1.93
C VAL B 249 23.84 -27.93 1.17
N VAL B 250 24.15 -28.85 0.27
CA VAL B 250 25.30 -28.75 -0.63
C VAL B 250 24.77 -28.39 -2.02
N TYR B 251 25.20 -27.25 -2.54
CA TYR B 251 24.76 -26.77 -3.85
C TYR B 251 25.88 -27.00 -4.85
N LEU B 252 25.61 -27.82 -5.87
CA LEU B 252 26.56 -28.20 -6.90
C LEU B 252 26.30 -27.39 -8.17
N PRO B 253 27.34 -26.87 -8.80
CA PRO B 253 27.21 -26.36 -10.18
C PRO B 253 26.78 -27.48 -11.11
N PRO B 254 26.36 -27.15 -12.33
CA PRO B 254 25.83 -28.19 -13.24
C PRO B 254 26.77 -29.40 -13.37
N ILE B 255 26.17 -30.58 -13.33
CA ILE B 255 26.89 -31.85 -13.30
C ILE B 255 26.82 -32.58 -14.64
N HIS B 256 26.48 -31.87 -15.71
CA HIS B 256 26.21 -32.46 -17.02
C HIS B 256 27.43 -32.31 -17.93
N PRO B 257 27.43 -32.98 -19.09
CA PRO B 257 28.53 -32.77 -20.04
C PRO B 257 28.63 -31.32 -20.46
N ILE B 258 29.84 -30.92 -20.85
CA ILE B 258 30.16 -29.53 -21.17
C ILE B 258 30.56 -29.44 -22.63
N GLY B 259 30.01 -28.45 -23.33
CA GLY B 259 30.28 -28.31 -24.75
C GLY B 259 31.73 -27.98 -25.05
N THR B 260 32.10 -28.20 -26.31
CA THR B 260 33.43 -27.89 -26.83
C THR B 260 33.43 -26.69 -27.76
N THR B 261 32.38 -26.51 -28.57
CA THR B 261 32.29 -25.36 -29.44
C THR B 261 32.24 -24.08 -28.62
N HIS B 262 33.17 -23.17 -28.89
CA HIS B 262 33.29 -21.89 -28.20
C HIS B 262 33.46 -22.05 -26.69
N ARG B 263 34.00 -23.19 -26.25
CA ARG B 263 34.30 -23.39 -24.83
C ARG B 263 35.25 -22.30 -24.34
N LYS B 264 34.91 -21.71 -23.20
CA LYS B 264 35.72 -20.62 -22.66
C LYS B 264 36.96 -21.17 -21.97
N GLY B 265 38.05 -20.39 -22.02
CA GLY B 265 39.30 -20.75 -21.40
C GLY B 265 39.44 -20.16 -20.01
N ARG B 266 40.62 -20.37 -19.43
CA ARG B 266 40.90 -19.87 -18.09
C ARG B 266 40.77 -18.35 -18.04
N ASN B 267 40.32 -17.85 -16.89
CA ASN B 267 40.12 -16.41 -16.67
C ASN B 267 39.13 -15.81 -17.64
N ASN B 268 38.16 -16.63 -18.09
CA ASN B 268 37.07 -16.16 -18.96
C ASN B 268 37.58 -15.74 -20.34
N THR B 269 38.56 -16.47 -20.87
CA THR B 269 39.05 -16.20 -22.21
C THR B 269 38.21 -16.94 -23.26
N LEU B 270 38.21 -16.40 -24.49
CA LEU B 270 37.25 -16.86 -25.49
C LEU B 270 37.59 -18.23 -26.05
N SER B 271 38.88 -18.58 -26.14
CA SER B 271 39.29 -19.84 -26.76
C SER B 271 39.94 -20.74 -25.71
N ALA B 272 39.31 -21.88 -25.45
CA ALA B 272 39.92 -22.91 -24.62
C ALA B 272 41.06 -23.57 -25.36
N THR B 273 42.09 -23.98 -24.62
CA THR B 273 43.27 -24.60 -25.21
C THR B 273 43.60 -25.88 -24.45
N GLY B 274 43.80 -26.97 -25.20
CA GLY B 274 44.31 -28.20 -24.65
C GLY B 274 43.41 -28.87 -23.63
N ASP B 275 43.75 -28.72 -22.35
CA ASP B 275 43.12 -29.47 -21.28
C ASP B 275 42.03 -28.70 -20.55
N ASP B 276 41.75 -27.46 -20.97
CA ASP B 276 40.79 -26.62 -20.27
C ASP B 276 39.44 -27.32 -20.13
N VAL B 277 38.82 -27.17 -18.95
CA VAL B 277 37.61 -27.93 -18.63
C VAL B 277 36.32 -27.22 -19.01
N GLY B 278 36.37 -25.92 -19.27
CA GLY B 278 35.19 -25.17 -19.63
C GLY B 278 34.28 -24.87 -18.44
N SER B 279 33.27 -24.06 -18.71
CA SER B 279 32.32 -23.70 -17.67
C SER B 279 31.24 -24.75 -17.56
N PRO B 280 30.89 -25.19 -16.35
CA PRO B 280 29.83 -26.19 -16.20
C PRO B 280 28.46 -25.73 -16.70
N TRP B 281 28.24 -24.41 -16.81
CA TRP B 281 26.94 -23.92 -17.24
C TRP B 281 26.76 -23.96 -18.76
N ALA B 282 27.80 -24.29 -19.52
CA ALA B 282 27.69 -24.48 -20.97
C ALA B 282 27.32 -25.95 -21.23
N ILE B 283 26.06 -26.24 -20.96
CA ILE B 283 25.58 -27.61 -20.81
C ILE B 283 25.36 -28.26 -22.17
N GLY B 284 25.69 -29.54 -22.26
CA GLY B 284 25.33 -30.32 -23.43
C GLY B 284 26.46 -30.62 -24.39
N SER B 285 26.52 -31.88 -24.84
CA SER B 285 27.50 -32.37 -25.79
C SER B 285 26.92 -33.65 -26.40
N PRO B 286 27.60 -34.30 -27.35
CA PRO B 286 27.12 -35.62 -27.81
C PRO B 286 27.03 -36.63 -26.68
N GLU B 287 27.72 -36.40 -25.56
CA GLU B 287 27.66 -37.31 -24.43
C GLU B 287 26.33 -37.24 -23.70
N GLY B 288 25.60 -36.14 -23.81
CA GLY B 288 24.29 -36.04 -23.19
C GLY B 288 23.94 -34.60 -22.88
N GLY B 289 22.73 -34.43 -22.36
CA GLY B 289 22.21 -33.13 -21.99
C GLY B 289 21.90 -32.99 -20.51
N HIS B 290 20.81 -32.28 -20.18
CA HIS B 290 20.48 -31.98 -18.79
C HIS B 290 20.10 -33.22 -17.99
N ASP B 291 19.86 -34.36 -18.63
CA ASP B 291 19.60 -35.60 -17.90
C ASP B 291 20.79 -36.54 -17.90
N SER B 292 21.99 -36.01 -18.09
CA SER B 292 23.20 -36.80 -18.21
C SER B 292 24.25 -36.35 -17.19
N ILE B 293 25.19 -37.24 -16.91
CA ILE B 293 26.32 -36.98 -16.03
C ILE B 293 27.54 -36.67 -16.88
N HIS B 294 28.29 -35.66 -16.49
CA HIS B 294 29.61 -35.43 -17.09
C HIS B 294 30.44 -36.70 -16.96
N PRO B 295 30.99 -37.23 -18.06
CA PRO B 295 31.71 -38.52 -17.97
C PRO B 295 32.93 -38.47 -17.05
N ALA B 296 33.58 -37.31 -16.90
CA ALA B 296 34.67 -37.21 -15.95
C ALA B 296 34.20 -37.19 -14.50
N LEU B 297 32.90 -37.03 -14.26
CA LEU B 297 32.36 -37.12 -12.90
C LEU B 297 31.87 -38.52 -12.55
N GLY B 298 31.79 -39.42 -13.52
CA GLY B 298 31.35 -40.77 -13.24
C GLY B 298 30.00 -41.09 -13.85
N THR B 299 29.29 -42.04 -13.26
CA THR B 299 28.00 -42.47 -13.76
C THR B 299 26.88 -42.00 -12.86
N LEU B 300 25.65 -42.20 -13.33
CA LEU B 300 24.46 -41.95 -12.52
C LEU B 300 24.47 -42.82 -11.27
N ASP B 301 25.16 -43.97 -11.32
CA ASP B 301 25.29 -44.81 -10.13
C ASP B 301 26.18 -44.14 -9.09
N ASP B 302 27.31 -43.57 -9.52
CA ASP B 302 28.16 -42.82 -8.59
C ASP B 302 27.41 -41.65 -7.98
N PHE B 303 26.52 -41.02 -8.76
CA PHE B 303 25.75 -39.90 -8.23
C PHE B 303 24.85 -40.35 -7.08
N ASP B 304 24.19 -41.50 -7.23
CA ASP B 304 23.38 -42.04 -6.15
C ASP B 304 24.23 -42.27 -4.90
N HIS B 305 25.45 -42.77 -5.09
CA HIS B 305 26.36 -42.97 -3.95
C HIS B 305 26.69 -41.65 -3.28
N PHE B 306 26.98 -40.61 -4.09
CA PHE B 306 27.24 -39.28 -3.54
C PHE B 306 26.05 -38.76 -2.76
N VAL B 307 24.85 -38.87 -3.34
CA VAL B 307 23.63 -38.41 -2.66
C VAL B 307 23.41 -39.19 -1.38
N THR B 308 23.62 -40.51 -1.42
CA THR B 308 23.42 -41.33 -0.23
C THR B 308 24.40 -40.95 0.87
N GLU B 309 25.67 -40.77 0.52
CA GLU B 309 26.66 -40.35 1.52
C GLU B 309 26.32 -38.98 2.10
N ALA B 310 25.80 -38.07 1.26
CA ALA B 310 25.40 -36.77 1.76
C ALA B 310 24.23 -36.90 2.73
N GLY B 311 23.23 -37.71 2.39
CA GLY B 311 22.09 -37.90 3.27
C GLY B 311 22.48 -38.46 4.63
N LYS B 312 23.46 -39.37 4.65
CA LYS B 312 23.90 -39.94 5.93
C LYS B 312 24.49 -38.88 6.84
N LEU B 313 25.06 -37.82 6.28
CA LEU B 313 25.67 -36.74 7.05
C LEU B 313 24.71 -35.59 7.31
N GLY B 314 23.42 -35.77 7.02
CA GLY B 314 22.45 -34.70 7.19
C GLY B 314 22.51 -33.63 6.12
N LEU B 315 23.01 -33.95 4.94
CA LEU B 315 23.18 -32.99 3.87
C LEU B 315 22.20 -33.27 2.73
N GLU B 316 21.42 -32.26 2.36
CA GLU B 316 20.58 -32.31 1.17
C GLU B 316 21.34 -31.73 -0.02
N ILE B 317 21.09 -32.29 -1.20
CA ILE B 317 21.74 -31.84 -2.43
C ILE B 317 20.81 -30.87 -3.14
N ALA B 318 21.38 -29.76 -3.61
CA ALA B 318 20.69 -28.82 -4.47
C ALA B 318 21.45 -28.75 -5.78
N LEU B 319 20.78 -29.13 -6.87
CA LEU B 319 21.39 -29.10 -8.20
C LEU B 319 21.09 -27.77 -8.88
N ASP B 320 22.07 -27.29 -9.64
CA ASP B 320 21.88 -26.12 -10.48
C ASP B 320 21.03 -26.49 -11.70
N PHE B 321 19.98 -25.73 -11.97
CA PHE B 321 19.18 -25.88 -13.17
C PHE B 321 19.35 -24.63 -14.03
N ALA B 322 20.04 -24.78 -15.16
CA ALA B 322 20.33 -23.68 -16.08
C ALA B 322 19.64 -23.98 -17.41
N LEU B 323 18.52 -23.31 -17.67
CA LEU B 323 17.74 -23.54 -18.89
C LEU B 323 18.41 -22.80 -20.04
N GLN B 324 19.42 -23.45 -20.60
CA GLN B 324 20.28 -22.92 -21.66
C GLN B 324 21.07 -24.10 -22.22
N CYS B 325 21.85 -23.84 -23.27
CA CYS B 325 22.53 -24.91 -23.99
C CYS B 325 23.86 -24.42 -24.55
N SER B 326 24.86 -25.30 -24.51
CA SER B 326 26.04 -25.11 -25.35
C SER B 326 25.64 -25.35 -26.81
N PRO B 327 26.47 -24.90 -27.76
CA PRO B 327 26.15 -25.16 -29.18
C PRO B 327 26.12 -26.65 -29.52
N ASP B 328 26.67 -27.52 -28.68
CA ASP B 328 26.72 -28.95 -28.94
C ASP B 328 25.63 -29.73 -28.23
N HIS B 329 24.72 -29.06 -27.53
CA HIS B 329 23.66 -29.75 -26.83
C HIS B 329 22.75 -30.46 -27.82
N PRO B 330 22.30 -31.68 -27.51
CA PRO B 330 21.39 -32.39 -28.44
C PRO B 330 20.15 -31.60 -28.83
N TRP B 331 19.67 -30.70 -27.96
CA TRP B 331 18.48 -29.93 -28.30
C TRP B 331 18.70 -29.09 -29.56
N VAL B 332 19.94 -28.74 -29.86
CA VAL B 332 20.20 -27.78 -30.94
C VAL B 332 19.70 -28.33 -32.27
N HIS B 333 19.80 -29.64 -32.48
CA HIS B 333 19.30 -30.25 -33.71
C HIS B 333 18.01 -31.04 -33.51
N LYS B 334 17.70 -31.50 -32.30
CA LYS B 334 16.45 -32.20 -32.08
C LYS B 334 15.27 -31.25 -31.93
N HIS B 335 15.49 -30.07 -31.35
CA HIS B 335 14.44 -29.08 -31.15
C HIS B 335 14.94 -27.71 -31.62
N PRO B 336 15.14 -27.53 -32.93
CA PRO B 336 15.63 -26.23 -33.40
C PRO B 336 14.70 -25.07 -33.10
N GLU B 337 13.40 -25.34 -32.96
CA GLU B 337 12.43 -24.28 -32.68
C GLU B 337 12.46 -23.82 -31.23
N TRP B 338 13.27 -24.43 -30.37
CA TRP B 338 13.49 -23.94 -29.02
C TRP B 338 14.54 -22.83 -28.97
N PHE B 339 14.98 -22.34 -30.13
CA PHE B 339 15.99 -21.30 -30.21
C PHE B 339 15.57 -20.29 -31.26
N HIS B 340 16.02 -19.04 -31.11
CA HIS B 340 15.77 -18.01 -32.11
C HIS B 340 16.93 -17.99 -33.09
N HIS B 341 16.62 -18.13 -34.38
CA HIS B 341 17.61 -18.15 -35.45
C HIS B 341 17.52 -16.85 -36.24
N ARG B 342 18.69 -16.24 -36.48
CA ARG B 342 18.79 -15.08 -37.33
C ARG B 342 18.57 -15.49 -38.78
N PRO B 343 18.42 -14.53 -39.70
CA PRO B 343 18.17 -14.89 -41.11
C PRO B 343 19.17 -15.87 -41.70
N ASP B 344 20.45 -15.81 -41.30
CA ASP B 344 21.41 -16.75 -41.84
C ASP B 344 21.41 -18.10 -41.12
N GLY B 345 20.52 -18.30 -40.15
CA GLY B 345 20.38 -19.57 -39.47
C GLY B 345 21.11 -19.68 -38.15
N THR B 346 22.06 -18.79 -37.87
CA THR B 346 22.84 -18.89 -36.65
C THR B 346 22.02 -18.46 -35.43
N ILE B 347 22.45 -18.93 -34.26
CA ILE B 347 21.83 -18.59 -32.98
C ILE B 347 22.79 -17.68 -32.22
N ALA B 348 22.34 -16.48 -31.89
CA ALA B 348 23.19 -15.56 -31.14
C ALA B 348 23.42 -16.09 -29.71
N HIS B 349 24.63 -15.89 -29.21
CA HIS B 349 24.95 -16.39 -27.87
C HIS B 349 24.25 -15.55 -26.81
N ALA B 350 24.02 -16.17 -25.66
CA ALA B 350 23.28 -15.53 -24.58
C ALA B 350 24.10 -14.38 -23.98
N GLU B 351 23.38 -13.36 -23.51
CA GLU B 351 23.99 -12.21 -22.88
C GLU B 351 23.17 -11.82 -21.65
N ASN B 352 23.76 -10.96 -20.83
CA ASN B 352 23.22 -10.46 -19.58
C ASN B 352 24.05 -9.23 -19.24
N PRO B 353 23.85 -8.13 -19.99
CA PRO B 353 24.94 -7.18 -20.18
C PRO B 353 25.39 -6.58 -18.86
N PRO B 354 26.66 -6.12 -18.79
CA PRO B 354 27.61 -6.17 -19.92
C PRO B 354 28.32 -7.52 -20.06
N LYS B 355 27.81 -8.54 -19.37
CA LYS B 355 28.39 -9.86 -19.43
C LYS B 355 27.93 -10.60 -20.70
N LYS B 356 28.86 -11.34 -21.30
CA LYS B 356 28.58 -12.10 -22.52
C LYS B 356 28.98 -13.56 -22.30
N TYR B 357 28.13 -14.47 -22.80
CA TYR B 357 28.35 -15.91 -22.68
C TYR B 357 28.48 -16.51 -24.08
N GLN B 358 29.65 -16.30 -24.70
CA GLN B 358 29.87 -16.79 -26.06
C GLN B 358 29.79 -18.31 -26.16
N ASP B 359 29.74 -19.01 -25.04
CA ASP B 359 29.76 -20.47 -25.03
C ASP B 359 28.38 -21.10 -24.87
N ILE B 360 27.31 -20.31 -24.77
CA ILE B 360 25.96 -20.85 -24.61
C ILE B 360 24.98 -20.10 -25.51
N TYR B 361 23.85 -20.77 -25.76
CA TYR B 361 22.67 -20.29 -26.46
C TYR B 361 21.53 -20.08 -25.48
N PRO B 362 20.80 -18.97 -25.58
CA PRO B 362 19.57 -18.83 -24.79
C PRO B 362 18.41 -19.55 -25.47
N ILE B 363 17.38 -19.81 -24.69
CA ILE B 363 16.21 -20.55 -25.14
C ILE B 363 15.14 -19.56 -25.60
N ALA B 364 14.49 -19.89 -26.72
CA ALA B 364 13.32 -19.16 -27.20
C ALA B 364 12.08 -19.92 -26.79
N PHE B 365 11.10 -19.21 -26.21
CA PHE B 365 9.99 -19.86 -25.53
C PHE B 365 8.66 -19.74 -26.25
N ASP B 366 8.57 -18.99 -27.34
CA ASP B 366 7.29 -18.63 -27.92
C ASP B 366 6.90 -19.46 -29.14
N ALA B 367 7.78 -20.32 -29.63
CA ALA B 367 7.41 -21.21 -30.73
C ALA B 367 6.78 -22.50 -30.23
N ASP B 368 7.33 -23.07 -29.15
CA ASP B 368 6.84 -24.34 -28.59
C ASP B 368 6.88 -24.26 -27.08
N PRO B 369 6.03 -23.44 -26.47
CA PRO B 369 6.05 -23.31 -25.00
C PRO B 369 5.68 -24.59 -24.29
N ASP B 370 4.78 -25.39 -24.87
CA ASP B 370 4.35 -26.63 -24.22
C ASP B 370 5.46 -27.68 -24.24
N GLY B 371 6.19 -27.79 -25.36
CA GLY B 371 7.28 -28.74 -25.41
C GLY B 371 8.37 -28.43 -24.40
N LEU B 372 8.68 -27.15 -24.22
CA LEU B 372 9.69 -26.76 -23.24
C LEU B 372 9.25 -27.09 -21.82
N ALA B 373 8.00 -26.75 -21.47
CA ALA B 373 7.51 -27.05 -20.13
C ALA B 373 7.46 -28.54 -19.87
N THR B 374 7.04 -29.32 -20.88
CA THR B 374 6.99 -30.77 -20.73
C THR B 374 8.39 -31.34 -20.52
N GLU B 375 9.36 -30.87 -21.29
CA GLU B 375 10.72 -31.38 -21.15
C GLU B 375 11.39 -30.90 -19.87
N THR B 376 11.06 -29.69 -19.41
CA THR B 376 11.65 -29.16 -18.19
C THR B 376 11.23 -29.97 -16.98
N VAL B 377 9.93 -30.21 -16.82
CA VAL B 377 9.47 -30.96 -15.65
C VAL B 377 9.90 -32.42 -15.74
N ARG B 378 10.09 -32.95 -16.96
CA ARG B 378 10.65 -34.30 -17.07
C ARG B 378 12.05 -34.36 -16.49
N ILE B 379 12.89 -33.38 -16.84
CA ILE B 379 14.26 -33.35 -16.35
C ILE B 379 14.28 -33.22 -14.83
N LEU B 380 13.50 -32.28 -14.29
CA LEU B 380 13.47 -32.10 -12.84
C LEU B 380 13.00 -33.36 -12.13
N ARG B 381 11.96 -34.02 -12.66
CA ARG B 381 11.49 -35.26 -12.06
C ARG B 381 12.51 -36.38 -12.17
N HIS B 382 13.37 -36.34 -13.19
CA HIS B 382 14.45 -37.32 -13.28
C HIS B 382 15.38 -37.20 -12.08
N TRP B 383 15.85 -35.99 -11.80
CA TRP B 383 16.74 -35.79 -10.66
C TRP B 383 16.01 -35.93 -9.34
N MET B 384 14.73 -35.55 -9.28
CA MET B 384 13.94 -35.78 -8.08
C MET B 384 13.83 -37.26 -7.76
N ASP B 385 13.78 -38.11 -8.79
CA ASP B 385 13.78 -39.55 -8.58
C ASP B 385 15.10 -40.06 -8.04
N HIS B 386 16.18 -39.29 -8.19
CA HIS B 386 17.47 -39.64 -7.64
C HIS B 386 17.81 -38.83 -6.40
N GLY B 387 16.79 -38.31 -5.71
CA GLY B 387 16.96 -37.73 -4.39
C GLY B 387 17.17 -36.23 -4.33
N VAL B 388 17.06 -35.52 -5.45
CA VAL B 388 17.27 -34.08 -5.46
C VAL B 388 15.93 -33.41 -5.22
N ARG B 389 15.78 -32.75 -4.07
CA ARG B 389 14.56 -32.04 -3.72
C ARG B 389 14.75 -30.53 -3.65
N ILE B 390 15.89 -30.03 -4.10
CA ILE B 390 16.16 -28.59 -4.13
C ILE B 390 16.83 -28.25 -5.46
N PHE B 391 16.39 -27.16 -6.09
CA PHE B 391 16.97 -26.71 -7.35
C PHE B 391 17.34 -25.25 -7.24
N ARG B 392 18.60 -24.93 -7.55
CA ARG B 392 19.04 -23.55 -7.66
C ARG B 392 18.86 -23.14 -9.12
N VAL B 393 17.89 -22.28 -9.38
CA VAL B 393 17.46 -21.97 -10.73
C VAL B 393 18.33 -20.84 -11.26
N ASP B 394 19.12 -21.15 -12.28
CA ASP B 394 20.04 -20.20 -12.88
C ASP B 394 19.29 -19.12 -13.64
N ASN B 395 19.52 -17.86 -13.26
CA ASN B 395 19.07 -16.69 -14.01
C ASN B 395 17.59 -16.73 -14.43
N PRO B 396 16.67 -16.97 -13.49
CA PRO B 396 15.26 -17.16 -13.91
C PRO B 396 14.67 -15.95 -14.61
N HIS B 397 15.22 -14.76 -14.41
CA HIS B 397 14.63 -13.52 -14.94
C HIS B 397 14.92 -13.29 -16.42
N THR B 398 15.75 -14.11 -17.05
CA THR B 398 15.95 -14.02 -18.50
C THR B 398 15.02 -14.96 -19.27
N LYS B 399 14.21 -15.73 -18.56
CA LYS B 399 13.18 -16.61 -19.09
C LYS B 399 11.80 -16.09 -18.67
N PRO B 400 10.74 -16.45 -19.37
CA PRO B 400 9.42 -15.86 -19.08
C PRO B 400 8.94 -16.18 -17.67
N VAL B 401 8.41 -15.15 -17.00
CA VAL B 401 7.90 -15.31 -15.63
C VAL B 401 6.81 -16.38 -15.58
N ALA B 402 5.89 -16.37 -16.55
CA ALA B 402 4.79 -17.33 -16.55
C ALA B 402 5.29 -18.77 -16.73
N PHE B 403 6.41 -18.96 -17.41
CA PHE B 403 6.96 -20.30 -17.57
C PHE B 403 7.35 -20.90 -16.21
N TRP B 404 8.00 -20.11 -15.36
CA TRP B 404 8.37 -20.61 -14.04
C TRP B 404 7.14 -20.85 -13.18
N GLU B 405 6.14 -19.96 -13.27
CA GLU B 405 4.88 -20.19 -12.57
C GLU B 405 4.28 -21.55 -12.95
N ARG B 406 4.28 -21.84 -14.25
CA ARG B 406 3.73 -23.11 -14.72
C ARG B 406 4.59 -24.29 -14.29
N VAL B 407 5.92 -24.16 -14.40
CA VAL B 407 6.80 -25.27 -14.05
C VAL B 407 6.72 -25.56 -12.56
N ILE B 408 6.79 -24.52 -11.72
CA ILE B 408 6.79 -24.71 -10.28
C ILE B 408 5.48 -25.33 -9.81
N ALA B 409 4.35 -24.85 -10.34
CA ALA B 409 3.05 -25.39 -9.95
C ALA B 409 2.90 -26.85 -10.38
N ASP B 410 3.47 -27.21 -11.52
CA ASP B 410 3.43 -28.61 -11.96
C ASP B 410 4.19 -29.50 -11.01
N ILE B 411 5.44 -29.12 -10.68
CA ILE B 411 6.29 -29.96 -9.84
C ILE B 411 5.73 -30.03 -8.41
N ASN B 412 5.35 -28.88 -7.85
CA ASN B 412 4.85 -28.87 -6.48
C ASN B 412 3.48 -29.52 -6.36
N GLY B 413 2.71 -29.57 -7.45
CA GLY B 413 1.42 -30.24 -7.39
C GLY B 413 1.55 -31.71 -7.04
N THR B 414 2.56 -32.39 -7.59
CA THR B 414 2.83 -33.78 -7.24
C THR B 414 3.87 -33.91 -6.12
N ASP B 415 4.74 -32.93 -5.95
CA ASP B 415 5.83 -32.99 -4.97
C ASP B 415 5.96 -31.65 -4.28
N PRO B 416 5.10 -31.36 -3.31
CA PRO B 416 5.13 -30.04 -2.66
C PRO B 416 6.39 -29.77 -1.84
N ASP B 417 7.22 -30.79 -1.58
CA ASP B 417 8.43 -30.60 -0.80
C ASP B 417 9.57 -29.98 -1.60
N VAL B 418 9.50 -30.01 -2.93
CA VAL B 418 10.60 -29.49 -3.75
C VAL B 418 10.74 -28.00 -3.53
N ILE B 419 11.98 -27.55 -3.35
CA ILE B 419 12.31 -26.15 -3.08
C ILE B 419 13.00 -25.58 -4.31
N PHE B 420 12.60 -24.36 -4.69
CA PHE B 420 13.18 -23.65 -5.83
C PHE B 420 13.80 -22.34 -5.35
N LEU B 421 15.07 -22.11 -5.71
CA LEU B 421 15.81 -20.93 -5.33
C LEU B 421 16.11 -20.09 -6.57
N ALA B 422 15.71 -18.82 -6.55
CA ALA B 422 15.81 -17.94 -7.70
C ALA B 422 17.10 -17.13 -7.67
N GLU B 423 17.95 -17.33 -8.66
CA GLU B 423 19.19 -16.56 -8.80
C GLU B 423 18.95 -15.32 -9.66
N ALA B 424 18.13 -14.41 -9.13
CA ALA B 424 17.70 -13.23 -9.85
C ALA B 424 18.30 -11.98 -9.21
N PHE B 425 19.49 -11.59 -9.67
CA PHE B 425 20.09 -10.30 -9.30
C PHE B 425 19.64 -9.28 -10.33
N THR B 426 18.51 -8.63 -10.06
CA THR B 426 17.91 -7.75 -11.07
C THR B 426 17.11 -6.65 -10.36
N ARG B 427 16.20 -6.02 -11.08
CA ARG B 427 15.43 -4.93 -10.54
C ARG B 427 14.40 -5.45 -9.53
N PRO B 428 13.94 -4.58 -8.61
CA PRO B 428 13.10 -5.06 -7.50
C PRO B 428 11.77 -5.70 -7.93
N ALA B 429 11.14 -5.19 -8.99
CA ALA B 429 9.82 -5.71 -9.36
C ALA B 429 9.90 -7.17 -9.79
N MET B 430 10.89 -7.50 -10.63
CA MET B 430 11.05 -8.88 -11.10
C MET B 430 11.40 -9.80 -9.94
N MET B 431 12.25 -9.36 -9.03
CA MET B 431 12.64 -10.18 -7.88
C MET B 431 11.44 -10.52 -7.02
N ALA B 432 10.58 -9.54 -6.74
CA ALA B 432 9.38 -9.80 -5.95
C ALA B 432 8.42 -10.74 -6.70
N THR B 433 8.20 -10.48 -7.99
CA THR B 433 7.23 -11.26 -8.75
C THR B 433 7.62 -12.73 -8.81
N LEU B 434 8.92 -13.02 -8.96
CA LEU B 434 9.37 -14.39 -9.07
C LEU B 434 9.09 -15.18 -7.80
N ALA B 435 9.31 -14.56 -6.64
CA ALA B 435 8.93 -15.20 -5.38
C ALA B 435 7.42 -15.36 -5.30
N GLN B 436 6.68 -14.33 -5.72
CA GLN B 436 5.22 -14.37 -5.63
C GLN B 436 4.59 -15.42 -6.52
N ILE B 437 5.25 -15.84 -7.59
CA ILE B 437 4.67 -16.84 -8.49
C ILE B 437 5.14 -18.26 -8.16
N GLY B 438 5.86 -18.44 -7.05
CA GLY B 438 6.16 -19.79 -6.63
C GLY B 438 7.54 -20.05 -6.06
N PHE B 439 8.52 -19.19 -6.35
CA PHE B 439 9.89 -19.47 -5.93
C PHE B 439 10.00 -19.45 -4.41
N GLN B 440 10.41 -20.59 -3.84
CA GLN B 440 10.48 -20.74 -2.39
C GLN B 440 11.52 -19.81 -1.76
N GLN B 441 12.65 -19.62 -2.45
CA GLN B 441 13.74 -18.82 -1.93
C GLN B 441 14.24 -17.87 -3.01
N SER B 442 14.91 -16.80 -2.58
CA SER B 442 15.43 -15.80 -3.50
C SER B 442 16.83 -15.37 -3.07
N TYR B 443 17.76 -15.31 -4.02
CA TYR B 443 18.97 -14.54 -3.81
C TYR B 443 18.59 -13.08 -3.62
N THR B 444 19.51 -12.31 -3.03
CA THR B 444 19.19 -10.96 -2.55
C THR B 444 20.28 -9.99 -2.96
N TYR B 445 20.13 -8.75 -2.49
CA TYR B 445 21.13 -7.71 -2.63
C TYR B 445 22.18 -7.75 -1.52
N PHE B 446 22.24 -8.84 -0.75
CA PHE B 446 23.04 -8.88 0.47
C PHE B 446 24.49 -8.43 0.23
N THR B 447 25.17 -9.07 -0.73
CA THR B 447 26.58 -8.77 -0.97
C THR B 447 26.85 -7.30 -1.23
N TRP B 448 25.84 -6.53 -1.65
CA TRP B 448 26.01 -5.11 -1.96
C TRP B 448 25.44 -4.21 -0.86
N ARG B 449 25.23 -4.74 0.34
CA ARG B 449 24.80 -3.96 1.50
C ARG B 449 25.85 -4.15 2.59
N ASN B 450 26.75 -3.17 2.72
CA ASN B 450 27.90 -3.30 3.60
C ASN B 450 28.02 -2.21 4.66
N THR B 451 27.41 -1.04 4.47
CA THR B 451 27.40 -0.03 5.51
C THR B 451 26.22 -0.28 6.45
N LYS B 452 26.27 0.38 7.62
CA LYS B 452 25.21 0.19 8.60
C LYS B 452 23.86 0.65 8.04
N GLN B 453 23.85 1.75 7.29
CA GLN B 453 22.61 2.23 6.71
C GLN B 453 22.06 1.26 5.67
N GLU B 454 22.92 0.74 4.79
CA GLU B 454 22.48 -0.21 3.79
C GLU B 454 21.88 -1.45 4.42
N LEU B 455 22.56 -2.01 5.43
CA LEU B 455 22.10 -3.24 6.06
C LEU B 455 20.81 -3.01 6.83
N THR B 456 20.72 -1.88 7.54
CA THR B 456 19.51 -1.60 8.32
C THR B 456 18.31 -1.39 7.41
N GLU B 457 18.50 -0.65 6.32
CA GLU B 457 17.39 -0.38 5.40
C GLU B 457 16.97 -1.65 4.68
N TYR B 458 17.93 -2.42 4.16
CA TYR B 458 17.58 -3.61 3.38
C TYR B 458 16.97 -4.69 4.25
N LEU B 459 17.52 -4.91 5.44
CA LEU B 459 16.95 -5.94 6.31
C LEU B 459 15.61 -5.53 6.89
N THR B 460 15.37 -4.22 7.05
CA THR B 460 14.03 -3.77 7.41
C THR B 460 13.03 -4.11 6.31
N GLU B 461 13.44 -4.00 5.05
CA GLU B 461 12.57 -4.34 3.94
C GLU B 461 12.33 -5.84 3.86
N LEU B 462 13.39 -6.64 3.97
CA LEU B 462 13.24 -8.09 3.85
C LEU B 462 12.44 -8.70 4.99
N SER B 463 12.57 -8.15 6.20
CA SER B 463 11.86 -8.68 7.35
C SER B 463 10.44 -8.10 7.49
N GLY B 464 10.11 -7.07 6.72
CA GLY B 464 8.78 -6.48 6.77
C GLY B 464 7.77 -7.17 5.87
N GLU B 465 7.12 -6.39 5.01
CA GLU B 465 6.04 -6.95 4.18
C GLU B 465 6.57 -7.98 3.19
N ALA B 466 7.82 -7.84 2.74
CA ALA B 466 8.38 -8.80 1.79
C ALA B 466 8.45 -10.21 2.35
N ALA B 467 8.43 -10.36 3.69
CA ALA B 467 8.51 -11.68 4.30
C ALA B 467 7.26 -12.52 4.06
N SER B 468 6.17 -11.90 3.64
CA SER B 468 4.96 -12.68 3.35
C SER B 468 5.04 -13.42 2.02
N TYR B 469 6.06 -13.18 1.18
CA TYR B 469 6.20 -13.92 -0.07
C TYR B 469 7.64 -14.27 -0.45
N MET B 470 8.66 -13.68 0.17
CA MET B 470 10.04 -13.89 -0.23
C MET B 470 10.85 -14.42 0.94
N ARG B 471 11.61 -15.49 0.70
CA ARG B 471 12.53 -16.04 1.70
C ARG B 471 13.96 -15.82 1.23
N PRO B 472 14.75 -15.01 1.94
CA PRO B 472 16.08 -14.66 1.44
C PRO B 472 17.11 -15.74 1.75
N ASN B 473 18.04 -15.92 0.81
CA ASN B 473 19.20 -16.80 0.98
C ASN B 473 20.44 -15.94 0.88
N PHE B 474 21.08 -15.68 2.02
CA PHE B 474 22.23 -14.77 2.10
C PHE B 474 23.51 -15.53 1.81
N PHE B 475 23.91 -15.56 0.54
CA PHE B 475 25.26 -16.01 0.19
C PHE B 475 26.22 -14.85 0.40
N ALA B 476 27.20 -15.05 1.28
CA ALA B 476 28.21 -14.02 1.53
C ALA B 476 29.15 -13.87 0.34
N ASN B 477 29.30 -14.91 -0.46
CA ASN B 477 30.01 -14.84 -1.72
C ASN B 477 29.40 -15.87 -2.67
N THR B 478 29.68 -15.70 -3.95
CA THR B 478 29.31 -16.66 -4.99
C THR B 478 30.48 -16.76 -5.95
N PRO B 479 30.51 -17.75 -6.85
CA PRO B 479 31.58 -17.79 -7.85
C PRO B 479 31.65 -16.55 -8.74
N ASP B 480 30.61 -15.73 -8.78
CA ASP B 480 30.62 -14.52 -9.59
C ASP B 480 30.64 -13.24 -8.76
N ILE B 481 30.62 -13.33 -7.43
CA ILE B 481 30.55 -12.15 -6.57
C ILE B 481 31.63 -12.25 -5.50
N LEU B 482 32.72 -11.53 -5.69
CA LEU B 482 33.73 -11.25 -4.65
C LEU B 482 33.72 -9.74 -4.46
N HIS B 483 32.92 -9.27 -3.51
CA HIS B 483 32.74 -7.84 -3.32
C HIS B 483 34.05 -7.16 -2.91
N ALA B 484 34.14 -5.86 -3.19
CA ALA B 484 35.32 -5.09 -2.84
C ALA B 484 35.52 -5.00 -1.34
N TYR B 485 34.47 -5.22 -0.55
CA TYR B 485 34.61 -5.24 0.90
C TYR B 485 35.54 -6.37 1.34
N LEU B 486 35.33 -7.58 0.80
CA LEU B 486 36.21 -8.70 1.13
C LEU B 486 37.59 -8.51 0.52
N GLN B 487 37.65 -7.94 -0.68
CA GLN B 487 38.94 -7.71 -1.33
C GLN B 487 39.82 -6.80 -0.48
N HIS B 488 39.24 -5.73 0.05
CA HIS B 488 40.01 -4.72 0.77
C HIS B 488 40.12 -4.99 2.26
N GLY B 489 39.29 -5.87 2.81
CA GLY B 489 39.23 -6.06 4.24
C GLY B 489 39.94 -7.29 4.76
N GLY B 490 40.26 -8.23 3.87
CA GLY B 490 40.96 -9.43 4.28
C GLY B 490 40.11 -10.31 5.19
N ARG B 491 40.80 -11.16 5.94
CA ARG B 491 40.11 -12.07 6.86
C ARG B 491 39.14 -11.38 7.80
N PRO B 492 39.45 -10.23 8.42
CA PRO B 492 38.43 -9.55 9.25
C PRO B 492 37.13 -9.28 8.51
N ALA B 493 37.21 -8.88 7.23
CA ALA B 493 36.01 -8.70 6.43
C ALA B 493 35.25 -10.00 6.26
N PHE B 494 35.96 -11.09 5.95
CA PHE B 494 35.32 -12.40 5.83
C PHE B 494 34.63 -12.80 7.13
N GLU B 495 35.20 -12.41 8.28
CA GLU B 495 34.60 -12.79 9.55
C GLU B 495 33.36 -11.99 9.84
N VAL B 496 33.36 -10.70 9.47
CA VAL B 496 32.20 -9.84 9.70
C VAL B 496 31.03 -10.27 8.82
N ARG B 497 31.29 -10.48 7.53
CA ARG B 497 30.22 -10.87 6.62
C ARG B 497 29.61 -12.22 7.01
N ALA B 498 30.42 -13.12 7.57
CA ALA B 498 29.88 -14.39 8.04
C ALA B 498 28.95 -14.20 9.23
N VAL B 499 29.35 -13.34 10.18
CA VAL B 499 28.48 -13.04 11.33
C VAL B 499 27.16 -12.46 10.86
N LEU B 500 27.23 -11.44 9.99
CA LEU B 500 26.03 -10.76 9.52
C LEU B 500 25.09 -11.71 8.80
N ALA B 501 25.61 -12.46 7.83
CA ALA B 501 24.75 -13.33 7.02
C ALA B 501 24.11 -14.42 7.88
N ALA B 502 24.87 -14.97 8.83
CA ALA B 502 24.37 -16.09 9.62
C ALA B 502 23.33 -15.64 10.64
N THR B 503 23.44 -14.41 11.14
CA THR B 503 22.52 -13.92 12.15
C THR B 503 21.36 -13.10 11.58
N LEU B 504 21.51 -12.51 10.39
CA LEU B 504 20.45 -11.66 9.85
C LEU B 504 19.43 -12.41 9.01
N SER B 505 19.77 -13.59 8.48
CA SER B 505 18.81 -14.37 7.74
C SER B 505 18.81 -15.82 8.23
N PRO B 506 17.63 -16.44 8.34
CA PRO B 506 17.58 -17.86 8.70
C PRO B 506 18.12 -18.78 7.62
N THR B 507 18.45 -18.27 6.44
CA THR B 507 19.16 -19.05 5.43
C THR B 507 20.37 -18.26 4.95
N TRP B 508 21.54 -18.90 4.99
CA TRP B 508 22.77 -18.26 4.55
C TRP B 508 23.65 -19.31 3.90
N GLY B 509 24.67 -18.83 3.19
CA GLY B 509 25.53 -19.74 2.47
C GLY B 509 26.83 -19.11 2.06
N ILE B 510 27.81 -19.96 1.74
CA ILE B 510 29.10 -19.54 1.24
C ILE B 510 29.52 -20.46 0.10
N TYR B 511 30.42 -19.96 -0.73
CA TYR B 511 31.00 -20.74 -1.82
C TYR B 511 32.42 -21.10 -1.42
N SER B 512 32.77 -22.37 -1.62
CA SER B 512 34.06 -22.93 -1.19
C SER B 512 35.22 -22.03 -1.58
N GLY B 513 36.19 -21.92 -0.67
CA GLY B 513 37.25 -20.94 -0.74
C GLY B 513 37.04 -19.76 0.19
N TYR B 514 35.80 -19.52 0.63
CA TYR B 514 35.51 -18.43 1.55
C TYR B 514 36.17 -18.66 2.91
N GLU B 515 36.16 -19.91 3.40
CA GLU B 515 36.85 -20.24 4.65
C GLU B 515 38.30 -19.81 4.62
N LEU B 516 38.95 -19.89 3.44
CA LEU B 516 40.35 -19.54 3.29
C LEU B 516 40.55 -18.06 2.99
N CYS B 517 39.48 -17.28 2.93
CA CYS B 517 39.55 -15.84 2.70
C CYS B 517 40.21 -15.53 1.36
N GLU B 518 39.93 -16.34 0.35
CA GLU B 518 40.37 -16.01 -1.00
C GLU B 518 39.72 -14.71 -1.44
N ASN B 519 40.52 -13.76 -1.89
CA ASN B 519 39.95 -12.46 -2.21
C ASN B 519 40.81 -11.69 -3.21
N THR B 520 41.52 -12.41 -4.07
CA THR B 520 42.26 -11.79 -5.16
C THR B 520 41.30 -11.61 -6.34
N PRO B 521 40.94 -10.38 -6.70
CA PRO B 521 40.02 -10.18 -7.81
C PRO B 521 40.70 -10.40 -9.16
N LEU B 522 39.87 -10.57 -10.19
CA LEU B 522 40.39 -10.62 -11.55
C LEU B 522 41.17 -9.37 -11.88
N ARG B 523 40.65 -8.21 -11.49
CA ARG B 523 41.35 -6.95 -11.62
C ARG B 523 40.67 -5.95 -10.70
N GLU B 524 41.27 -4.78 -10.57
CA GLU B 524 40.68 -3.73 -9.76
C GLU B 524 39.38 -3.25 -10.41
N GLY B 525 38.31 -3.21 -9.62
CA GLY B 525 37.00 -2.85 -10.11
C GLY B 525 36.10 -4.02 -10.45
N SER B 526 36.63 -5.24 -10.49
CA SER B 526 35.87 -6.43 -10.82
C SER B 526 35.40 -7.15 -9.56
N GLU B 527 34.27 -7.83 -9.67
CA GLU B 527 33.80 -8.74 -8.64
C GLU B 527 34.03 -10.21 -9.02
N GLU B 528 34.84 -10.45 -10.05
CA GLU B 528 35.27 -11.79 -10.41
C GLU B 528 36.52 -12.17 -9.62
N TYR B 529 36.64 -13.46 -9.30
CA TYR B 529 37.88 -14.00 -8.76
C TYR B 529 38.92 -14.12 -9.88
N LEU B 530 40.17 -13.87 -9.54
CA LEU B 530 41.27 -14.23 -10.43
C LEU B 530 41.35 -15.76 -10.52
N ASP B 531 41.65 -16.25 -11.72
CA ASP B 531 41.75 -17.69 -11.98
C ASP B 531 40.49 -18.41 -11.50
N SER B 532 39.34 -17.90 -11.91
CA SER B 532 38.06 -18.36 -11.36
C SER B 532 37.88 -19.86 -11.52
N GLU B 533 37.35 -20.49 -10.47
CA GLU B 533 37.05 -21.92 -10.52
C GLU B 533 36.08 -22.27 -11.63
N LYS B 534 35.35 -21.27 -12.15
CA LYS B 534 34.40 -21.52 -13.22
C LYS B 534 35.07 -22.03 -14.49
N TYR B 535 36.36 -21.79 -14.66
CA TYR B 535 37.06 -22.15 -15.89
C TYR B 535 38.30 -23.02 -15.66
N GLN B 536 38.53 -23.49 -14.44
CA GLN B 536 39.71 -24.32 -14.19
C GLN B 536 39.53 -25.09 -12.90
N LEU B 537 40.21 -26.24 -12.83
CA LEU B 537 40.28 -27.00 -11.59
C LEU B 537 40.99 -26.17 -10.53
N LYS B 538 40.50 -26.25 -9.29
CA LYS B 538 41.04 -25.46 -8.18
C LYS B 538 41.27 -26.38 -6.98
N PRO B 539 42.36 -27.14 -6.99
CA PRO B 539 42.69 -27.95 -5.81
C PRO B 539 43.09 -27.04 -4.65
N ARG B 540 42.69 -27.44 -3.44
CA ARG B 540 42.93 -26.64 -2.24
C ARG B 540 43.51 -27.51 -1.14
N ASP B 541 44.54 -26.98 -0.46
CA ASP B 541 45.19 -27.66 0.66
C ASP B 541 44.38 -27.45 1.94
N TRP B 542 43.24 -28.13 2.02
CA TRP B 542 42.37 -28.01 3.19
C TRP B 542 43.08 -28.47 4.46
N THR B 543 43.89 -29.53 4.35
CA THR B 543 44.57 -30.06 5.54
C THR B 543 45.57 -29.05 6.09
N ARG B 544 46.33 -28.39 5.22
CA ARG B 544 47.32 -27.42 5.69
C ARG B 544 46.65 -26.20 6.29
N ALA B 545 45.53 -25.74 5.71
CA ALA B 545 44.86 -24.56 6.23
C ALA B 545 44.32 -24.80 7.63
N ALA B 546 43.82 -26.02 7.89
CA ALA B 546 43.33 -26.33 9.23
C ALA B 546 44.47 -26.34 10.24
N ARG B 547 45.57 -27.03 9.90
CA ARG B 547 46.70 -27.16 10.80
C ARG B 547 47.40 -25.82 11.03
N GLU B 548 47.43 -24.96 10.03
CA GLU B 548 48.06 -23.65 10.15
C GLU B 548 47.09 -22.56 10.59
N GLY B 549 45.83 -22.91 10.89
CA GLY B 549 44.86 -21.94 11.36
C GLY B 549 44.48 -20.85 10.38
N THR B 550 44.79 -21.01 9.09
CA THR B 550 44.47 -20.00 8.08
C THR B 550 43.08 -20.17 7.47
N THR B 551 42.14 -20.74 8.23
CA THR B 551 40.76 -20.89 7.78
C THR B 551 39.81 -20.43 8.87
N ILE B 552 38.71 -19.82 8.48
CA ILE B 552 37.68 -19.42 9.44
C ILE B 552 36.58 -20.46 9.57
N ALA B 553 36.82 -21.68 9.08
CA ALA B 553 35.92 -22.79 9.33
C ALA B 553 35.50 -22.92 10.79
N PRO B 554 36.39 -22.76 11.79
CA PRO B 554 35.90 -22.78 13.19
C PRO B 554 34.86 -21.72 13.47
N LEU B 555 35.07 -20.48 13.01
CA LEU B 555 34.04 -19.45 13.17
C LEU B 555 32.76 -19.84 12.44
N VAL B 556 32.89 -20.36 11.21
CA VAL B 556 31.72 -20.82 10.47
C VAL B 556 31.01 -21.93 11.24
N THR B 557 31.78 -22.87 11.79
CA THR B 557 31.19 -23.95 12.57
C THR B 557 30.45 -23.43 13.80
N ARG B 558 31.04 -22.47 14.51
CA ARG B 558 30.38 -21.96 15.70
CA ARG B 558 30.40 -21.93 15.70
C ARG B 558 29.10 -21.21 15.35
N LEU B 559 29.10 -20.45 14.25
CA LEU B 559 27.89 -19.73 13.85
C LEU B 559 26.74 -20.70 13.56
N ASN B 560 27.03 -21.82 12.90
CA ASN B 560 25.97 -22.79 12.63
C ASN B 560 25.52 -23.50 13.89
N THR B 561 26.44 -23.77 14.81
CA THR B 561 26.05 -24.31 16.11
C THR B 561 25.13 -23.35 16.85
N ILE B 562 25.46 -22.05 16.84
CA ILE B 562 24.64 -21.07 17.52
C ILE B 562 23.25 -21.00 16.89
N ARG B 563 23.17 -21.12 15.55
CA ARG B 563 21.88 -21.10 14.88
C ARG B 563 21.06 -22.35 15.20
N ARG B 564 21.72 -23.50 15.25
CA ARG B 564 21.02 -24.75 15.60
C ARG B 564 20.55 -24.76 17.05
N GLU B 565 21.08 -23.86 17.88
CA GLU B 565 20.78 -23.84 19.30
C GLU B 565 19.82 -22.73 19.70
N ASN B 566 19.54 -21.77 18.81
CA ASN B 566 18.73 -20.60 19.16
C ASN B 566 17.61 -20.39 18.14
N PRO B 567 16.36 -20.73 18.51
CA PRO B 567 15.25 -20.57 17.57
C PRO B 567 15.09 -19.17 16.99
N ALA B 568 15.58 -18.13 17.68
CA ALA B 568 15.44 -16.77 17.16
C ALA B 568 16.23 -16.57 15.87
N LEU B 569 17.33 -17.29 15.70
CA LEU B 569 18.11 -17.21 14.47
C LEU B 569 17.56 -18.08 13.35
N ARG B 570 16.54 -18.90 13.64
CA ARG B 570 15.91 -19.75 12.65
C ARG B 570 14.60 -19.17 12.12
N GLN B 571 14.37 -17.87 12.31
CA GLN B 571 13.22 -17.17 11.76
C GLN B 571 13.70 -15.85 11.16
N LEU B 572 12.78 -15.11 10.58
CA LEU B 572 13.14 -13.93 9.80
C LEU B 572 12.41 -12.66 10.23
N ARG B 573 11.13 -12.76 10.58
CA ARG B 573 10.30 -11.57 10.70
C ARG B 573 10.57 -10.77 11.97
N ASP B 574 11.02 -11.42 13.04
CA ASP B 574 11.30 -10.74 14.30
C ASP B 574 12.75 -10.24 14.28
N LEU B 575 12.93 -8.94 14.06
CA LEU B 575 14.25 -8.35 13.96
C LEU B 575 14.14 -6.87 14.26
N HIS B 576 15.01 -6.37 15.12
CA HIS B 576 14.95 -4.97 15.56
C HIS B 576 16.37 -4.44 15.72
N PHE B 577 16.59 -3.21 15.26
CA PHE B 577 17.90 -2.59 15.32
C PHE B 577 17.95 -1.58 16.45
N HIS B 578 19.09 -1.57 17.17
CA HIS B 578 19.29 -0.73 18.33
C HIS B 578 20.36 0.32 18.05
N PRO B 579 20.16 1.56 18.52
CA PRO B 579 21.05 2.64 18.11
C PRO B 579 22.40 2.57 18.79
N THR B 580 23.45 2.87 18.03
CA THR B 580 24.79 3.03 18.54
C THR B 580 25.29 4.43 18.19
N ASP B 581 26.28 4.89 18.94
CA ASP B 581 26.87 6.19 18.72
C ASP B 581 28.07 6.14 17.78
N LYS B 582 28.22 5.07 17.01
CA LYS B 582 29.33 4.93 16.07
C LYS B 582 28.81 4.35 14.76
N GLU B 583 29.10 5.05 13.66
CA GLU B 583 28.56 4.66 12.35
C GLU B 583 29.04 3.27 11.93
N GLU B 584 30.22 2.87 12.39
CA GLU B 584 30.78 1.58 12.00
C GLU B 584 30.26 0.42 12.83
N VAL B 585 29.48 0.68 13.88
CA VAL B 585 29.03 -0.36 14.80
C VAL B 585 27.51 -0.49 14.70
N ILE B 586 27.05 -1.67 14.32
CA ILE B 586 25.63 -1.95 14.16
C ILE B 586 25.22 -2.90 15.28
N ALA B 587 23.97 -2.79 15.71
CA ALA B 587 23.43 -3.63 16.77
C ALA B 587 21.98 -3.99 16.46
N TYR B 588 21.60 -5.23 16.76
CA TYR B 588 20.25 -5.69 16.51
C TYR B 588 19.97 -6.93 17.34
N SER B 589 18.69 -7.25 17.48
CA SER B 589 18.26 -8.42 18.22
C SER B 589 17.15 -9.12 17.46
N LYS B 590 17.01 -10.43 17.72
CA LYS B 590 15.94 -11.24 17.16
C LYS B 590 15.38 -12.12 18.27
N ARG B 591 14.08 -12.40 18.21
CA ARG B 591 13.41 -13.13 19.28
C ARG B 591 12.49 -14.20 18.71
N GLN B 592 12.36 -15.30 19.45
CA GLN B 592 11.44 -16.37 19.11
C GLN B 592 11.06 -17.06 20.41
N GLY B 593 9.85 -16.80 20.90
CA GLY B 593 9.47 -17.31 22.20
C GLY B 593 10.35 -16.73 23.27
N SER B 594 10.86 -17.59 24.15
CA SER B 594 11.71 -17.14 25.24
C SER B 594 13.17 -16.95 24.82
N ASN B 595 13.51 -17.26 23.57
CA ASN B 595 14.88 -17.14 23.10
C ASN B 595 15.12 -15.75 22.51
N THR B 596 16.16 -15.08 22.99
CA THR B 596 16.51 -13.74 22.51
C THR B 596 18.01 -13.70 22.24
N VAL B 597 18.37 -13.31 21.02
CA VAL B 597 19.76 -13.20 20.60
C VAL B 597 20.06 -11.74 20.30
N LEU B 598 21.21 -11.27 20.75
CA LEU B 598 21.66 -9.90 20.54
C LEU B 598 23.01 -9.92 19.86
N VAL B 599 23.13 -9.18 18.76
CA VAL B 599 24.37 -9.13 17.98
C VAL B 599 24.84 -7.68 17.90
N VAL B 600 26.14 -7.49 18.08
CA VAL B 600 26.80 -6.22 17.86
C VAL B 600 27.99 -6.47 16.96
N VAL B 601 28.08 -5.75 15.85
CA VAL B 601 29.11 -6.00 14.86
C VAL B 601 29.85 -4.72 14.55
N ASN B 602 31.17 -4.82 14.44
CA ASN B 602 32.03 -3.74 13.96
C ASN B 602 32.24 -3.94 12.46
N LEU B 603 31.62 -3.08 11.65
CA LEU B 603 31.72 -3.18 10.21
C LEU B 603 33.06 -2.68 9.68
N ASP B 604 33.92 -2.12 10.53
CA ASP B 604 35.24 -1.67 10.13
C ASP B 604 36.20 -2.84 10.19
N PRO B 605 36.74 -3.32 9.06
CA PRO B 605 37.68 -4.45 9.11
C PRO B 605 39.12 -4.06 9.35
N ARG B 606 39.45 -2.77 9.41
CA ARG B 606 40.82 -2.32 9.54
C ARG B 606 41.15 -1.63 10.86
N HIS B 607 40.15 -1.11 11.59
CA HIS B 607 40.40 -0.33 12.79
C HIS B 607 39.50 -0.78 13.93
N THR B 608 40.06 -0.79 15.14
CA THR B 608 39.28 -1.07 16.33
C THR B 608 38.24 0.03 16.55
N GLN B 609 37.03 -0.37 16.96
CA GLN B 609 35.94 0.56 17.19
C GLN B 609 35.37 0.33 18.57
N GLU B 610 35.13 1.41 19.29
CA GLU B 610 34.42 1.35 20.57
C GLU B 610 33.19 2.24 20.48
N ALA B 611 32.12 1.80 21.13
CA ALA B 611 30.84 2.50 21.01
C ALA B 611 29.96 2.12 22.18
N THR B 612 28.98 2.99 22.44
CA THR B 612 27.91 2.72 23.39
C THR B 612 26.72 2.19 22.62
N VAL B 613 26.12 1.12 23.12
CA VAL B 613 24.99 0.48 22.46
C VAL B 613 23.77 0.71 23.34
N SER B 614 22.92 1.65 22.94
CA SER B 614 21.74 2.04 23.71
C SER B 614 20.57 1.15 23.29
N LEU B 615 20.39 0.04 24.00
CA LEU B 615 19.37 -0.93 23.65
C LEU B 615 17.96 -0.41 23.92
N ASP B 616 17.03 -0.81 23.05
CA ASP B 616 15.62 -0.49 23.19
C ASP B 616 15.00 -1.57 24.08
N MET B 617 14.96 -1.29 25.37
CA MET B 617 14.61 -2.32 26.35
C MET B 617 13.19 -2.86 26.21
N PRO B 618 12.14 -2.05 26.05
CA PRO B 618 10.81 -2.64 25.87
C PRO B 618 10.72 -3.55 24.66
N GLN B 619 11.54 -3.29 23.63
CA GLN B 619 11.58 -4.18 22.48
C GLN B 619 12.13 -5.56 22.85
N LEU B 620 12.95 -5.63 23.91
CA LEU B 620 13.46 -6.89 24.41
C LEU B 620 12.55 -7.51 25.47
N GLY B 621 11.41 -6.89 25.75
CA GLY B 621 10.54 -7.38 26.82
C GLY B 621 11.05 -7.08 28.21
N LEU B 622 11.83 -6.02 28.37
CA LEU B 622 12.43 -5.65 29.64
C LEU B 622 12.07 -4.22 29.96
N ASP B 623 12.44 -3.79 31.18
CA ASP B 623 12.20 -2.43 31.62
C ASP B 623 13.48 -1.61 31.55
N TRP B 624 13.32 -0.31 31.28
CA TRP B 624 14.47 0.56 31.00
C TRP B 624 15.52 0.52 32.11
N HIS B 625 15.10 0.35 33.36
CA HIS B 625 16.02 0.28 34.48
C HIS B 625 16.70 -1.08 34.60
N GLU B 626 16.10 -2.12 34.03
CA GLU B 626 16.56 -3.49 34.26
C GLU B 626 17.94 -3.72 33.64
N SER B 627 18.59 -4.78 34.11
CA SER B 627 19.86 -5.24 33.59
C SER B 627 19.75 -6.74 33.35
N VAL B 628 20.42 -7.23 32.30
CA VAL B 628 20.31 -8.64 31.94
C VAL B 628 21.69 -9.28 31.78
N PRO B 629 21.84 -10.54 32.17
CA PRO B 629 23.07 -11.26 31.85
C PRO B 629 23.02 -11.80 30.43
N VAL B 630 24.13 -11.65 29.72
CA VAL B 630 24.26 -12.17 28.37
C VAL B 630 25.57 -12.95 28.29
N ARG B 631 25.59 -13.93 27.38
CA ARG B 631 26.80 -14.71 27.13
C ARG B 631 27.16 -14.59 25.66
N ASP B 632 28.35 -14.02 25.39
CA ASP B 632 28.91 -13.99 24.06
C ASP B 632 29.18 -15.41 23.59
N GLU B 633 28.31 -15.95 22.72
CA GLU B 633 28.44 -17.31 22.25
C GLU B 633 29.68 -17.53 21.39
N LEU B 634 30.36 -16.47 20.96
CA LEU B 634 31.60 -16.62 20.23
C LEU B 634 32.78 -16.93 21.13
N THR B 635 32.73 -16.50 22.39
CA THR B 635 33.84 -16.65 23.32
C THR B 635 33.49 -17.33 24.64
N GLY B 636 32.21 -17.46 24.99
CA GLY B 636 31.82 -17.97 26.28
C GLY B 636 31.87 -16.96 27.40
N GLU B 637 32.39 -15.76 27.15
CA GLU B 637 32.43 -14.72 28.16
C GLU B 637 31.02 -14.30 28.55
N THR B 638 30.82 -14.00 29.82
CA THR B 638 29.55 -13.51 30.34
C THR B 638 29.65 -12.01 30.59
N TYR B 639 28.54 -11.31 30.32
CA TYR B 639 28.45 -9.88 30.57
C TYR B 639 27.11 -9.60 31.23
N HIS B 640 26.99 -8.38 31.76
CA HIS B 640 25.72 -7.87 32.27
C HIS B 640 25.42 -6.59 31.53
N TRP B 641 24.31 -6.58 30.80
CA TRP B 641 24.01 -5.50 29.87
C TRP B 641 22.70 -4.81 30.25
N GLY B 642 22.67 -3.49 30.06
CA GLY B 642 21.49 -2.70 30.31
C GLY B 642 21.18 -1.76 29.16
N ARG B 643 20.47 -0.67 29.45
CA ARG B 643 20.05 0.24 28.38
C ARG B 643 21.21 0.99 27.75
N ALA B 644 22.41 0.93 28.33
CA ALA B 644 23.60 1.54 27.75
C ALA B 644 24.79 0.64 28.04
N ASN B 645 25.51 0.25 27.00
CA ASN B 645 26.57 -0.74 27.14
C ASN B 645 27.76 -0.36 26.29
N TYR B 646 28.93 -0.31 26.91
CA TYR B 646 30.18 -0.05 26.20
C TYR B 646 30.67 -1.33 25.53
N VAL B 647 31.17 -1.19 24.30
CA VAL B 647 31.77 -2.30 23.58
C VAL B 647 33.05 -1.83 22.93
N ARG B 648 33.99 -2.75 22.77
CA ARG B 648 35.24 -2.49 22.08
C ARG B 648 35.55 -3.70 21.21
N LEU B 649 35.60 -3.49 19.90
CA LEU B 649 35.73 -4.58 18.94
C LEU B 649 36.97 -4.35 18.09
N GLU B 650 37.90 -5.30 18.12
CA GLU B 650 39.17 -5.19 17.42
C GLU B 650 39.18 -6.17 16.25
N PRO B 651 39.30 -5.68 15.01
CA PRO B 651 39.31 -6.60 13.86
C PRO B 651 40.49 -7.56 13.94
N GLY B 652 40.22 -8.82 13.58
CA GLY B 652 41.20 -9.88 13.72
C GLY B 652 41.00 -10.66 15.00
N ARG B 653 40.83 -9.94 16.10
CA ARG B 653 40.61 -10.58 17.40
C ARG B 653 39.14 -10.85 17.67
N THR B 654 38.26 -9.93 17.27
CA THR B 654 36.84 -10.10 17.49
C THR B 654 36.03 -9.38 16.42
N PRO B 655 35.29 -10.10 15.58
CA PRO B 655 34.43 -9.42 14.61
C PRO B 655 33.20 -8.81 15.25
N ALA B 656 32.66 -9.45 16.29
CA ALA B 656 31.34 -9.12 16.79
C ALA B 656 31.10 -9.87 18.10
N HIS B 657 30.12 -9.37 18.86
CA HIS B 657 29.51 -10.13 19.94
C HIS B 657 28.21 -10.75 19.44
N VAL B 658 28.06 -12.06 19.63
CA VAL B 658 26.82 -12.77 19.30
C VAL B 658 26.30 -13.33 20.63
N CYS B 659 25.47 -12.55 21.30
CA CYS B 659 25.06 -12.85 22.67
C CYS B 659 23.66 -13.41 22.74
N THR B 660 23.47 -14.37 23.64
CA THR B 660 22.16 -14.86 24.03
C THR B 660 21.81 -14.32 25.41
N VAL B 661 20.52 -14.07 25.63
CA VAL B 661 20.05 -13.53 26.90
C VAL B 661 19.80 -14.71 27.85
N LEU B 662 20.46 -14.67 29.01
CA LEU B 662 20.43 -15.79 29.95
C LEU B 662 19.25 -15.67 30.91
N ARG B 663 18.74 -16.83 31.33
CA ARG B 663 17.63 -16.93 32.28
C ARG B 663 18.12 -16.63 33.71
C10 9HV C . -25.34 18.56 13.54
C11 9HV C . -24.06 19.05 12.83
C14 9HV C . -23.76 17.18 14.55
C15 9HV C . -23.44 16.79 16.02
O18 9HV C . -21.10 17.02 17.50
C20 9HV C . -25.94 17.34 15.49
C21 9HV C . -26.93 16.15 15.61
O24 9HV C . -25.76 21.19 18.32
C02 9HV C . -30.61 18.32 18.20
C03 9HV C . -29.17 18.87 18.29
C05 9HV C . -27.54 20.18 17.07
C07 9HV C . -26.69 18.67 15.54
C08 9HV C . -25.89 19.57 14.57
C23 9HV C . -27.15 20.95 18.36
C25 9HV C . -27.50 20.14 19.63
C27 9HV C . -28.97 19.69 19.58
N13 9HV C . -25.19 17.28 14.23
O01 9HV C . -30.67 17.11 18.97
O04 9HV C . -28.87 19.64 17.12
O06 9HV C . -26.61 19.16 16.87
O09 9HV C . -26.68 20.59 13.93
O12 9HV C . -24.44 20.00 11.82
O17 9HV C . -21.45 18.57 15.56
O19 9HV C . -22.80 18.99 17.63
O22 9HV C . -27.93 16.21 14.60
O26 9HV C . -27.30 20.93 20.80
O28 9HV C . -29.30 18.94 20.75
P16 9HV C . -22.15 17.90 16.68
C TRS D . 33.92 -5.37 26.12
C1 TRS D . 33.15 -5.23 24.83
C2 TRS D . 33.02 -6.03 27.13
C3 TRS D . 34.33 -4.01 26.66
N TRS D . 35.09 -6.15 25.90
O1 TRS D . 34.02 -5.14 23.72
O2 TRS D . 31.67 -5.74 26.84
O3 TRS D . 34.92 -4.17 27.92
C10 9HV E . 25.55 -18.22 -13.35
C11 9HV E . 25.35 -17.55 -11.98
C14 9HV E . 24.19 -16.39 -13.98
C15 9HV E . 24.82 -15.17 -14.70
O18 9HV E . 25.79 -14.57 -12.12
C20 9HV E . 25.58 -17.51 -15.62
C21 9HV E . 24.90 -18.09 -16.87
O24 9HV E . 30.39 -16.58 -15.51
C02 9HV E . 28.34 -20.20 -19.32
C03 9HV E . 28.71 -19.04 -18.38
C05 9HV E . 29.07 -18.50 -16.06
C07 9HV E . 26.89 -18.27 -15.35
C08 9HV E . 27.02 -18.22 -13.82
C23 9HV E . 30.35 -17.70 -16.38
C25 9HV E . 30.34 -17.21 -17.84
C27 9HV E . 30.03 -18.37 -18.81
N13 9HV E . 24.73 -17.69 -14.43
O01 9HV E . 29.53 -20.92 -19.67
O04 9HV E . 28.79 -19.51 -17.03
O06 9HV E . 27.98 -17.62 -15.99
O09 9HV E . 27.75 -19.34 -13.26
O12 9HV E . 26.25 -18.15 -11.04
O17 9HV E . 27.26 -14.15 -14.12
O19 9HV E . 25.33 -12.61 -13.69
O22 9HV E . 24.68 -19.48 -16.73
O26 9HV E . 31.59 -16.65 -18.19
O28 9HV E . 29.96 -17.88 -20.13
P16 9HV E . 25.86 -14.11 -13.63
#